data_9N3Q
#
_entry.id   9N3Q
#
_cell.length_a   97.410
_cell.length_b   136.450
_cell.length_c   178.260
_cell.angle_alpha   90.000
_cell.angle_beta   90.000
_cell.angle_gamma   90.000
#
_symmetry.space_group_name_H-M   'P 21 21 2'
#
loop_
_entity.id
_entity.type
_entity.pdbx_description
1 polymer 'Protein arginine N-methyltransferase 5'
2 polymer 'Methylosome protein 50'
3 non-polymer "5'-DEOXY-5'-METHYLTHIOADENOSINE"
4 non-polymer N-(6-amino-5-methylpyridin-3-yl)-2-{(2R,5S)-5-methyl-2-[2-(1-methylpiperidin-4-yl)-1,3-benzothiazol-5-yl]piperidin-1-yl}-2-oxoacetamide
5 non-polymer 1,2-ETHANEDIOL
6 water water
#
loop_
_entity_poly.entity_id
_entity_poly.type
_entity_poly.pdbx_seq_one_letter_code
_entity_poly.pdbx_strand_id
1 'polypeptide(L)'
;MDYKDDDDKAAMAVGGAGGSRVSSGRDLNCVPEIADTLGAVAKQGFDFLCMPVFHPRFKREFIQEPAKNRPGPQTRSDLL
LSGRDWNTLIVGKLSPWIRPDSKVEKIRRNSEAAMLQELNFGAYLGLPAFLLPLNQEDNTNLARVLTNHIHTGHHSSMFW
MRVPLVAPEDLRDDIIENAPTTHTEEYSGEEKTWMWWHNFRTLCDYSKRIAVALEIGADLPSNHVIDRWLGEPIKAAILP
TSIFLTNKKGFPVLSKMHQRLIFRLLKLEVQFIITGTNHHSEKEFCSYLQYLEYLSQNRPPPNAYELFAKGYEDYLQSPL
QPLMDNLESQTYEVFEKDPIKYSQYQQAIYKCLLDRVPEEEKDTNVQVLMVLGAGRGPLVNASLRAAKQADRRIKLYAVE
KNPNAVVTLENWQFEEWGSQVTVVSSDMREWVAPEKADIIVSELLGSFADNELSPECLDGAQHFLKDDGVSIPGEYTSFL
APISSSKLYNEVRACREKDRDPEAQFEMPYVVRLHNFHQLSAPQPCFTFSHPNRDPMIDNNRYCTLEFPVEVNTVLHGFA
GYFETVLYQDITLSIRPETHSPGMFSWFPILFPIKQPITVREGQTICVRFWRCSNSKKVWYEWAVTAPVCSAIHNPTGRS
YTIGL
;
A,C
2 'polypeptide(L)'
;MHHHHHHHHRKETPPPLVPPAAREWNLPPNAPACMERQLEAARYRSDGALLLGASSLSGRCWAGSLWLFKDPCAAPNEGF
CSAGVQTEAGVADLTWVGERGILVASDSGAVELWELDENETLIVSKFCKYEHDDIVSTVSVLSSGTQAVSGSKDICIKVW
DLAQQVVLSSYRAHAAQVTCVAASPHKDSVFLSCSEDNRILLWDTRCPKPASQIGCSAPGYLPTSLAWHPQQSEVFVFGD
ENGTVSLVDTKSTSCVLSSAVHSQCVTGLVFSPHSVPFLASLSEDCSLAVLDSSLSELFRSQAHRDFVRDATWSPLNHSL
LTTVGWDHQVVHHVVPTEPLPAPGPASVTE
;
B,D
#
# COMPACT_ATOMS: atom_id res chain seq x y z
N ARG A 21 -12.30 1.18 -22.19
CA ARG A 21 -11.70 0.70 -23.43
C ARG A 21 -10.34 0.03 -23.19
N VAL A 22 -9.41 0.23 -24.11
CA VAL A 22 -8.20 -0.59 -24.19
C VAL A 22 -6.98 0.22 -23.79
N SER A 23 -6.06 -0.42 -23.07
CA SER A 23 -4.72 0.12 -22.83
C SER A 23 -3.75 -0.49 -23.83
N SER A 24 -2.91 0.33 -24.44
CA SER A 24 -2.18 -0.13 -25.61
C SER A 24 -0.77 0.45 -25.69
N GLY A 25 0.05 -0.21 -26.50
CA GLY A 25 1.41 0.23 -26.75
C GLY A 25 1.86 -0.12 -28.15
N ARG A 26 2.92 0.56 -28.58
CA ARG A 26 3.44 0.41 -29.95
C ARG A 26 4.88 -0.11 -29.89
N ASP A 27 5.17 -1.14 -30.69
CA ASP A 27 6.48 -1.78 -30.69
C ASP A 27 7.28 -1.36 -31.91
N LEU A 28 8.51 -0.88 -31.67
CA LEU A 28 9.39 -0.44 -32.74
C LEU A 28 10.81 -0.88 -32.45
N ASN A 29 11.53 -1.28 -33.50
CA ASN A 29 12.97 -1.52 -33.43
C ASN A 29 13.77 -0.42 -34.11
N CYS A 30 13.14 0.71 -34.41
CA CYS A 30 13.81 1.83 -35.05
C CYS A 30 13.24 3.12 -34.49
N VAL A 31 14.08 3.91 -33.84
CA VAL A 31 13.68 5.19 -33.26
C VAL A 31 14.78 6.22 -33.56
N PRO A 32 14.61 7.06 -34.59
CA PRO A 32 15.69 8.00 -34.94
C PRO A 32 15.82 9.13 -33.94
N GLU A 33 14.70 9.78 -33.60
CA GLU A 33 14.66 10.79 -32.55
C GLU A 33 13.63 10.36 -31.54
N ILE A 34 14.07 10.10 -30.32
CA ILE A 34 13.20 9.52 -29.30
C ILE A 34 12.04 10.46 -28.99
N ALA A 35 12.30 11.76 -28.97
CA ALA A 35 11.24 12.73 -28.67
C ALA A 35 10.19 12.74 -29.78
N ASP A 36 10.64 12.87 -31.05
CA ASP A 36 9.70 12.91 -32.16
C ASP A 36 8.89 11.62 -32.25
N THR A 37 9.57 10.48 -32.08
CA THR A 37 8.88 9.19 -32.18
C THR A 37 7.84 9.03 -31.08
N LEU A 38 8.19 9.44 -29.85
CA LEU A 38 7.22 9.37 -28.77
C LEU A 38 6.03 10.29 -29.05
N GLY A 39 6.28 11.48 -29.58
CA GLY A 39 5.17 12.36 -29.92
C GLY A 39 4.27 11.77 -30.98
N ALA A 40 4.86 11.12 -31.99
CA ALA A 40 4.08 10.49 -33.04
C ALA A 40 3.19 9.39 -32.47
N VAL A 41 3.77 8.47 -31.70
CA VAL A 41 2.97 7.37 -31.17
C VAL A 41 1.97 7.88 -30.14
N ALA A 42 2.25 9.02 -29.50
CA ALA A 42 1.27 9.60 -28.58
C ALA A 42 0.06 10.13 -29.35
N LYS A 43 0.32 10.84 -30.45
CA LYS A 43 -0.80 11.35 -31.25
C LYS A 43 -1.53 10.24 -31.98
N GLN A 44 -0.89 9.09 -32.20
CA GLN A 44 -1.59 7.95 -32.78
C GLN A 44 -2.60 7.33 -31.82
N GLY A 45 -2.52 7.64 -30.53
CA GLY A 45 -3.46 7.14 -29.55
C GLY A 45 -2.94 6.06 -28.64
N PHE A 46 -1.65 5.74 -28.69
CA PHE A 46 -1.11 4.68 -27.85
C PHE A 46 -0.84 5.18 -26.45
N ASP A 47 -0.94 4.25 -25.49
CA ASP A 47 -0.62 4.57 -24.11
C ASP A 47 0.87 4.43 -23.80
N PHE A 48 1.59 3.55 -24.49
CA PHE A 48 3.03 3.49 -24.23
C PHE A 48 3.77 2.99 -25.47
N LEU A 49 5.10 3.03 -25.37
CA LEU A 49 5.99 2.67 -26.46
C LEU A 49 7.02 1.66 -25.98
N CYS A 50 7.18 0.58 -26.73
CA CYS A 50 8.27 -0.37 -26.55
C CYS A 50 9.36 -0.04 -27.55
N MET A 51 10.58 0.15 -27.07
CA MET A 51 11.68 0.58 -27.91
C MET A 51 12.98 0.05 -27.34
N PRO A 52 14.02 -0.07 -28.15
CA PRO A 52 15.34 -0.43 -27.63
C PRO A 52 16.04 0.78 -27.01
N VAL A 53 16.92 0.51 -26.05
CA VAL A 53 17.55 1.58 -25.29
C VAL A 53 18.97 1.81 -25.82
N PHE A 54 19.62 0.74 -26.23
CA PHE A 54 20.80 0.82 -27.08
C PHE A 54 20.38 0.47 -28.50
N HIS A 55 21.15 0.93 -29.47
CA HIS A 55 20.75 0.72 -30.86
C HIS A 55 20.81 -0.76 -31.19
N PRO A 56 19.78 -1.32 -31.84
CA PRO A 56 19.70 -2.78 -31.97
C PRO A 56 20.82 -3.39 -32.78
N ARG A 57 21.45 -2.65 -33.70
CA ARG A 57 22.56 -3.18 -34.49
C ARG A 57 23.91 -2.78 -33.93
N PHE A 58 23.93 -2.16 -32.75
CA PHE A 58 25.15 -1.57 -32.19
C PHE A 58 25.85 -2.55 -31.24
N LYS A 59 26.30 -3.66 -31.80
CA LYS A 59 26.97 -4.68 -31.00
C LYS A 59 28.23 -4.10 -30.35
N ARG A 60 28.49 -4.52 -29.11
CA ARG A 60 29.58 -3.99 -28.31
C ARG A 60 30.44 -5.14 -27.80
N GLU A 61 31.74 -4.86 -27.64
CA GLU A 61 32.71 -5.84 -27.17
C GLU A 61 33.17 -5.47 -25.76
N PHE A 62 33.31 -6.47 -24.90
CA PHE A 62 33.63 -6.27 -23.50
C PHE A 62 34.96 -6.89 -23.08
N ILE A 63 35.40 -7.96 -23.71
CA ILE A 63 36.60 -8.70 -23.31
C ILE A 63 37.83 -8.24 -24.07
N GLN A 64 37.77 -8.26 -25.39
CA GLN A 64 38.96 -8.26 -26.23
C GLN A 64 39.18 -6.89 -26.87
N GLU A 65 40.43 -6.41 -26.78
CA GLU A 65 40.82 -5.21 -27.52
C GLU A 65 40.75 -5.48 -29.02
N PRO A 66 40.61 -4.43 -29.84
CA PRO A 66 40.54 -3.00 -29.51
C PRO A 66 39.12 -2.48 -29.31
N ALA A 67 38.12 -3.08 -29.96
CA ALA A 67 36.75 -2.58 -29.86
C ALA A 67 36.23 -2.55 -28.44
N LYS A 68 36.87 -3.29 -27.52
CA LYS A 68 36.60 -3.18 -26.10
C LYS A 68 36.62 -1.72 -25.65
N ASN A 69 37.67 -0.99 -26.03
CA ASN A 69 37.83 0.41 -25.65
C ASN A 69 37.17 1.37 -26.63
N ARG A 70 36.05 0.98 -27.25
CA ARG A 70 35.36 1.87 -28.16
C ARG A 70 34.88 3.11 -27.40
N PRO A 71 35.09 4.31 -27.93
CA PRO A 71 34.71 5.52 -27.20
C PRO A 71 33.21 5.74 -27.25
N GLY A 72 32.64 6.14 -26.10
CA GLY A 72 31.24 6.44 -26.00
C GLY A 72 30.88 7.73 -26.70
N PRO A 73 29.62 8.19 -26.54
CA PRO A 73 28.54 7.62 -25.74
C PRO A 73 28.06 6.27 -26.27
N GLN A 74 27.74 5.32 -25.40
CA GLN A 74 27.30 4.01 -25.84
C GLN A 74 25.82 3.98 -26.20
N THR A 75 25.06 5.01 -25.85
CA THR A 75 23.66 5.15 -26.24
C THR A 75 23.25 6.60 -25.97
N ARG A 76 21.96 6.88 -26.11
CA ARG A 76 21.43 8.23 -25.95
C ARG A 76 21.16 8.54 -24.48
N SER A 77 21.13 9.83 -24.17
CA SER A 77 21.13 10.29 -22.79
C SER A 77 19.77 10.10 -22.13
N ASP A 78 19.79 10.08 -20.79
CA ASP A 78 18.56 10.03 -20.00
C ASP A 78 17.89 11.39 -19.91
N LEU A 79 18.62 12.47 -20.17
CA LEU A 79 18.03 13.81 -20.16
C LEU A 79 17.00 14.02 -21.25
N LEU A 80 16.98 13.14 -22.27
CA LEU A 80 16.09 13.33 -23.41
C LEU A 80 14.62 13.20 -23.02
N LEU A 81 14.32 12.64 -21.85
CA LEU A 81 12.96 12.54 -21.34
C LEU A 81 12.93 12.98 -19.89
N SER A 82 11.73 13.11 -19.36
CA SER A 82 11.56 13.33 -17.94
C SER A 82 11.43 11.99 -17.21
N GLY A 83 11.69 12.01 -15.90
CA GLY A 83 11.51 10.81 -15.11
C GLY A 83 10.10 10.27 -15.18
N ARG A 84 9.12 11.18 -15.22
CA ARG A 84 7.73 10.83 -15.50
C ARG A 84 7.62 9.93 -16.73
N ASP A 85 8.21 10.39 -17.84
CA ASP A 85 8.08 9.68 -19.11
C ASP A 85 8.77 8.33 -19.06
N TRP A 86 10.00 8.27 -18.54
CA TRP A 86 10.69 6.99 -18.39
C TRP A 86 9.86 6.02 -17.55
N ASN A 87 9.26 6.52 -16.46
CA ASN A 87 8.55 5.65 -15.54
C ASN A 87 7.25 5.13 -16.11
N THR A 88 6.60 5.89 -16.99
CA THR A 88 5.25 5.51 -17.40
C THR A 88 5.08 5.13 -18.87
N LEU A 89 6.00 5.52 -19.76
CA LEU A 89 5.73 5.43 -21.18
C LEU A 89 6.67 4.53 -21.96
N ILE A 90 7.80 4.11 -21.38
CA ILE A 90 8.87 3.47 -22.15
C ILE A 90 9.09 2.07 -21.61
N VAL A 91 8.76 1.07 -22.42
CA VAL A 91 9.15 -0.32 -22.15
C VAL A 91 10.47 -0.57 -22.87
N GLY A 92 11.49 -1.00 -22.12
CA GLY A 92 12.77 -1.29 -22.73
C GLY A 92 12.75 -2.59 -23.51
N LYS A 93 13.76 -2.76 -24.36
CA LYS A 93 13.87 -3.95 -25.19
C LYS A 93 15.32 -4.40 -25.27
N LEU A 94 15.54 -5.70 -25.09
CA LEU A 94 16.88 -6.26 -25.19
C LEU A 94 17.30 -6.32 -26.65
N SER A 95 18.50 -5.83 -26.95
CA SER A 95 18.98 -5.85 -28.33
C SER A 95 19.07 -7.29 -28.82
N PRO A 96 18.68 -7.55 -30.08
CA PRO A 96 18.58 -8.95 -30.54
C PRO A 96 19.90 -9.62 -30.81
N TRP A 97 21.01 -8.87 -30.90
CA TRP A 97 22.31 -9.51 -31.09
C TRP A 97 22.80 -10.22 -29.85
N ILE A 98 22.18 -9.96 -28.70
CA ILE A 98 22.61 -10.56 -27.45
C ILE A 98 22.07 -11.98 -27.36
N ARG A 99 22.97 -12.95 -27.24
CA ARG A 99 22.60 -14.37 -27.22
C ARG A 99 23.30 -15.05 -26.06
N PRO A 100 22.68 -15.03 -24.86
CA PRO A 100 23.37 -15.56 -23.68
C PRO A 100 23.50 -17.07 -23.67
N ASP A 101 22.74 -17.79 -24.51
CA ASP A 101 22.82 -19.24 -24.58
C ASP A 101 23.45 -19.73 -25.87
N SER A 102 24.26 -18.88 -26.50
CA SER A 102 24.97 -19.26 -27.72
C SER A 102 25.84 -20.50 -27.47
N LYS A 103 26.07 -21.26 -28.54
CA LYS A 103 27.00 -22.38 -28.42
C LYS A 103 28.45 -21.92 -28.37
N VAL A 104 28.71 -20.64 -28.60
CA VAL A 104 30.07 -20.10 -28.65
C VAL A 104 30.36 -19.43 -27.31
N GLU A 105 31.48 -19.81 -26.69
CA GLU A 105 31.81 -19.33 -25.36
C GLU A 105 31.99 -17.82 -25.33
N LYS A 106 32.72 -17.28 -26.31
CA LYS A 106 32.94 -15.84 -26.36
C LYS A 106 31.63 -15.08 -26.43
N ILE A 107 30.74 -15.49 -27.34
CA ILE A 107 29.44 -14.83 -27.47
C ILE A 107 28.64 -14.99 -26.18
N ARG A 108 28.82 -16.11 -25.49
CA ARG A 108 28.16 -16.30 -24.21
C ARG A 108 28.57 -15.23 -23.21
N ARG A 109 29.88 -15.11 -22.95
CA ARG A 109 30.35 -14.14 -21.95
C ARG A 109 30.00 -12.71 -22.37
N ASN A 110 30.15 -12.42 -23.67
CA ASN A 110 29.87 -11.07 -24.16
C ASN A 110 28.39 -10.72 -24.01
N SER A 111 27.51 -11.64 -24.41
CA SER A 111 26.08 -11.42 -24.25
C SER A 111 25.69 -11.32 -22.79
N GLU A 112 26.39 -12.04 -21.91
CA GLU A 112 26.16 -11.88 -20.47
C GLU A 112 26.42 -10.43 -20.05
N ALA A 113 27.61 -9.92 -20.37
CA ALA A 113 27.93 -8.55 -20.00
C ALA A 113 26.94 -7.56 -20.61
N ALA A 114 26.53 -7.82 -21.86
CA ALA A 114 25.64 -6.87 -22.55
C ALA A 114 24.24 -6.89 -21.96
N MET A 115 23.74 -8.08 -21.63
CA MET A 115 22.44 -8.20 -20.98
C MET A 115 22.45 -7.49 -19.64
N LEU A 116 23.50 -7.71 -18.83
CA LEU A 116 23.63 -6.94 -17.59
C LEU A 116 23.62 -5.44 -17.86
N GLN A 117 24.37 -5.00 -18.88
CA GLN A 117 24.44 -3.57 -19.20
C GLN A 117 23.07 -3.01 -19.51
N GLU A 118 22.35 -3.62 -20.45
CA GLU A 118 21.07 -3.06 -20.87
C GLU A 118 20.03 -3.14 -19.76
N LEU A 119 20.03 -4.22 -18.98
CA LEU A 119 19.07 -4.34 -17.88
C LEU A 119 19.33 -3.30 -16.80
N ASN A 120 20.59 -3.19 -16.34
CA ASN A 120 20.94 -2.18 -15.36
C ASN A 120 20.64 -0.79 -15.86
N PHE A 121 20.76 -0.56 -17.17
CA PHE A 121 20.43 0.76 -17.70
C PHE A 121 18.93 1.03 -17.66
N GLY A 122 18.13 0.04 -18.06
CA GLY A 122 16.70 0.17 -17.93
C GLY A 122 16.26 0.42 -16.50
N ALA A 123 16.99 -0.16 -15.54
CA ALA A 123 16.69 0.11 -14.13
C ALA A 123 17.14 1.52 -13.74
N TYR A 124 18.28 1.97 -14.27
CA TYR A 124 18.75 3.34 -14.04
C TYR A 124 17.70 4.34 -14.50
N LEU A 125 17.10 4.10 -15.66
CA LEU A 125 16.01 4.95 -16.12
C LEU A 125 14.74 4.75 -15.31
N GLY A 126 14.60 3.62 -14.62
CA GLY A 126 13.40 3.33 -13.87
C GLY A 126 12.22 2.98 -14.76
N LEU A 127 12.44 2.04 -15.68
CA LEU A 127 11.40 1.70 -16.64
C LEU A 127 10.36 0.78 -16.00
N PRO A 128 9.08 0.94 -16.34
CA PRO A 128 8.04 0.10 -15.73
C PRO A 128 8.06 -1.34 -16.20
N ALA A 129 8.73 -1.65 -17.31
CA ALA A 129 8.78 -3.01 -17.82
C ALA A 129 9.91 -3.12 -18.83
N PHE A 130 10.45 -4.32 -18.96
CA PHE A 130 11.53 -4.59 -19.90
C PHE A 130 11.25 -5.89 -20.63
N LEU A 131 11.47 -5.90 -21.94
CA LEU A 131 11.12 -7.04 -22.79
C LEU A 131 12.34 -7.90 -23.09
N LEU A 132 12.18 -9.22 -22.98
CA LEU A 132 13.21 -10.19 -23.33
C LEU A 132 12.58 -11.37 -24.05
N PRO A 133 13.23 -11.92 -25.09
CA PRO A 133 12.56 -12.93 -25.91
C PRO A 133 12.90 -14.36 -25.56
N LEU A 134 11.90 -15.24 -25.59
CA LEU A 134 12.09 -16.69 -25.59
C LEU A 134 11.74 -17.19 -26.98
N ASN A 135 12.74 -17.58 -27.75
CA ASN A 135 12.52 -18.08 -29.10
C ASN A 135 13.36 -19.31 -29.37
N GLN A 136 13.56 -20.13 -28.35
CA GLN A 136 14.21 -21.43 -28.46
C GLN A 136 13.96 -22.19 -27.17
N GLU A 137 14.34 -23.47 -27.17
CA GLU A 137 14.05 -24.32 -26.02
C GLU A 137 14.93 -23.98 -24.83
N ASP A 138 16.22 -23.73 -25.08
CA ASP A 138 17.20 -23.55 -24.01
C ASP A 138 17.48 -22.07 -23.84
N ASN A 139 17.00 -21.52 -22.72
CA ASN A 139 17.36 -20.18 -22.27
C ASN A 139 17.89 -20.23 -20.85
N THR A 140 18.65 -21.29 -20.56
CA THR A 140 19.13 -21.53 -19.19
C THR A 140 20.00 -20.38 -18.70
N ASN A 141 20.97 -19.96 -19.51
CA ASN A 141 21.88 -18.90 -19.09
C ASN A 141 21.20 -17.54 -19.08
N LEU A 142 20.26 -17.32 -20.00
CA LEU A 142 19.40 -16.13 -19.95
C LEU A 142 18.70 -16.03 -18.60
N ALA A 143 18.10 -17.14 -18.16
CA ALA A 143 17.43 -17.15 -16.86
C ALA A 143 18.42 -16.95 -15.73
N ARG A 144 19.60 -17.57 -15.82
CA ARG A 144 20.61 -17.39 -14.79
C ARG A 144 20.96 -15.91 -14.62
N VAL A 145 21.21 -15.22 -15.73
CA VAL A 145 21.61 -13.82 -15.66
C VAL A 145 20.46 -12.95 -15.15
N LEU A 146 19.25 -13.18 -15.67
CA LEU A 146 18.11 -12.38 -15.24
C LEU A 146 17.81 -12.59 -13.76
N THR A 147 17.94 -13.83 -13.29
CA THR A 147 17.76 -14.12 -11.87
C THR A 147 18.80 -13.39 -11.03
N ASN A 148 20.06 -13.49 -11.43
CA ASN A 148 21.13 -12.74 -10.75
C ASN A 148 20.79 -11.26 -10.66
N HIS A 149 20.33 -10.68 -11.78
CA HIS A 149 20.02 -9.26 -11.80
C HIS A 149 18.89 -8.92 -10.85
N ILE A 150 17.79 -9.69 -10.90
CA ILE A 150 16.64 -9.43 -10.03
C ILE A 150 17.06 -9.40 -8.57
N HIS A 151 17.97 -10.28 -8.18
CA HIS A 151 18.50 -10.29 -6.83
C HIS A 151 19.64 -9.30 -6.63
N THR A 152 19.49 -8.10 -7.18
CA THR A 152 20.41 -6.98 -6.96
C THR A 152 19.52 -5.74 -6.89
N GLY A 153 19.02 -5.45 -5.70
CA GLY A 153 18.04 -4.39 -5.53
C GLY A 153 16.61 -4.89 -5.63
N HIS A 154 15.85 -4.70 -4.55
CA HIS A 154 14.44 -5.13 -4.52
C HIS A 154 13.56 -4.14 -5.29
N HIS A 155 13.77 -4.06 -6.59
CA HIS A 155 13.12 -3.04 -7.40
C HIS A 155 11.75 -3.50 -7.88
N SER A 156 11.01 -2.56 -8.49
CA SER A 156 9.65 -2.86 -8.95
C SER A 156 9.67 -3.47 -10.35
N SER A 157 10.59 -3.02 -11.20
CA SER A 157 10.68 -3.32 -12.63
C SER A 157 10.13 -4.70 -13.03
N MET A 158 9.16 -4.70 -13.94
CA MET A 158 8.58 -5.92 -14.47
C MET A 158 9.38 -6.40 -15.68
N PHE A 159 9.34 -7.71 -15.91
CA PHE A 159 10.06 -8.31 -17.02
C PHE A 159 9.08 -9.14 -17.85
N TRP A 160 8.85 -8.69 -19.08
CA TRP A 160 7.93 -9.35 -20.00
C TRP A 160 8.72 -10.27 -20.93
N MET A 161 8.33 -11.54 -20.96
CA MET A 161 8.96 -12.53 -21.83
C MET A 161 8.15 -12.66 -23.11
N ARG A 162 8.75 -12.27 -24.23
CA ARG A 162 8.16 -12.39 -25.56
C ARG A 162 8.19 -13.85 -25.98
N VAL A 163 7.05 -14.52 -25.90
CA VAL A 163 6.93 -15.92 -26.24
C VAL A 163 5.92 -16.06 -27.36
N PRO A 164 6.27 -16.67 -28.49
CA PRO A 164 5.28 -16.87 -29.55
C PRO A 164 4.33 -18.00 -29.21
N LEU A 165 3.07 -17.83 -29.63
CA LEU A 165 2.11 -18.93 -29.52
C LEU A 165 2.61 -20.15 -30.29
N VAL A 166 3.04 -19.93 -31.53
CA VAL A 166 3.57 -20.98 -32.39
C VAL A 166 5.02 -20.62 -32.71
N ALA A 167 5.92 -21.57 -32.47
CA ALA A 167 7.33 -21.33 -32.73
C ALA A 167 7.52 -20.97 -34.21
N PRO A 168 8.47 -20.08 -34.52
CA PRO A 168 8.69 -19.73 -35.93
C PRO A 168 8.99 -20.94 -36.81
N GLU A 169 9.59 -21.98 -36.24
CA GLU A 169 9.85 -23.20 -37.00
C GLU A 169 8.54 -23.86 -37.43
N ASP A 170 7.61 -24.03 -36.51
CA ASP A 170 6.31 -24.64 -36.81
C ASP A 170 5.36 -23.67 -37.51
N LEU A 171 5.84 -22.49 -37.89
CA LEU A 171 5.05 -21.50 -38.60
C LEU A 171 5.59 -21.18 -39.99
N ARG A 172 6.81 -21.61 -40.30
CA ARG A 172 7.45 -21.28 -41.57
C ARG A 172 6.63 -21.79 -42.74
N ASP A 173 6.80 -21.14 -43.89
CA ASP A 173 6.18 -21.60 -45.12
C ASP A 173 6.85 -22.90 -45.57
N ASP A 174 6.03 -23.85 -46.01
CA ASP A 174 6.52 -25.16 -46.45
C ASP A 174 7.01 -25.03 -47.89
N ILE A 175 8.20 -24.47 -48.06
CA ILE A 175 8.74 -24.22 -49.38
C ILE A 175 10.19 -24.69 -49.48
N ILE A 176 10.60 -25.57 -48.57
CA ILE A 176 11.94 -26.16 -48.60
C ILE A 176 11.81 -27.56 -49.17
N GLU A 177 12.54 -27.83 -50.25
CA GLU A 177 12.43 -29.11 -50.95
C GLU A 177 12.79 -30.28 -50.05
N ASN A 178 13.93 -30.18 -49.36
CA ASN A 178 14.45 -31.29 -48.57
C ASN A 178 14.20 -31.12 -47.07
N ALA A 179 13.25 -30.26 -46.69
CA ALA A 179 12.87 -30.08 -45.29
C ALA A 179 11.38 -29.78 -45.25
N PRO A 180 10.54 -30.80 -45.36
CA PRO A 180 9.09 -30.57 -45.46
C PRO A 180 8.47 -30.40 -44.08
N THR A 181 7.61 -29.38 -43.94
CA THR A 181 6.80 -29.25 -42.74
C THR A 181 5.85 -30.43 -42.65
N THR A 182 6.11 -31.36 -41.74
CA THR A 182 5.22 -32.49 -41.58
C THR A 182 3.85 -32.03 -41.14
N HIS A 183 2.83 -32.43 -41.90
CA HIS A 183 1.45 -32.08 -41.61
C HIS A 183 0.78 -33.10 -40.70
N THR A 184 1.55 -33.63 -39.75
CA THR A 184 1.12 -34.73 -38.91
C THR A 184 0.51 -34.19 -37.60
N GLU A 185 0.15 -35.11 -36.72
CA GLU A 185 -0.43 -34.78 -35.42
C GLU A 185 0.67 -34.87 -34.37
N GLU A 186 0.97 -33.76 -33.71
CA GLU A 186 1.93 -33.72 -32.62
C GLU A 186 1.31 -32.88 -31.50
N TYR A 187 0.61 -33.55 -30.59
CA TYR A 187 -0.11 -32.86 -29.52
C TYR A 187 0.86 -32.09 -28.62
N SER A 188 1.84 -32.79 -28.06
CA SER A 188 2.77 -32.16 -27.12
C SER A 188 3.63 -31.12 -27.83
N GLY A 189 4.17 -31.47 -29.00
CA GLY A 189 5.09 -30.56 -29.67
C GLY A 189 4.47 -29.24 -30.02
N GLU A 190 3.18 -29.25 -30.41
CA GLU A 190 2.49 -28.01 -30.74
C GLU A 190 2.42 -27.05 -29.57
N GLU A 191 2.62 -27.53 -28.34
CA GLU A 191 2.63 -26.70 -27.16
C GLU A 191 4.02 -26.25 -26.75
N LYS A 192 5.04 -26.57 -27.56
CA LYS A 192 6.43 -26.49 -27.10
C LYS A 192 6.78 -25.11 -26.54
N THR A 193 6.25 -24.04 -27.15
CA THR A 193 6.61 -22.70 -26.70
C THR A 193 6.25 -22.50 -25.23
N TRP A 194 5.04 -22.91 -24.84
CA TRP A 194 4.66 -22.85 -23.43
C TRP A 194 5.72 -23.52 -22.58
N MET A 195 6.14 -24.72 -22.99
CA MET A 195 7.20 -25.43 -22.29
C MET A 195 8.39 -24.53 -22.05
N TRP A 196 8.89 -23.87 -23.13
CA TRP A 196 9.94 -22.88 -22.99
C TRP A 196 9.67 -22.00 -21.77
N TRP A 197 8.59 -21.23 -21.84
CA TRP A 197 8.20 -20.37 -20.73
C TRP A 197 8.26 -21.12 -19.41
N HIS A 198 7.53 -22.24 -19.31
CA HIS A 198 7.42 -22.93 -18.04
C HIS A 198 8.78 -23.31 -17.48
N ASN A 199 9.71 -23.69 -18.36
CA ASN A 199 11.05 -24.02 -17.88
C ASN A 199 11.76 -22.77 -17.37
N PHE A 200 11.80 -21.73 -18.20
CA PHE A 200 12.41 -20.47 -17.82
C PHE A 200 11.81 -19.97 -16.51
N ARG A 201 10.49 -19.79 -16.50
CA ARG A 201 9.71 -19.44 -15.32
C ARG A 201 10.11 -20.24 -14.10
N THR A 202 10.38 -21.54 -14.29
CA THR A 202 10.72 -22.38 -13.14
C THR A 202 12.13 -22.10 -12.65
N LEU A 203 13.07 -21.92 -13.56
CA LEU A 203 14.45 -21.68 -13.16
C LEU A 203 14.58 -20.39 -12.35
N CYS A 204 13.78 -19.38 -12.70
CA CYS A 204 13.75 -18.12 -11.97
C CYS A 204 12.91 -18.19 -10.70
N ASP A 205 12.48 -19.39 -10.30
CA ASP A 205 11.81 -19.62 -9.02
C ASP A 205 10.53 -18.79 -8.89
N TYR A 206 9.75 -18.73 -9.97
CA TYR A 206 8.43 -18.12 -9.96
C TYR A 206 8.48 -16.66 -9.50
N SER A 207 9.44 -15.92 -10.01
CA SER A 207 9.57 -14.50 -9.66
C SER A 207 8.34 -13.73 -10.11
N LYS A 208 7.70 -13.04 -9.17
CA LYS A 208 6.52 -12.23 -9.50
C LYS A 208 6.84 -11.11 -10.47
N ARG A 209 8.11 -10.70 -10.56
CA ARG A 209 8.55 -9.68 -11.51
C ARG A 209 8.76 -10.22 -12.91
N ILE A 210 8.36 -11.45 -13.18
CA ILE A 210 8.51 -12.07 -14.50
C ILE A 210 7.13 -12.46 -14.99
N ALA A 211 6.76 -11.97 -16.18
CA ALA A 211 5.44 -12.19 -16.75
C ALA A 211 5.59 -12.55 -18.23
N VAL A 212 4.46 -12.75 -18.89
CA VAL A 212 4.41 -13.22 -20.28
C VAL A 212 3.93 -12.09 -21.18
N ALA A 213 4.58 -11.95 -22.33
CA ALA A 213 4.10 -11.11 -23.42
C ALA A 213 3.85 -12.06 -24.60
N LEU A 214 2.64 -12.60 -24.67
CA LEU A 214 2.32 -13.64 -25.64
C LEU A 214 2.16 -13.05 -27.03
N GLU A 215 2.91 -13.60 -28.00
CA GLU A 215 2.93 -13.11 -29.37
C GLU A 215 2.07 -14.00 -30.25
N ILE A 216 1.30 -13.38 -31.13
CA ILE A 216 0.24 -14.05 -31.89
C ILE A 216 0.54 -13.93 -33.37
N GLY A 217 0.44 -15.07 -34.07
CA GLY A 217 0.80 -15.14 -35.47
C GLY A 217 -0.40 -15.31 -36.40
N ALA A 218 -0.09 -15.63 -37.65
CA ALA A 218 -1.12 -15.74 -38.67
C ALA A 218 -2.01 -16.96 -38.44
N ASP A 219 -1.41 -18.14 -38.38
CA ASP A 219 -2.15 -19.38 -38.19
C ASP A 219 -2.34 -19.65 -36.71
N LEU A 220 -3.60 -19.75 -36.27
CA LEU A 220 -3.83 -20.07 -34.87
C LEU A 220 -3.91 -21.58 -34.69
N PRO A 221 -3.28 -22.11 -33.64
CA PRO A 221 -3.22 -23.57 -33.47
C PRO A 221 -4.47 -24.15 -32.84
N SER A 222 -4.41 -25.42 -32.48
CA SER A 222 -5.54 -26.08 -31.84
C SER A 222 -5.89 -25.37 -30.54
N ASN A 223 -7.16 -25.51 -30.13
CA ASN A 223 -7.64 -24.78 -28.97
C ASN A 223 -6.89 -25.18 -27.70
N HIS A 224 -6.32 -26.40 -27.66
CA HIS A 224 -5.60 -26.81 -26.46
C HIS A 224 -4.27 -26.08 -26.34
N VAL A 225 -3.63 -25.80 -27.48
CA VAL A 225 -2.41 -25.00 -27.47
C VAL A 225 -2.69 -23.63 -26.89
N ILE A 226 -3.86 -23.06 -27.22
CA ILE A 226 -4.23 -21.76 -26.67
C ILE A 226 -4.54 -21.88 -25.18
N ASP A 227 -5.27 -22.94 -24.80
CA ASP A 227 -5.68 -23.12 -23.41
C ASP A 227 -4.50 -23.38 -22.47
N ARG A 228 -3.38 -23.87 -23.00
CA ARG A 228 -2.19 -24.04 -22.17
C ARG A 228 -1.86 -22.79 -21.37
N TRP A 229 -2.12 -21.61 -21.92
CA TRP A 229 -1.78 -20.35 -21.28
C TRP A 229 -2.85 -19.87 -20.30
N LEU A 230 -3.87 -20.67 -20.03
CA LEU A 230 -4.85 -20.32 -19.01
C LEU A 230 -4.20 -20.45 -17.64
N GLY A 231 -4.27 -19.38 -16.85
CA GLY A 231 -3.65 -19.38 -15.53
C GLY A 231 -2.24 -18.84 -15.51
N GLU A 232 -1.67 -18.45 -16.67
CA GLU A 232 -0.33 -17.90 -16.76
C GLU A 232 -0.37 -16.38 -16.69
N PRO A 233 0.66 -15.76 -16.09
CA PRO A 233 0.61 -14.30 -15.88
C PRO A 233 0.83 -13.51 -17.16
N ILE A 234 -0.13 -13.56 -18.08
CA ILE A 234 -0.05 -12.81 -19.33
C ILE A 234 -0.34 -11.34 -19.01
N LYS A 235 0.67 -10.49 -19.18
CA LYS A 235 0.48 -9.05 -19.06
C LYS A 235 0.28 -8.36 -20.39
N ALA A 236 0.81 -8.93 -21.48
CA ALA A 236 0.79 -8.28 -22.78
C ALA A 236 0.48 -9.29 -23.87
N ALA A 237 -0.32 -8.87 -24.84
CA ALA A 237 -0.57 -9.61 -26.06
C ALA A 237 -0.01 -8.81 -27.23
N ILE A 238 0.85 -9.45 -28.02
CA ILE A 238 1.54 -8.77 -29.12
C ILE A 238 0.87 -9.13 -30.42
N LEU A 239 0.36 -8.12 -31.13
CA LEU A 239 -0.29 -8.29 -32.41
C LEU A 239 0.57 -7.66 -33.49
N PRO A 240 1.04 -8.42 -34.47
CA PRO A 240 1.72 -7.82 -35.62
C PRO A 240 0.72 -7.30 -36.63
N THR A 241 1.19 -6.40 -37.49
CA THR A 241 0.36 -5.90 -38.57
C THR A 241 0.09 -6.94 -39.64
N SER A 242 0.95 -7.96 -39.74
CA SER A 242 0.79 -8.98 -40.77
C SER A 242 -0.54 -9.72 -40.64
N ILE A 243 -0.93 -10.11 -39.42
CA ILE A 243 -2.12 -10.93 -39.22
C ILE A 243 -3.41 -10.17 -39.43
N PHE A 244 -3.37 -8.91 -39.87
CA PHE A 244 -4.59 -8.13 -40.05
C PHE A 244 -5.08 -8.30 -41.49
N LEU A 245 -6.26 -8.90 -41.63
CA LEU A 245 -6.88 -9.03 -42.95
C LEU A 245 -7.40 -7.68 -43.43
N THR A 246 -7.40 -7.48 -44.74
CA THR A 246 -7.87 -6.25 -45.35
C THR A 246 -9.30 -6.45 -45.83
N ASN A 247 -10.24 -5.69 -45.28
CA ASN A 247 -11.66 -5.90 -45.56
C ASN A 247 -12.06 -5.10 -46.79
N LYS A 248 -13.38 -5.01 -47.02
CA LYS A 248 -13.90 -4.42 -48.25
C LYS A 248 -13.47 -2.97 -48.40
N LYS A 249 -13.47 -2.21 -47.31
CA LYS A 249 -13.13 -0.79 -47.39
C LYS A 249 -11.63 -0.54 -47.48
N GLY A 250 -10.80 -1.54 -47.18
CA GLY A 250 -9.38 -1.33 -47.05
C GLY A 250 -8.89 -1.26 -45.61
N PHE A 251 -9.80 -1.33 -44.64
CA PHE A 251 -9.44 -1.26 -43.24
C PHE A 251 -8.66 -2.50 -42.81
N PRO A 252 -8.04 -2.48 -41.62
CA PRO A 252 -7.50 -3.71 -41.05
C PRO A 252 -8.50 -4.40 -40.13
N VAL A 253 -8.63 -5.72 -40.30
CA VAL A 253 -9.51 -6.54 -39.49
C VAL A 253 -8.81 -7.85 -39.15
N LEU A 254 -9.49 -8.70 -38.38
CA LEU A 254 -8.97 -10.00 -37.99
C LEU A 254 -10.01 -11.06 -38.27
N SER A 255 -9.57 -12.32 -38.25
CA SER A 255 -10.49 -13.43 -38.44
C SER A 255 -11.44 -13.53 -37.25
N LYS A 256 -12.52 -14.30 -37.46
CA LYS A 256 -13.46 -14.53 -36.36
C LYS A 256 -12.79 -15.24 -35.19
N MET A 257 -11.89 -16.17 -35.49
CA MET A 257 -11.16 -16.89 -34.43
C MET A 257 -10.24 -15.94 -33.67
N HIS A 258 -9.50 -15.10 -34.40
CA HIS A 258 -8.68 -14.08 -33.77
C HIS A 258 -9.52 -13.22 -32.82
N GLN A 259 -10.79 -12.96 -33.19
CA GLN A 259 -11.64 -12.11 -32.36
C GLN A 259 -12.10 -12.84 -31.10
N ARG A 260 -12.51 -14.11 -31.23
CA ARG A 260 -12.76 -14.92 -30.04
C ARG A 260 -11.58 -14.83 -29.08
N LEU A 261 -10.37 -14.97 -29.62
CA LEU A 261 -9.17 -14.85 -28.81
C LEU A 261 -9.09 -13.49 -28.13
N ILE A 262 -9.26 -12.41 -28.90
CA ILE A 262 -9.12 -11.05 -28.36
C ILE A 262 -10.09 -10.83 -27.21
N PHE A 263 -11.31 -11.36 -27.33
CA PHE A 263 -12.26 -11.28 -26.22
C PHE A 263 -11.71 -11.98 -24.98
N ARG A 264 -11.26 -13.23 -25.15
CA ARG A 264 -10.65 -13.94 -24.01
C ARG A 264 -9.53 -13.12 -23.38
N LEU A 265 -8.71 -12.48 -24.20
CA LEU A 265 -7.58 -11.70 -23.68
C LEU A 265 -8.05 -10.43 -22.97
N LEU A 266 -9.16 -9.85 -23.44
CA LEU A 266 -9.67 -8.64 -22.82
C LEU A 266 -10.23 -8.93 -21.43
N LYS A 267 -10.81 -10.10 -21.23
CA LYS A 267 -11.28 -10.42 -19.89
C LYS A 267 -10.12 -10.46 -18.89
N LEU A 268 -8.94 -10.90 -19.32
CA LEU A 268 -7.74 -10.83 -18.51
C LEU A 268 -7.16 -9.42 -18.44
N GLU A 269 -7.74 -8.47 -19.18
CA GLU A 269 -7.39 -7.05 -19.10
C GLU A 269 -5.92 -6.80 -19.42
N VAL A 270 -5.36 -7.64 -20.30
CA VAL A 270 -3.96 -7.49 -20.69
C VAL A 270 -3.79 -6.24 -21.55
N GLN A 271 -2.56 -5.72 -21.57
CA GLN A 271 -2.21 -4.66 -22.49
C GLN A 271 -1.95 -5.25 -23.87
N PHE A 272 -2.29 -4.49 -24.91
CA PHE A 272 -2.11 -4.94 -26.29
C PHE A 272 -1.04 -4.09 -26.96
N ILE A 273 -0.12 -4.76 -27.65
CA ILE A 273 1.03 -4.12 -28.28
C ILE A 273 0.93 -4.36 -29.79
N ILE A 274 1.25 -3.33 -30.57
CA ILE A 274 1.27 -3.45 -32.03
C ILE A 274 2.72 -3.51 -32.48
N THR A 275 3.05 -4.49 -33.30
CA THR A 275 4.36 -4.57 -33.92
C THR A 275 4.20 -4.71 -35.43
N GLY A 276 5.30 -4.47 -36.15
CA GLY A 276 5.27 -4.48 -37.60
C GLY A 276 5.06 -3.09 -38.19
N THR A 277 5.29 -3.00 -39.49
CA THR A 277 5.15 -1.74 -40.21
C THR A 277 3.74 -1.60 -40.77
N ASN A 278 3.46 -0.45 -41.38
CA ASN A 278 2.13 -0.14 -41.89
C ASN A 278 1.98 -0.74 -43.27
N HIS A 279 1.33 -1.91 -43.34
CA HIS A 279 1.06 -2.51 -44.64
C HIS A 279 -0.19 -1.93 -45.27
N HIS A 280 -1.17 -1.55 -44.45
CA HIS A 280 -2.36 -0.84 -44.94
C HIS A 280 -2.06 0.65 -44.99
N SER A 281 -1.09 1.00 -45.85
CA SER A 281 -0.56 2.35 -45.87
C SER A 281 -1.56 3.38 -46.35
N GLU A 282 -2.73 2.96 -46.84
CA GLU A 282 -3.80 3.90 -47.14
C GLU A 282 -4.16 4.72 -45.91
N LYS A 283 -4.17 4.07 -44.75
CA LYS A 283 -4.67 4.64 -43.51
C LYS A 283 -3.49 5.12 -42.66
N GLU A 284 -3.72 5.24 -41.35
CA GLU A 284 -2.68 5.53 -40.37
C GLU A 284 -2.81 4.52 -39.24
N PHE A 285 -1.79 4.48 -38.39
CA PHE A 285 -1.72 3.42 -37.39
C PHE A 285 -2.88 3.46 -36.40
N CYS A 286 -3.61 4.58 -36.34
CA CYS A 286 -4.81 4.61 -35.54
C CYS A 286 -5.88 3.65 -36.05
N SER A 287 -5.74 3.11 -37.26
CA SER A 287 -6.74 2.20 -37.80
C SER A 287 -6.76 0.88 -37.05
N TYR A 288 -5.59 0.26 -36.87
CA TYR A 288 -5.49 -0.97 -36.08
C TYR A 288 -6.03 -0.75 -34.68
N LEU A 289 -5.53 0.29 -34.02
CA LEU A 289 -5.96 0.63 -32.66
C LEU A 289 -7.47 0.82 -32.59
N GLN A 290 -8.06 1.44 -33.61
CA GLN A 290 -9.49 1.72 -33.60
C GLN A 290 -10.30 0.46 -33.81
N TYR A 291 -9.81 -0.46 -34.65
CA TYR A 291 -10.43 -1.78 -34.71
C TYR A 291 -10.50 -2.39 -33.32
N LEU A 292 -9.39 -2.30 -32.58
CA LEU A 292 -9.37 -2.84 -31.22
C LEU A 292 -10.39 -2.14 -30.33
N GLU A 293 -10.37 -0.80 -30.32
CA GLU A 293 -11.28 -0.02 -29.47
C GLU A 293 -12.73 -0.40 -29.75
N TYR A 294 -13.08 -0.45 -31.04
CA TYR A 294 -14.41 -0.90 -31.46
C TYR A 294 -14.75 -2.25 -30.84
N LEU A 295 -13.84 -3.22 -30.98
CA LEU A 295 -14.08 -4.53 -30.39
C LEU A 295 -14.36 -4.43 -28.90
N SER A 296 -13.58 -3.62 -28.19
CA SER A 296 -13.72 -3.56 -26.74
C SER A 296 -15.06 -2.96 -26.34
N GLN A 297 -15.52 -1.93 -27.05
CA GLN A 297 -16.83 -1.36 -26.75
C GLN A 297 -17.93 -2.33 -27.13
N ASN A 298 -17.77 -3.05 -28.25
CA ASN A 298 -18.75 -4.04 -28.69
C ASN A 298 -18.47 -5.39 -28.01
N ARG A 299 -18.51 -5.34 -26.69
CA ARG A 299 -18.39 -6.46 -25.77
C ARG A 299 -19.66 -6.53 -24.93
N PRO A 300 -20.19 -7.73 -24.68
CA PRO A 300 -21.45 -7.85 -23.91
C PRO A 300 -21.39 -7.04 -22.64
N PRO A 301 -22.32 -6.09 -22.48
CA PRO A 301 -22.20 -5.12 -21.39
C PRO A 301 -22.18 -5.81 -20.05
N PRO A 302 -21.52 -5.23 -19.05
CA PRO A 302 -21.27 -5.95 -17.79
C PRO A 302 -22.53 -6.17 -16.98
N ASN A 303 -22.94 -7.43 -16.83
CA ASN A 303 -24.09 -7.70 -15.99
C ASN A 303 -23.73 -7.44 -14.53
N ALA A 304 -24.77 -7.31 -13.70
CA ALA A 304 -24.61 -6.80 -12.34
C ALA A 304 -23.57 -7.59 -11.55
N TYR A 305 -23.53 -8.90 -11.75
CA TYR A 305 -22.58 -9.75 -11.02
C TYR A 305 -21.14 -9.41 -11.39
N GLU A 306 -20.88 -9.20 -12.67
CA GLU A 306 -19.51 -9.09 -13.16
C GLU A 306 -18.83 -7.82 -12.63
N LEU A 307 -19.57 -6.71 -12.59
CA LEU A 307 -18.97 -5.46 -12.11
C LEU A 307 -18.59 -5.57 -10.64
N PHE A 308 -19.46 -6.17 -9.82
CA PHE A 308 -19.13 -6.39 -8.42
C PHE A 308 -17.88 -7.27 -8.29
N ALA A 309 -17.84 -8.37 -9.04
CA ALA A 309 -16.75 -9.30 -8.85
C ALA A 309 -15.44 -8.84 -9.50
N LYS A 310 -15.52 -7.87 -10.41
CA LYS A 310 -14.34 -7.49 -11.17
C LYS A 310 -13.25 -6.88 -10.29
N GLY A 311 -13.65 -6.18 -9.22
CA GLY A 311 -12.66 -5.66 -8.30
C GLY A 311 -11.99 -6.73 -7.48
N TYR A 312 -12.68 -7.85 -7.26
CA TYR A 312 -12.16 -8.96 -6.48
C TYR A 312 -11.53 -10.05 -7.34
N GLU A 313 -11.21 -9.76 -8.61
CA GLU A 313 -10.66 -10.77 -9.49
C GLU A 313 -9.34 -11.29 -8.97
N ASP A 314 -9.29 -12.58 -8.68
CA ASP A 314 -8.10 -13.26 -8.15
C ASP A 314 -7.60 -12.61 -6.86
N TYR A 315 -8.49 -11.96 -6.11
CA TYR A 315 -8.13 -11.34 -4.84
C TYR A 315 -8.39 -12.33 -3.71
N LEU A 316 -7.36 -12.60 -2.91
CA LEU A 316 -7.44 -13.61 -1.87
C LEU A 316 -7.98 -13.03 -0.58
N GLN A 317 -8.80 -13.82 0.11
CA GLN A 317 -9.35 -13.45 1.41
C GLN A 317 -9.46 -14.68 2.29
N SER A 318 -9.14 -14.52 3.57
CA SER A 318 -9.31 -15.62 4.50
C SER A 318 -10.81 -15.93 4.65
N PRO A 319 -11.18 -17.19 4.78
CA PRO A 319 -12.60 -17.54 4.93
C PRO A 319 -13.16 -16.95 6.22
N LEU A 320 -14.33 -16.32 6.10
CA LEU A 320 -15.03 -15.82 7.27
C LEU A 320 -15.42 -16.98 8.18
N GLN A 321 -15.47 -16.72 9.48
CA GLN A 321 -15.91 -17.69 10.47
C GLN A 321 -16.99 -17.04 11.32
N PRO A 322 -18.22 -16.98 10.81
CA PRO A 322 -19.29 -16.30 11.57
C PRO A 322 -19.56 -16.94 12.92
N LEU A 323 -19.19 -18.19 13.12
CA LEU A 323 -19.40 -18.82 14.42
C LEU A 323 -18.41 -18.30 15.45
N MET A 324 -17.11 -18.40 15.15
CA MET A 324 -16.08 -17.98 16.09
C MET A 324 -15.96 -16.45 16.15
N ASP A 325 -16.00 -15.80 14.99
CA ASP A 325 -15.87 -14.35 14.92
C ASP A 325 -17.24 -13.72 14.76
N ASN A 326 -17.43 -12.55 15.37
CA ASN A 326 -18.62 -11.74 15.16
C ASN A 326 -18.40 -10.85 13.95
N LEU A 327 -19.29 -10.95 12.97
CA LEU A 327 -19.09 -10.25 11.70
C LEU A 327 -19.34 -8.76 11.86
N GLU A 328 -18.60 -7.97 11.09
CA GLU A 328 -18.76 -6.53 11.10
C GLU A 328 -20.03 -6.14 10.34
N SER A 329 -20.34 -4.85 10.37
CA SER A 329 -21.62 -4.37 9.84
C SER A 329 -21.67 -4.49 8.32
N GLN A 330 -20.70 -3.88 7.63
CA GLN A 330 -20.72 -3.88 6.17
C GLN A 330 -20.60 -5.28 5.57
N THR A 331 -20.04 -6.24 6.33
CA THR A 331 -20.07 -7.63 5.90
C THR A 331 -21.51 -8.13 5.75
N TYR A 332 -22.31 -7.99 6.82
CA TYR A 332 -23.74 -8.25 6.70
C TYR A 332 -24.36 -7.46 5.56
N GLU A 333 -23.94 -6.20 5.42
CA GLU A 333 -24.51 -5.35 4.37
C GLU A 333 -24.34 -5.96 2.99
N VAL A 334 -23.16 -6.51 2.71
CA VAL A 334 -22.98 -7.14 1.41
C VAL A 334 -23.73 -8.45 1.35
N PHE A 335 -23.91 -9.12 2.50
CA PHE A 335 -24.73 -10.34 2.49
C PHE A 335 -26.17 -10.03 2.08
N GLU A 336 -26.73 -8.95 2.62
CA GLU A 336 -28.12 -8.61 2.36
C GLU A 336 -28.33 -8.07 0.95
N LYS A 337 -27.32 -7.41 0.39
CA LYS A 337 -27.40 -6.85 -0.96
C LYS A 337 -27.34 -7.95 -2.01
N ASP A 338 -28.26 -8.91 -1.93
CA ASP A 338 -28.31 -10.01 -2.89
C ASP A 338 -29.75 -10.49 -2.97
N PRO A 339 -30.56 -9.89 -3.85
CA PRO A 339 -32.00 -10.19 -3.85
C PRO A 339 -32.33 -11.63 -4.22
N ILE A 340 -31.78 -12.14 -5.34
CA ILE A 340 -32.07 -13.47 -5.86
C ILE A 340 -32.11 -14.53 -4.76
N LYS A 341 -31.10 -14.51 -3.89
CA LYS A 341 -30.99 -15.52 -2.85
C LYS A 341 -32.15 -15.43 -1.86
N TYR A 342 -32.53 -14.22 -1.45
CA TYR A 342 -33.62 -14.09 -0.50
C TYR A 342 -34.97 -14.33 -1.17
N SER A 343 -35.10 -14.02 -2.46
CA SER A 343 -36.28 -14.43 -3.20
C SER A 343 -36.44 -15.94 -3.16
N GLN A 344 -35.34 -16.67 -3.37
CA GLN A 344 -35.37 -18.13 -3.31
C GLN A 344 -35.75 -18.61 -1.91
N TYR A 345 -35.16 -18.01 -0.87
CA TYR A 345 -35.49 -18.41 0.49
C TYR A 345 -36.97 -18.17 0.79
N GLN A 346 -37.50 -17.02 0.35
CA GLN A 346 -38.91 -16.71 0.55
C GLN A 346 -39.80 -17.74 -0.14
N GLN A 347 -39.48 -18.08 -1.39
CA GLN A 347 -40.28 -19.07 -2.12
C GLN A 347 -40.23 -20.43 -1.42
N ALA A 348 -39.06 -20.81 -0.91
CA ALA A 348 -38.94 -22.10 -0.23
C ALA A 348 -39.81 -22.13 1.03
N ILE A 349 -39.70 -21.09 1.85
CA ILE A 349 -40.56 -20.98 3.04
C ILE A 349 -42.03 -21.07 2.64
N TYR A 350 -42.40 -20.37 1.58
CA TYR A 350 -43.79 -20.30 1.14
C TYR A 350 -44.32 -21.68 0.77
N LYS A 351 -43.58 -22.41 -0.05
CA LYS A 351 -43.99 -23.75 -0.44
C LYS A 351 -44.09 -24.67 0.78
N CYS A 352 -43.12 -24.58 1.70
CA CYS A 352 -43.17 -25.42 2.89
C CYS A 352 -44.40 -25.09 3.74
N LEU A 353 -44.75 -23.80 3.83
CA LEU A 353 -45.95 -23.41 4.55
C LEU A 353 -47.19 -24.06 3.94
N LEU A 354 -47.31 -23.96 2.61
CA LEU A 354 -48.48 -24.56 1.95
C LEU A 354 -48.53 -26.07 2.19
N ASP A 355 -47.36 -26.71 2.23
CA ASP A 355 -47.35 -28.16 2.44
C ASP A 355 -47.73 -28.53 3.87
N ARG A 356 -47.30 -27.73 4.85
CA ARG A 356 -47.45 -28.14 6.25
C ARG A 356 -48.86 -27.87 6.78
N VAL A 357 -49.40 -26.69 6.52
CA VAL A 357 -50.70 -26.29 7.06
C VAL A 357 -51.72 -26.36 5.92
N PRO A 358 -52.72 -27.24 5.99
CA PRO A 358 -53.71 -27.33 4.92
C PRO A 358 -54.55 -26.06 4.82
N GLU A 359 -55.36 -26.00 3.77
CA GLU A 359 -56.09 -24.79 3.43
C GLU A 359 -57.09 -24.43 4.52
N GLU A 360 -57.84 -25.42 5.01
CA GLU A 360 -58.92 -25.11 5.96
C GLU A 360 -58.36 -24.66 7.31
N GLU A 361 -57.19 -25.16 7.69
CA GLU A 361 -56.64 -24.89 9.01
C GLU A 361 -55.84 -23.60 9.09
N LYS A 362 -55.83 -22.79 8.02
CA LYS A 362 -54.91 -21.66 7.93
C LYS A 362 -55.02 -20.72 9.13
N ASP A 363 -56.22 -20.57 9.68
CA ASP A 363 -56.45 -19.64 10.78
C ASP A 363 -56.29 -20.30 12.15
N THR A 364 -56.36 -21.62 12.22
CA THR A 364 -56.34 -22.31 13.50
C THR A 364 -54.99 -22.91 13.86
N ASN A 365 -54.09 -23.08 12.89
CA ASN A 365 -52.78 -23.66 13.15
C ASN A 365 -51.71 -22.63 12.79
N VAL A 366 -51.01 -22.14 13.80
CA VAL A 366 -49.90 -21.22 13.63
C VAL A 366 -48.60 -22.02 13.64
N GLN A 367 -47.64 -21.60 12.83
CA GLN A 367 -46.38 -22.33 12.67
C GLN A 367 -45.26 -21.61 13.40
N VAL A 368 -44.49 -22.35 14.19
CA VAL A 368 -43.33 -21.80 14.85
C VAL A 368 -42.15 -21.92 13.90
N LEU A 369 -41.61 -20.77 13.50
CA LEU A 369 -40.64 -20.66 12.41
C LEU A 369 -39.45 -19.86 12.94
N MET A 370 -38.31 -20.53 13.11
CA MET A 370 -37.16 -19.94 13.78
C MET A 370 -36.05 -19.69 12.77
N VAL A 371 -35.56 -18.45 12.74
CA VAL A 371 -34.42 -18.08 11.90
C VAL A 371 -33.17 -18.23 12.76
N LEU A 372 -32.45 -19.34 12.56
CA LEU A 372 -31.23 -19.62 13.31
C LEU A 372 -30.06 -19.00 12.57
N GLY A 373 -29.45 -17.97 13.17
CA GLY A 373 -28.42 -17.20 12.50
C GLY A 373 -29.04 -16.08 11.69
N ALA A 374 -29.68 -15.13 12.37
CA ALA A 374 -30.53 -14.16 11.69
C ALA A 374 -29.75 -12.97 11.16
N GLY A 375 -28.63 -12.63 11.77
CA GLY A 375 -27.87 -11.48 11.31
C GLY A 375 -28.61 -10.19 11.62
N ARG A 376 -28.79 -9.35 10.60
CA ARG A 376 -29.62 -8.16 10.70
C ARG A 376 -31.03 -8.40 10.20
N GLY A 377 -31.43 -9.67 10.07
CA GLY A 377 -32.80 -10.04 9.80
C GLY A 377 -33.35 -9.82 8.40
N PRO A 378 -32.59 -10.12 7.34
CA PRO A 378 -33.24 -10.22 6.03
C PRO A 378 -34.08 -11.47 5.91
N LEU A 379 -33.65 -12.57 6.55
CA LEU A 379 -34.44 -13.79 6.58
C LEU A 379 -35.73 -13.58 7.36
N VAL A 380 -35.73 -12.67 8.34
CA VAL A 380 -36.97 -12.39 9.08
C VAL A 380 -37.99 -11.72 8.18
N ASN A 381 -37.59 -10.64 7.50
CA ASN A 381 -38.48 -9.99 6.55
C ASN A 381 -38.91 -10.94 5.45
N ALA A 382 -38.02 -11.85 5.04
CA ALA A 382 -38.40 -12.83 4.03
C ALA A 382 -39.45 -13.80 4.56
N SER A 383 -39.29 -14.27 5.80
CA SER A 383 -40.29 -15.13 6.42
C SER A 383 -41.63 -14.42 6.50
N LEU A 384 -41.63 -13.12 6.80
CA LEU A 384 -42.88 -12.37 6.88
C LEU A 384 -43.56 -12.26 5.52
N ARG A 385 -42.80 -11.82 4.51
CA ARG A 385 -43.35 -11.71 3.16
C ARG A 385 -43.86 -13.05 2.67
N ALA A 386 -43.17 -14.15 3.01
CA ALA A 386 -43.64 -15.46 2.63
C ALA A 386 -44.93 -15.82 3.36
N ALA A 387 -45.02 -15.48 4.65
CA ALA A 387 -46.22 -15.78 5.42
C ALA A 387 -47.43 -15.11 4.80
N LYS A 388 -47.28 -13.86 4.34
CA LYS A 388 -48.46 -13.20 3.79
C LYS A 388 -48.70 -13.60 2.33
N GLN A 389 -47.63 -13.84 1.57
CA GLN A 389 -47.79 -14.34 0.21
C GLN A 389 -48.52 -15.68 0.19
N ALA A 390 -48.24 -16.53 1.17
CA ALA A 390 -48.88 -17.84 1.27
C ALA A 390 -50.18 -17.80 2.06
N ASP A 391 -50.36 -16.79 2.90
CA ASP A 391 -51.55 -16.62 3.74
C ASP A 391 -51.65 -17.74 4.78
N ARG A 392 -50.75 -17.71 5.77
CA ARG A 392 -50.75 -18.65 6.88
C ARG A 392 -50.26 -17.94 8.14
N ARG A 393 -50.51 -18.57 9.29
CA ARG A 393 -50.12 -18.01 10.58
C ARG A 393 -48.74 -18.51 10.98
N ILE A 394 -47.88 -17.60 11.45
CA ILE A 394 -46.55 -17.96 11.91
C ILE A 394 -46.18 -17.14 13.14
N LYS A 395 -45.51 -17.77 14.09
CA LYS A 395 -44.83 -17.08 15.19
C LYS A 395 -43.33 -17.21 14.95
N LEU A 396 -42.61 -16.11 15.12
CA LEU A 396 -41.23 -16.00 14.63
C LEU A 396 -40.23 -15.87 15.77
N TYR A 397 -39.08 -16.51 15.60
CA TYR A 397 -37.93 -16.35 16.49
C TYR A 397 -36.71 -16.01 15.64
N ALA A 398 -35.94 -15.03 16.08
CA ALA A 398 -34.70 -14.64 15.40
C ALA A 398 -33.55 -14.87 16.37
N VAL A 399 -32.81 -15.96 16.15
CA VAL A 399 -31.71 -16.33 17.04
C VAL A 399 -30.41 -15.78 16.48
N GLU A 400 -29.58 -15.23 17.35
CA GLU A 400 -28.30 -14.67 16.92
C GLU A 400 -27.34 -14.61 18.10
N LYS A 401 -26.12 -15.09 17.90
CA LYS A 401 -25.10 -15.03 18.94
C LYS A 401 -24.23 -13.78 18.86
N ASN A 402 -24.26 -13.06 17.73
CA ASN A 402 -23.57 -11.80 17.56
C ASN A 402 -24.42 -10.69 18.16
N PRO A 403 -24.05 -10.15 19.33
CA PRO A 403 -24.88 -9.11 19.95
C PRO A 403 -24.85 -7.79 19.17
N ASN A 404 -23.77 -7.51 18.45
CA ASN A 404 -23.71 -6.28 17.66
C ASN A 404 -24.77 -6.27 16.56
N ALA A 405 -25.18 -7.45 16.10
CA ALA A 405 -26.32 -7.54 15.18
C ALA A 405 -27.65 -7.65 15.92
N VAL A 406 -27.63 -8.24 17.11
CA VAL A 406 -28.82 -8.27 17.96
C VAL A 406 -29.30 -6.85 18.25
N VAL A 407 -28.38 -5.90 18.28
CA VAL A 407 -28.75 -4.49 18.41
C VAL A 407 -29.71 -4.09 17.29
N THR A 408 -29.26 -4.27 16.04
CA THR A 408 -30.08 -3.96 14.87
C THR A 408 -31.40 -4.73 14.91
N LEU A 409 -31.33 -6.01 15.29
CA LEU A 409 -32.51 -6.86 15.31
C LEU A 409 -33.55 -6.33 16.28
N GLU A 410 -33.14 -6.01 17.51
CA GLU A 410 -34.10 -5.56 18.51
C GLU A 410 -34.62 -4.17 18.18
N ASN A 411 -33.81 -3.32 17.56
CA ASN A 411 -34.33 -2.04 17.08
C ASN A 411 -35.45 -2.25 16.06
N TRP A 412 -35.18 -3.08 15.05
CA TRP A 412 -36.22 -3.47 14.10
C TRP A 412 -37.46 -3.99 14.82
N GLN A 413 -37.26 -4.94 15.74
CA GLN A 413 -38.36 -5.64 16.38
C GLN A 413 -39.26 -4.67 17.13
N PHE A 414 -38.67 -3.87 18.02
CA PHE A 414 -39.44 -2.83 18.71
C PHE A 414 -40.18 -1.96 17.72
N GLU A 415 -39.48 -1.51 16.67
CA GLU A 415 -40.06 -0.50 15.80
C GLU A 415 -41.10 -1.08 14.85
N GLU A 416 -40.80 -2.23 14.24
CA GLU A 416 -41.56 -2.71 13.09
C GLU A 416 -42.25 -4.04 13.35
N TRP A 417 -41.52 -5.08 13.74
CA TRP A 417 -42.11 -6.42 13.79
C TRP A 417 -43.06 -6.57 14.96
N GLY A 418 -42.81 -5.86 16.07
CA GLY A 418 -43.63 -6.05 17.23
C GLY A 418 -43.29 -7.35 17.94
N SER A 419 -44.25 -7.80 18.76
CA SER A 419 -44.08 -9.03 19.52
C SER A 419 -44.33 -10.28 18.71
N GLN A 420 -44.70 -10.13 17.43
CA GLN A 420 -44.77 -11.29 16.55
C GLN A 420 -43.43 -12.01 16.49
N VAL A 421 -42.36 -11.25 16.39
CA VAL A 421 -41.00 -11.78 16.39
C VAL A 421 -40.45 -11.75 17.80
N THR A 422 -39.70 -12.77 18.18
CA THR A 422 -38.96 -12.79 19.44
C THR A 422 -37.48 -12.89 19.11
N VAL A 423 -36.72 -11.88 19.54
CA VAL A 423 -35.28 -11.85 19.31
C VAL A 423 -34.59 -12.60 20.44
N VAL A 424 -33.79 -13.59 20.08
CA VAL A 424 -33.11 -14.45 21.05
C VAL A 424 -31.61 -14.29 20.84
N SER A 425 -30.94 -13.68 21.80
CA SER A 425 -29.51 -13.41 21.71
C SER A 425 -28.75 -14.52 22.44
N SER A 426 -28.46 -15.60 21.70
CA SER A 426 -27.68 -16.69 22.26
C SER A 426 -27.25 -17.61 21.12
N ASP A 427 -26.33 -18.52 21.45
CA ASP A 427 -25.92 -19.57 20.53
C ASP A 427 -27.03 -20.61 20.42
N MET A 428 -27.29 -21.06 19.19
CA MET A 428 -28.36 -22.04 19.00
C MET A 428 -28.00 -23.39 19.61
N ARG A 429 -26.71 -23.66 19.78
CA ARG A 429 -26.28 -24.87 20.49
C ARG A 429 -26.58 -24.78 21.98
N GLU A 430 -26.76 -23.56 22.50
CA GLU A 430 -27.01 -23.34 23.92
C GLU A 430 -28.50 -23.20 24.22
N TRP A 431 -29.20 -22.42 23.41
CA TRP A 431 -30.55 -21.93 23.73
C TRP A 431 -31.50 -23.06 24.09
N VAL A 432 -32.09 -22.96 25.28
CA VAL A 432 -33.16 -23.87 25.69
C VAL A 432 -34.47 -23.18 25.29
N ALA A 433 -34.94 -23.48 24.08
CA ALA A 433 -36.08 -22.78 23.52
C ALA A 433 -37.35 -23.12 24.31
N PRO A 434 -38.34 -22.21 24.32
CA PRO A 434 -39.57 -22.48 25.07
C PRO A 434 -40.45 -23.53 24.43
N GLU A 435 -40.65 -23.45 23.11
CA GLU A 435 -41.53 -24.35 22.39
C GLU A 435 -40.83 -24.87 21.15
N LYS A 436 -41.08 -26.13 20.80
CA LYS A 436 -40.41 -26.75 19.68
C LYS A 436 -40.83 -26.11 18.36
N ALA A 437 -40.01 -26.33 17.34
CA ALA A 437 -40.10 -25.58 16.09
C ALA A 437 -40.79 -26.39 15.01
N ASP A 438 -41.57 -25.68 14.18
CA ASP A 438 -42.10 -26.24 12.94
C ASP A 438 -41.12 -26.12 11.79
N ILE A 439 -40.44 -24.98 11.66
CA ILE A 439 -39.44 -24.79 10.59
C ILE A 439 -38.23 -24.10 11.19
N ILE A 440 -37.03 -24.50 10.74
CA ILE A 440 -35.80 -23.81 11.09
C ILE A 440 -35.10 -23.36 9.82
N VAL A 441 -34.77 -22.06 9.74
CA VAL A 441 -34.16 -21.46 8.55
C VAL A 441 -32.76 -21.03 8.89
N SER A 442 -31.78 -21.46 8.10
CA SER A 442 -30.38 -21.16 8.37
C SER A 442 -29.72 -20.49 7.17
N GLU A 443 -28.52 -19.95 7.44
CA GLU A 443 -27.72 -19.26 6.42
C GLU A 443 -26.24 -19.50 6.67
N LEU A 444 -25.91 -20.63 7.32
CA LEU A 444 -24.59 -20.89 7.87
C LEU A 444 -23.64 -21.54 6.88
N LEU A 445 -23.86 -21.33 5.58
CA LEU A 445 -23.05 -21.96 4.56
C LEU A 445 -21.92 -21.04 4.13
N GLY A 446 -20.74 -21.63 3.92
CA GLY A 446 -19.64 -20.95 3.30
C GLY A 446 -19.54 -21.26 1.82
N SER A 447 -18.44 -20.83 1.21
CA SER A 447 -18.19 -21.16 -0.18
C SER A 447 -18.02 -22.66 -0.38
N PHE A 448 -17.60 -23.38 0.65
CA PHE A 448 -17.44 -24.82 0.62
C PHE A 448 -18.55 -25.52 1.39
N ALA A 449 -19.73 -24.88 1.48
CA ALA A 449 -20.89 -25.38 2.21
C ALA A 449 -20.65 -25.46 3.70
N ASP A 450 -20.15 -26.60 4.17
CA ASP A 450 -20.03 -26.86 5.61
C ASP A 450 -18.85 -26.16 6.28
N ASN A 451 -18.09 -25.35 5.54
CA ASN A 451 -16.86 -24.78 6.09
C ASN A 451 -17.11 -23.69 7.13
N GLU A 452 -18.37 -23.29 7.35
CA GLU A 452 -18.72 -22.45 8.49
C GLU A 452 -19.40 -23.25 9.59
N LEU A 453 -19.38 -24.58 9.49
CA LEU A 453 -19.84 -25.50 10.51
C LEU A 453 -21.36 -25.47 10.73
N SER A 454 -22.10 -25.13 9.67
CA SER A 454 -23.54 -25.36 9.67
C SER A 454 -23.96 -26.75 10.16
N PRO A 455 -23.29 -27.87 9.82
CA PRO A 455 -23.73 -29.16 10.39
C PRO A 455 -23.75 -29.19 11.91
N GLU A 456 -22.66 -28.77 12.57
CA GLU A 456 -22.62 -28.83 14.02
C GLU A 456 -23.63 -27.89 14.67
N CYS A 457 -23.75 -26.66 14.14
CA CYS A 457 -24.72 -25.72 14.68
C CYS A 457 -26.13 -26.27 14.59
N LEU A 458 -26.52 -26.77 13.42
CA LEU A 458 -27.87 -27.31 13.28
C LEU A 458 -28.07 -28.59 14.08
N ASP A 459 -27.02 -29.42 14.20
CA ASP A 459 -27.10 -30.61 15.04
C ASP A 459 -27.39 -30.23 16.49
N GLY A 460 -26.77 -29.15 16.97
CA GLY A 460 -27.06 -28.68 18.31
C GLY A 460 -28.45 -28.08 18.42
N ALA A 461 -28.87 -27.35 17.40
CA ALA A 461 -30.17 -26.70 17.39
C ALA A 461 -31.29 -27.66 16.98
N GLN A 462 -30.99 -28.93 16.77
CA GLN A 462 -31.98 -29.85 16.21
C GLN A 462 -32.98 -30.31 17.26
N HIS A 463 -32.51 -30.55 18.49
CA HIS A 463 -33.34 -31.19 19.50
C HIS A 463 -34.65 -30.44 19.75
N PHE A 464 -34.64 -29.11 19.62
CA PHE A 464 -35.87 -28.35 19.78
C PHE A 464 -36.65 -28.20 18.48
N LEU A 465 -36.51 -29.16 17.56
CA LEU A 465 -37.32 -29.23 16.36
C LEU A 465 -38.36 -30.32 16.53
N LYS A 466 -39.58 -30.07 16.04
CA LYS A 466 -40.63 -31.06 16.11
C LYS A 466 -40.24 -32.31 15.35
N ASP A 467 -40.72 -33.46 15.81
CA ASP A 467 -40.30 -34.75 15.29
C ASP A 467 -40.73 -34.94 13.83
N ASP A 468 -41.44 -33.95 13.29
CA ASP A 468 -41.81 -33.95 11.87
C ASP A 468 -41.56 -32.59 11.22
N GLY A 469 -40.57 -31.85 11.70
CA GLY A 469 -40.32 -30.52 11.22
C GLY A 469 -39.38 -30.48 10.02
N VAL A 470 -39.15 -29.25 9.53
CA VAL A 470 -38.40 -29.01 8.31
C VAL A 470 -37.23 -28.09 8.61
N SER A 471 -36.10 -28.37 7.97
CA SER A 471 -34.94 -27.49 7.95
C SER A 471 -34.81 -26.92 6.55
N ILE A 472 -34.76 -25.59 6.46
CA ILE A 472 -34.45 -24.85 5.24
C ILE A 472 -33.10 -24.18 5.45
N PRO A 473 -32.05 -24.58 4.73
CA PRO A 473 -32.02 -25.62 3.69
C PRO A 473 -32.05 -27.02 4.27
N GLY A 474 -32.56 -27.97 3.50
CA GLY A 474 -32.61 -29.34 3.95
C GLY A 474 -31.36 -30.10 3.56
N GLU A 475 -30.64 -29.63 2.54
CA GLU A 475 -29.46 -30.39 2.15
C GLU A 475 -28.40 -29.45 1.58
N TYR A 476 -27.13 -29.84 1.70
CA TYR A 476 -26.10 -29.13 0.94
C TYR A 476 -24.93 -30.06 0.63
N THR A 477 -24.12 -29.66 -0.34
CA THR A 477 -23.08 -30.51 -0.92
C THR A 477 -21.94 -29.65 -1.45
N SER A 478 -20.71 -30.01 -1.12
CA SER A 478 -19.54 -29.30 -1.61
C SER A 478 -19.02 -29.92 -2.90
N PHE A 479 -18.32 -29.12 -3.69
CA PHE A 479 -17.80 -29.52 -4.99
C PHE A 479 -16.36 -29.08 -5.14
N LEU A 480 -15.55 -29.92 -5.79
CA LEU A 480 -14.13 -29.66 -6.00
C LEU A 480 -13.76 -29.87 -7.46
N ALA A 481 -12.76 -29.12 -7.92
CA ALA A 481 -12.21 -29.31 -9.26
C ALA A 481 -10.75 -28.88 -9.30
N PRO A 482 -9.86 -29.68 -9.88
CA PRO A 482 -8.45 -29.27 -9.94
C PRO A 482 -8.27 -28.10 -10.91
N ILE A 483 -7.36 -27.19 -10.54
CA ILE A 483 -7.12 -26.00 -11.35
C ILE A 483 -5.62 -25.74 -11.46
N SER A 484 -5.23 -25.34 -12.66
CA SER A 484 -3.93 -24.74 -12.95
C SER A 484 -4.06 -23.22 -12.92
N SER A 485 -3.15 -22.57 -12.20
CA SER A 485 -3.04 -21.11 -12.18
C SER A 485 -1.76 -20.69 -11.48
N SER A 486 -0.65 -20.68 -12.23
CA SER A 486 0.61 -20.21 -11.66
C SER A 486 0.47 -18.82 -11.04
N LYS A 487 -0.41 -18.00 -11.60
CA LYS A 487 -0.75 -16.70 -11.02
C LYS A 487 -1.17 -16.82 -9.56
N LEU A 488 -2.24 -17.57 -9.31
CA LEU A 488 -2.75 -17.71 -7.94
C LEU A 488 -1.78 -18.50 -7.06
N TYR A 489 -1.04 -19.44 -7.64
CA TYR A 489 0.00 -20.13 -6.87
C TYR A 489 1.03 -19.13 -6.35
N ASN A 490 1.44 -18.19 -7.19
CA ASN A 490 2.39 -17.17 -6.74
C ASN A 490 1.75 -16.25 -5.71
N GLU A 491 0.47 -15.91 -5.90
CA GLU A 491 -0.22 -15.09 -4.89
C GLU A 491 -0.21 -15.76 -3.53
N VAL A 492 -0.49 -17.07 -3.49
CA VAL A 492 -0.43 -17.81 -2.24
C VAL A 492 0.99 -17.84 -1.70
N ARG A 493 1.95 -18.16 -2.57
CA ARG A 493 3.36 -18.19 -2.18
C ARG A 493 3.77 -16.90 -1.47
N ALA A 494 3.25 -15.76 -1.94
CA ALA A 494 3.59 -14.47 -1.32
C ALA A 494 2.90 -14.23 0.02
N CYS A 495 2.07 -15.15 0.50
CA CYS A 495 1.37 -14.98 1.77
C CYS A 495 2.18 -15.48 2.96
N ARG A 496 3.44 -15.83 2.76
CA ARG A 496 4.28 -16.28 3.87
C ARG A 496 4.45 -15.15 4.88
N GLU A 497 4.25 -15.47 6.15
CA GLU A 497 4.36 -14.52 7.24
C GLU A 497 5.47 -14.92 8.20
N LYS A 498 6.05 -13.93 8.86
CA LYS A 498 6.98 -14.20 9.94
C LYS A 498 6.27 -14.85 11.12
N ASP A 499 7.04 -15.55 11.94
CA ASP A 499 6.57 -16.16 13.18
C ASP A 499 5.55 -17.28 12.94
N ARG A 500 5.70 -18.02 11.84
CA ARG A 500 4.91 -19.22 11.60
C ARG A 500 5.62 -20.05 10.53
N ASP A 501 5.10 -21.25 10.32
CA ASP A 501 5.71 -22.17 9.36
C ASP A 501 5.80 -21.50 7.98
N PRO A 502 6.93 -21.59 7.29
CA PRO A 502 7.08 -20.91 6.00
C PRO A 502 6.07 -21.35 4.95
N GLU A 503 5.45 -22.51 5.13
CA GLU A 503 4.52 -23.05 4.15
C GLU A 503 3.08 -23.08 4.64
N ALA A 504 2.78 -22.37 5.74
CA ALA A 504 1.42 -22.39 6.28
C ALA A 504 0.40 -21.88 5.27
N GLN A 505 0.79 -20.92 4.42
CA GLN A 505 -0.15 -20.34 3.48
C GLN A 505 -0.70 -21.37 2.50
N PHE A 506 0.07 -22.41 2.21
CA PHE A 506 -0.40 -23.45 1.31
C PHE A 506 -1.35 -24.44 1.99
N GLU A 507 -1.38 -24.46 3.32
CA GLU A 507 -2.22 -25.39 4.06
C GLU A 507 -3.49 -24.74 4.60
N MET A 508 -4.01 -23.73 3.90
CA MET A 508 -5.22 -23.05 4.32
C MET A 508 -5.95 -22.56 3.08
N PRO A 509 -7.28 -22.54 3.11
CA PRO A 509 -8.05 -22.09 1.94
C PRO A 509 -8.22 -20.58 1.93
N TYR A 510 -8.61 -20.08 0.74
CA TYR A 510 -8.86 -18.66 0.55
C TYR A 510 -10.12 -18.50 -0.29
N VAL A 511 -10.94 -17.52 0.07
CA VAL A 511 -12.11 -17.16 -0.72
C VAL A 511 -11.70 -16.13 -1.75
N VAL A 512 -12.04 -16.38 -3.01
CA VAL A 512 -11.52 -15.57 -4.10
C VAL A 512 -12.40 -15.76 -5.34
N ARG A 513 -12.71 -14.66 -6.02
CA ARG A 513 -13.34 -14.78 -7.33
C ARG A 513 -12.28 -15.23 -8.33
N LEU A 514 -12.22 -16.52 -8.60
CA LEU A 514 -11.26 -17.05 -9.55
C LEU A 514 -11.50 -16.42 -10.91
N HIS A 515 -10.41 -16.08 -11.60
CA HIS A 515 -10.49 -15.34 -12.86
C HIS A 515 -9.49 -15.88 -13.87
N ASN A 516 -8.20 -15.67 -13.61
CA ASN A 516 -7.14 -16.15 -14.49
C ASN A 516 -6.71 -17.52 -13.99
N PHE A 517 -7.36 -18.56 -14.49
CA PHE A 517 -7.08 -19.92 -14.05
C PHE A 517 -7.60 -20.88 -15.11
N HIS A 518 -7.26 -22.17 -14.93
CA HIS A 518 -7.63 -23.21 -15.89
C HIS A 518 -8.29 -24.36 -15.14
N GLN A 519 -9.58 -24.55 -15.36
CA GLN A 519 -10.24 -25.75 -14.83
C GLN A 519 -9.78 -26.97 -15.62
N LEU A 520 -9.29 -27.97 -14.90
CA LEU A 520 -8.66 -29.13 -15.52
C LEU A 520 -9.57 -30.35 -15.59
N SER A 521 -10.71 -30.32 -14.91
CA SER A 521 -11.64 -31.43 -14.91
C SER A 521 -12.96 -30.93 -14.35
N ALA A 522 -14.03 -31.65 -14.68
CA ALA A 522 -15.36 -31.23 -14.25
C ALA A 522 -15.47 -31.32 -12.73
N PRO A 523 -16.09 -30.32 -12.09
CA PRO A 523 -16.33 -30.40 -10.64
C PRO A 523 -17.07 -31.67 -10.26
N GLN A 524 -16.73 -32.22 -9.10
CA GLN A 524 -17.37 -33.41 -8.56
C GLN A 524 -17.75 -33.19 -7.11
N PRO A 525 -18.85 -33.81 -6.65
CA PRO A 525 -19.29 -33.55 -5.28
C PRO A 525 -18.35 -34.17 -4.26
N CYS A 526 -18.09 -33.43 -3.19
CA CYS A 526 -17.16 -33.84 -2.15
C CYS A 526 -17.90 -34.29 -0.90
N PHE A 527 -18.54 -33.38 -0.18
CA PHE A 527 -19.22 -33.70 1.08
C PHE A 527 -20.65 -33.23 1.04
N THR A 528 -21.57 -34.05 1.56
CA THR A 528 -22.98 -33.74 1.60
C THR A 528 -23.49 -33.85 3.03
N PHE A 529 -24.41 -32.96 3.39
CA PHE A 529 -25.05 -32.99 4.70
C PHE A 529 -26.55 -32.79 4.54
N SER A 530 -27.32 -33.52 5.35
CA SER A 530 -28.77 -33.50 5.32
C SER A 530 -29.30 -33.10 6.68
N HIS A 531 -30.30 -32.23 6.70
CA HIS A 531 -30.88 -31.76 7.95
C HIS A 531 -32.40 -31.75 7.83
N PRO A 532 -33.11 -32.31 8.81
CA PRO A 532 -32.62 -32.92 10.06
C PRO A 532 -31.88 -34.23 9.85
N ASN A 533 -30.86 -34.50 10.67
CA ASN A 533 -30.12 -35.75 10.62
C ASN A 533 -30.62 -36.62 11.76
N ARG A 534 -31.50 -37.58 11.44
CA ARG A 534 -32.11 -38.39 12.49
C ARG A 534 -31.14 -39.44 13.02
N ASP A 535 -30.18 -39.85 12.19
CA ASP A 535 -29.17 -40.88 12.44
C ASP A 535 -28.73 -40.89 13.90
N PRO A 536 -28.83 -42.04 14.58
CA PRO A 536 -28.39 -42.08 15.99
C PRO A 536 -26.89 -41.97 16.16
N MET A 537 -26.12 -42.34 15.14
CA MET A 537 -24.66 -42.30 15.19
C MET A 537 -24.16 -41.14 14.34
N ILE A 538 -24.38 -39.93 14.84
CA ILE A 538 -24.02 -38.73 14.09
C ILE A 538 -22.50 -38.60 14.04
N ASP A 539 -21.96 -38.49 12.84
CA ASP A 539 -20.52 -38.27 12.65
C ASP A 539 -20.36 -37.36 11.44
N ASN A 540 -19.99 -36.11 11.69
CA ASN A 540 -19.80 -35.12 10.63
C ASN A 540 -18.40 -35.17 10.02
N ASN A 541 -17.59 -36.17 10.38
CA ASN A 541 -16.30 -36.37 9.75
C ASN A 541 -16.47 -37.05 8.40
N ARG A 542 -15.51 -36.83 7.50
CA ARG A 542 -15.64 -37.37 6.16
C ARG A 542 -14.28 -37.75 5.59
N TYR A 543 -14.23 -38.82 4.80
CA TYR A 543 -13.05 -39.20 4.02
C TYR A 543 -13.50 -39.48 2.60
N CYS A 544 -13.24 -38.53 1.69
CA CYS A 544 -13.65 -38.64 0.30
C CYS A 544 -12.44 -38.76 -0.61
N THR A 545 -12.64 -39.47 -1.72
CA THR A 545 -11.60 -39.65 -2.73
C THR A 545 -12.19 -39.30 -4.08
N LEU A 546 -11.52 -38.41 -4.81
CA LEU A 546 -12.02 -37.93 -6.09
C LEU A 546 -10.99 -38.18 -7.18
N GLU A 547 -11.46 -38.73 -8.30
CA GLU A 547 -10.64 -39.01 -9.48
C GLU A 547 -11.11 -38.12 -10.62
N PHE A 548 -10.24 -37.21 -11.06
CA PHE A 548 -10.54 -36.22 -12.09
C PHE A 548 -9.78 -36.58 -13.36
N PRO A 549 -10.43 -37.11 -14.39
CA PRO A 549 -9.73 -37.32 -15.66
C PRO A 549 -9.34 -36.00 -16.29
N VAL A 550 -8.10 -35.95 -16.77
CA VAL A 550 -7.54 -34.73 -17.35
C VAL A 550 -7.14 -35.03 -18.79
N GLU A 551 -7.76 -34.33 -19.74
CA GLU A 551 -7.52 -34.56 -21.16
C GLU A 551 -6.59 -33.51 -21.77
N VAL A 552 -5.70 -32.92 -20.96
CA VAL A 552 -4.75 -31.91 -21.44
C VAL A 552 -3.47 -32.05 -20.64
N ASN A 553 -2.40 -31.48 -21.18
CA ASN A 553 -1.18 -31.25 -20.42
C ASN A 553 -1.32 -29.95 -19.64
N THR A 554 -0.85 -29.94 -18.39
CA THR A 554 -1.02 -28.77 -17.54
C THR A 554 -0.22 -29.00 -16.25
N VAL A 555 -0.34 -28.04 -15.33
CA VAL A 555 0.33 -28.10 -14.04
C VAL A 555 -0.71 -27.82 -12.95
N LEU A 556 -0.93 -28.80 -12.08
CA LEU A 556 -1.85 -28.64 -10.97
C LEU A 556 -1.25 -27.74 -9.90
N HIS A 557 -1.98 -26.67 -9.58
CA HIS A 557 -1.68 -25.76 -8.49
C HIS A 557 -2.69 -25.78 -7.36
N GLY A 558 -3.95 -26.08 -7.63
CA GLY A 558 -4.88 -26.12 -6.52
C GLY A 558 -6.18 -26.77 -6.87
N PHE A 559 -7.16 -26.57 -5.99
CA PHE A 559 -8.50 -27.10 -6.20
C PHE A 559 -9.52 -26.03 -5.90
N ALA A 560 -10.35 -25.71 -6.88
CA ALA A 560 -11.48 -24.81 -6.66
C ALA A 560 -12.61 -25.55 -5.97
N GLY A 561 -13.33 -24.82 -5.12
CA GLY A 561 -14.43 -25.37 -4.37
C GLY A 561 -15.69 -24.52 -4.39
N TYR A 562 -16.82 -25.19 -4.62
CA TYR A 562 -18.13 -24.57 -4.76
C TYR A 562 -19.13 -25.37 -3.92
N PHE A 563 -20.41 -24.99 -3.99
CA PHE A 563 -21.41 -25.74 -3.24
C PHE A 563 -22.76 -25.63 -3.93
N GLU A 564 -23.61 -26.62 -3.64
CA GLU A 564 -25.03 -26.61 -3.99
C GLU A 564 -25.82 -26.85 -2.72
N THR A 565 -27.02 -26.29 -2.65
CA THR A 565 -27.86 -26.53 -1.48
C THR A 565 -29.32 -26.59 -1.89
N VAL A 566 -30.02 -27.55 -1.31
CA VAL A 566 -31.46 -27.70 -1.47
C VAL A 566 -32.11 -27.00 -0.29
N LEU A 567 -32.77 -25.86 -0.57
CA LEU A 567 -33.55 -25.16 0.44
C LEU A 567 -34.86 -25.90 0.72
N TYR A 568 -35.59 -26.24 -0.34
CA TYR A 568 -36.82 -27.00 -0.19
C TYR A 568 -37.17 -27.59 -1.54
N GLN A 569 -37.07 -28.92 -1.66
CA GLN A 569 -37.49 -29.65 -2.86
C GLN A 569 -36.81 -29.14 -4.13
N ASP A 570 -37.52 -28.34 -4.92
CA ASP A 570 -36.97 -27.88 -6.20
C ASP A 570 -36.48 -26.44 -6.14
N ILE A 571 -36.33 -25.87 -4.96
CA ILE A 571 -35.69 -24.57 -4.79
C ILE A 571 -34.29 -24.81 -4.23
N THR A 572 -33.28 -24.41 -5.00
CA THR A 572 -31.89 -24.68 -4.65
C THR A 572 -31.03 -23.47 -4.97
N LEU A 573 -29.84 -23.46 -4.39
CA LEU A 573 -28.83 -22.44 -4.66
C LEU A 573 -27.53 -23.13 -5.07
N SER A 574 -26.73 -22.41 -5.86
CA SER A 574 -25.48 -22.96 -6.35
C SER A 574 -24.57 -21.84 -6.85
N ILE A 575 -23.30 -21.94 -6.51
CA ILE A 575 -22.24 -21.15 -7.13
C ILE A 575 -21.40 -21.97 -8.08
N ARG A 576 -21.66 -23.27 -8.18
CA ARG A 576 -21.00 -24.15 -9.13
C ARG A 576 -21.17 -23.60 -10.55
N PRO A 577 -20.08 -23.46 -11.32
CA PRO A 577 -20.19 -22.79 -12.63
C PRO A 577 -21.23 -23.38 -13.56
N GLU A 578 -21.43 -24.69 -13.54
CA GLU A 578 -22.42 -25.30 -14.43
C GLU A 578 -23.83 -24.97 -13.99
N THR A 579 -24.11 -25.11 -12.69
CA THR A 579 -25.46 -24.95 -12.16
C THR A 579 -25.64 -23.64 -11.42
N HIS A 580 -24.81 -22.64 -11.71
CA HIS A 580 -24.79 -21.39 -10.97
C HIS A 580 -26.16 -20.73 -10.91
N SER A 581 -26.60 -20.39 -9.71
CA SER A 581 -27.78 -19.57 -9.54
C SER A 581 -27.50 -18.19 -10.15
N PRO A 582 -28.26 -17.76 -11.16
CA PRO A 582 -27.84 -16.60 -11.95
C PRO A 582 -28.14 -15.29 -11.24
N GLY A 583 -27.19 -14.36 -11.32
CA GLY A 583 -27.33 -13.07 -10.72
C GLY A 583 -27.04 -13.00 -9.23
N MET A 584 -26.55 -14.09 -8.64
CA MET A 584 -26.33 -14.18 -7.21
C MET A 584 -24.85 -14.03 -6.92
N PHE A 585 -24.49 -13.01 -6.14
CA PHE A 585 -23.10 -12.71 -5.83
C PHE A 585 -22.85 -12.71 -4.33
N SER A 586 -23.52 -13.63 -3.61
CA SER A 586 -23.29 -13.73 -2.17
C SER A 586 -21.99 -14.43 -1.83
N TRP A 587 -21.60 -15.43 -2.61
CA TRP A 587 -20.39 -16.20 -2.37
C TRP A 587 -19.45 -16.11 -3.57
N PHE A 588 -18.17 -16.24 -3.28
CA PHE A 588 -17.12 -16.51 -4.25
C PHE A 588 -16.62 -17.93 -4.08
N PRO A 589 -15.88 -18.48 -5.04
CA PRO A 589 -15.34 -19.83 -4.86
C PRO A 589 -14.24 -19.85 -3.79
N ILE A 590 -14.01 -21.04 -3.24
CA ILE A 590 -12.92 -21.26 -2.30
C ILE A 590 -11.78 -21.93 -3.04
N LEU A 591 -10.57 -21.82 -2.51
CA LEU A 591 -9.39 -22.40 -3.15
C LEU A 591 -8.56 -23.15 -2.13
N PHE A 592 -8.33 -24.44 -2.40
CA PHE A 592 -7.40 -25.23 -1.60
C PHE A 592 -6.10 -25.39 -2.36
N PRO A 593 -5.02 -24.74 -1.97
CA PRO A 593 -3.77 -24.85 -2.71
C PRO A 593 -2.98 -26.10 -2.30
N ILE A 594 -1.89 -26.32 -3.03
CA ILE A 594 -0.92 -27.36 -2.70
C ILE A 594 0.48 -26.74 -2.75
N LYS A 595 1.37 -27.28 -1.91
CA LYS A 595 2.69 -26.69 -1.76
C LYS A 595 3.49 -26.75 -3.06
N GLN A 596 3.68 -27.96 -3.58
CA GLN A 596 4.47 -28.12 -4.80
C GLN A 596 3.55 -28.34 -5.99
N PRO A 597 3.73 -27.61 -7.08
CA PRO A 597 2.92 -27.86 -8.28
C PRO A 597 3.21 -29.23 -8.86
N ILE A 598 2.23 -29.79 -9.56
CA ILE A 598 2.32 -31.17 -10.04
C ILE A 598 2.04 -31.21 -11.53
N THR A 599 3.01 -31.69 -12.31
CA THR A 599 2.79 -31.83 -13.75
C THR A 599 1.78 -32.93 -14.04
N VAL A 600 0.89 -32.68 -15.00
CA VAL A 600 -0.13 -33.65 -15.40
C VAL A 600 -0.15 -33.70 -16.93
N ARG A 601 0.13 -34.87 -17.48
CA ARG A 601 0.11 -35.05 -18.92
C ARG A 601 -1.28 -35.46 -19.38
N GLU A 602 -1.58 -35.18 -20.66
CA GLU A 602 -2.88 -35.48 -21.23
C GLU A 602 -3.24 -36.95 -21.01
N GLY A 603 -4.48 -37.19 -20.61
CA GLY A 603 -4.97 -38.53 -20.37
C GLY A 603 -4.83 -39.01 -18.94
N GLN A 604 -3.90 -38.44 -18.18
CA GLN A 604 -3.72 -38.84 -16.79
C GLN A 604 -4.92 -38.43 -15.96
N THR A 605 -5.02 -39.02 -14.77
CA THR A 605 -6.11 -38.77 -13.84
C THR A 605 -5.55 -38.23 -12.53
N ILE A 606 -6.13 -37.14 -12.05
CA ILE A 606 -5.74 -36.55 -10.77
C ILE A 606 -6.57 -37.19 -9.67
N CYS A 607 -5.92 -37.93 -8.79
CA CYS A 607 -6.60 -38.50 -7.62
C CYS A 607 -6.23 -37.66 -6.41
N VAL A 608 -7.26 -37.01 -5.83
CA VAL A 608 -7.13 -36.16 -4.64
C VAL A 608 -7.96 -36.80 -3.52
N ARG A 609 -7.52 -36.56 -2.28
CA ARG A 609 -8.18 -37.09 -1.10
C ARG A 609 -8.51 -35.94 -0.17
N PHE A 610 -9.69 -35.99 0.46
CA PHE A 610 -10.11 -34.93 1.36
C PHE A 610 -10.67 -35.52 2.64
N TRP A 611 -10.37 -34.87 3.76
CA TRP A 611 -10.90 -35.26 5.07
C TRP A 611 -11.56 -34.06 5.72
N ARG A 612 -12.73 -34.28 6.29
CA ARG A 612 -13.30 -33.34 7.26
C ARG A 612 -13.10 -33.94 8.64
N CYS A 613 -12.30 -33.27 9.47
CA CYS A 613 -11.90 -33.74 10.78
C CYS A 613 -12.35 -32.76 11.84
N SER A 614 -12.38 -33.21 13.10
CA SER A 614 -12.91 -32.39 14.17
C SER A 614 -12.50 -32.96 15.52
N ASN A 615 -12.61 -32.12 16.54
CA ASN A 615 -12.58 -32.55 17.93
C ASN A 615 -13.60 -31.71 18.69
N SER A 616 -13.43 -31.62 20.01
CA SER A 616 -14.40 -30.89 20.81
C SER A 616 -14.39 -29.40 20.50
N LYS A 617 -13.25 -28.88 20.04
CA LYS A 617 -13.07 -27.44 19.89
C LYS A 617 -12.97 -26.98 18.45
N LYS A 618 -12.36 -27.79 17.56
CA LYS A 618 -12.05 -27.35 16.21
C LYS A 618 -12.66 -28.27 15.18
N VAL A 619 -12.83 -27.73 13.97
CA VAL A 619 -13.12 -28.49 12.77
C VAL A 619 -12.14 -28.00 11.69
N TRP A 620 -11.69 -28.92 10.84
CA TRP A 620 -10.73 -28.54 9.82
C TRP A 620 -10.72 -29.58 8.71
N TYR A 621 -10.12 -29.19 7.58
CA TYR A 621 -9.94 -30.08 6.45
C TYR A 621 -8.47 -30.45 6.28
N GLU A 622 -8.22 -31.68 5.87
CA GLU A 622 -6.92 -32.09 5.35
C GLU A 622 -7.11 -32.59 3.92
N TRP A 623 -6.05 -32.53 3.13
CA TRP A 623 -6.16 -32.98 1.75
C TRP A 623 -4.79 -33.33 1.20
N ALA A 624 -4.81 -34.17 0.17
CA ALA A 624 -3.59 -34.66 -0.46
C ALA A 624 -3.91 -35.16 -1.85
N VAL A 625 -2.96 -34.95 -2.77
CA VAL A 625 -3.03 -35.54 -4.11
C VAL A 625 -2.28 -36.86 -4.08
N THR A 626 -2.93 -37.93 -4.54
CA THR A 626 -2.29 -39.23 -4.64
C THR A 626 -2.03 -39.66 -6.07
N ALA A 627 -2.59 -38.99 -7.07
CA ALA A 627 -2.22 -39.33 -8.44
C ALA A 627 -2.30 -38.09 -9.31
N PRO A 628 -1.45 -37.97 -10.35
CA PRO A 628 -0.48 -38.94 -10.88
C PRO A 628 0.73 -39.14 -9.96
N VAL A 629 0.95 -38.20 -9.05
CA VAL A 629 2.03 -38.29 -8.06
C VAL A 629 1.44 -37.97 -6.70
N CYS A 630 2.21 -38.26 -5.66
CA CYS A 630 1.78 -37.97 -4.30
C CYS A 630 2.28 -36.61 -3.86
N SER A 631 1.41 -35.85 -3.21
CA SER A 631 1.78 -34.64 -2.52
C SER A 631 1.98 -34.97 -1.03
N ALA A 632 2.26 -33.94 -0.25
CA ALA A 632 2.19 -34.10 1.19
C ALA A 632 0.75 -33.92 1.66
N ILE A 633 0.46 -34.42 2.83
CA ILE A 633 -0.84 -34.20 3.45
C ILE A 633 -0.89 -32.78 3.97
N HIS A 634 -1.91 -32.03 3.56
CA HIS A 634 -1.98 -30.60 3.84
C HIS A 634 -2.82 -30.33 5.08
N ASN A 635 -2.35 -29.36 5.87
CA ASN A 635 -2.95 -28.99 7.14
C ASN A 635 -3.22 -30.21 8.04
N PRO A 636 -2.20 -31.03 8.32
CA PRO A 636 -2.42 -32.14 9.24
C PRO A 636 -2.63 -31.63 10.66
N THR A 637 -3.55 -32.28 11.37
CA THR A 637 -3.96 -31.87 12.72
C THR A 637 -4.46 -30.43 12.76
N GLY A 638 -4.90 -29.89 11.62
CA GLY A 638 -5.31 -28.50 11.54
C GLY A 638 -4.21 -27.54 11.97
N ARG A 639 -2.96 -27.97 11.87
CA ARG A 639 -1.85 -27.19 12.41
C ARG A 639 -1.77 -25.80 11.80
N SER A 640 -2.23 -25.65 10.56
CA SER A 640 -2.20 -24.36 9.89
C SER A 640 -3.57 -23.72 9.74
N TYR A 641 -4.65 -24.50 9.79
CA TYR A 641 -5.99 -23.93 9.62
C TYR A 641 -6.98 -24.75 10.42
N THR A 642 -7.64 -24.11 11.38
CA THR A 642 -8.75 -24.70 12.10
C THR A 642 -9.95 -23.77 12.03
N ILE A 643 -11.14 -24.35 12.03
CA ILE A 643 -12.39 -23.61 12.09
C ILE A 643 -12.93 -23.72 13.50
N GLY A 644 -13.09 -22.58 14.17
CA GLY A 644 -13.44 -22.59 15.58
C GLY A 644 -14.90 -22.91 15.86
N LEU A 645 -15.13 -23.93 16.67
CA LEU A 645 -16.47 -24.23 17.17
C LEU A 645 -16.81 -23.30 18.34
N MET B 35 29.40 13.85 -40.60
CA MET B 35 29.05 12.49 -40.99
C MET B 35 28.90 11.59 -39.78
N GLU B 36 27.96 10.65 -39.86
CA GLU B 36 27.76 9.70 -38.78
C GLU B 36 28.98 8.81 -38.62
N ARG B 37 29.26 8.41 -37.38
CA ARG B 37 30.53 7.79 -37.06
C ARG B 37 30.65 6.38 -37.62
N GLN B 38 29.56 5.62 -37.65
CA GLN B 38 29.62 4.19 -37.97
C GLN B 38 29.42 3.99 -39.46
N LEU B 39 30.51 3.74 -40.18
CA LEU B 39 30.44 3.46 -41.62
C LEU B 39 30.05 2.02 -41.83
N GLU B 40 28.97 1.79 -42.59
CA GLU B 40 28.41 0.46 -42.75
C GLU B 40 28.74 -0.19 -44.08
N ALA B 41 28.80 0.57 -45.17
CA ALA B 41 28.99 -0.03 -46.48
C ALA B 41 29.92 0.80 -47.34
N ALA B 42 30.64 0.11 -48.24
CA ALA B 42 31.59 0.78 -49.12
C ALA B 42 31.67 -0.02 -50.43
N ARG B 43 31.14 0.55 -51.52
CA ARG B 43 31.08 -0.16 -52.79
C ARG B 43 31.71 0.69 -53.89
N TYR B 44 32.60 0.09 -54.68
CA TYR B 44 33.24 0.76 -55.80
C TYR B 44 32.40 0.62 -57.06
N ARG B 45 32.24 1.74 -57.77
CA ARG B 45 31.61 1.69 -59.08
C ARG B 45 32.65 1.33 -60.14
N SER B 46 32.17 0.90 -61.31
CA SER B 46 33.06 0.40 -62.34
C SER B 46 34.07 1.45 -62.77
N ASP B 47 33.69 2.72 -62.77
CA ASP B 47 34.58 3.77 -63.20
C ASP B 47 35.50 4.28 -62.09
N GLY B 48 35.47 3.66 -60.91
CA GLY B 48 36.38 4.03 -59.84
C GLY B 48 35.80 4.93 -58.76
N ALA B 49 34.52 5.29 -58.85
CA ALA B 49 33.91 6.14 -57.84
C ALA B 49 33.50 5.30 -56.64
N LEU B 50 33.59 5.89 -55.44
CA LEU B 50 33.36 5.14 -54.21
C LEU B 50 32.06 5.59 -53.55
N LEU B 51 31.21 4.62 -53.21
CA LEU B 51 29.94 4.87 -52.53
C LEU B 51 30.05 4.40 -51.09
N LEU B 52 29.58 5.25 -50.17
CA LEU B 52 29.67 5.00 -48.75
C LEU B 52 28.30 5.10 -48.10
N GLY B 53 28.04 4.20 -47.16
CA GLY B 53 26.82 4.24 -46.37
C GLY B 53 27.14 4.20 -44.89
N ALA B 54 26.68 5.22 -44.16
CA ALA B 54 27.03 5.41 -42.76
C ALA B 54 25.78 5.43 -41.89
N SER B 55 25.93 4.98 -40.66
CA SER B 55 24.87 5.00 -39.66
C SER B 55 25.35 5.70 -38.40
N SER B 56 24.40 6.17 -37.61
CA SER B 56 24.69 6.68 -36.27
C SER B 56 24.03 5.73 -35.29
N LEU B 57 24.85 4.99 -34.55
CA LEU B 57 24.36 3.98 -33.63
C LEU B 57 24.41 4.45 -32.17
N SER B 58 24.71 5.72 -31.93
CA SER B 58 24.70 6.27 -30.59
C SER B 58 24.38 7.75 -30.70
N GLY B 59 24.12 8.38 -29.56
CA GLY B 59 23.77 9.78 -29.55
C GLY B 59 22.28 9.99 -29.72
N ARG B 60 21.91 11.27 -29.65
CA ARG B 60 20.50 11.66 -29.69
C ARG B 60 19.82 11.15 -30.96
N CYS B 61 20.48 11.30 -32.10
CA CYS B 61 19.88 10.97 -33.39
C CYS B 61 20.46 9.66 -33.92
N TRP B 62 19.59 8.69 -34.20
CA TRP B 62 19.98 7.41 -34.79
C TRP B 62 19.55 7.43 -36.25
N ALA B 63 20.40 7.98 -37.11
CA ALA B 63 20.06 8.11 -38.52
C ALA B 63 21.15 7.52 -39.42
N GLY B 64 21.05 7.77 -40.71
CA GLY B 64 22.05 7.30 -41.65
C GLY B 64 22.23 8.28 -42.80
N SER B 65 23.19 7.95 -43.68
CA SER B 65 23.52 8.85 -44.76
C SER B 65 24.27 8.11 -45.86
N LEU B 66 24.15 8.63 -47.08
CA LEU B 66 24.82 8.10 -48.26
C LEU B 66 25.76 9.15 -48.82
N TRP B 67 26.93 8.72 -49.30
CA TRP B 67 27.92 9.65 -49.79
C TRP B 67 28.61 9.08 -51.04
N LEU B 68 28.90 9.95 -52.00
CA LEU B 68 29.58 9.56 -53.24
C LEU B 68 30.86 10.39 -53.36
N PHE B 69 31.98 9.69 -53.45
CA PHE B 69 33.31 10.29 -53.59
C PHE B 69 33.89 9.86 -54.94
N LYS B 70 33.96 10.81 -55.88
CA LYS B 70 34.72 10.60 -57.10
C LYS B 70 36.22 10.70 -56.88
N ASP B 71 36.64 11.15 -55.71
CA ASP B 71 38.02 11.00 -55.25
C ASP B 71 38.02 9.95 -54.15
N PRO B 72 38.61 8.78 -54.37
CA PRO B 72 38.57 7.75 -53.32
C PRO B 72 39.44 8.07 -52.12
N CYS B 73 40.56 8.77 -52.33
CA CYS B 73 41.46 9.14 -51.24
C CYS B 73 40.92 10.29 -50.40
N ALA B 74 39.89 11.00 -50.89
CA ALA B 74 39.32 12.11 -50.15
C ALA B 74 38.36 11.66 -49.06
N ALA B 75 37.84 10.43 -49.14
CA ALA B 75 36.99 9.91 -48.09
C ALA B 75 37.82 9.68 -46.83
N PRO B 76 37.22 9.83 -45.64
CA PRO B 76 35.80 10.07 -45.34
C PRO B 76 35.37 11.54 -45.28
N ASN B 77 36.28 12.49 -45.48
CA ASN B 77 35.98 13.90 -45.24
C ASN B 77 34.78 14.37 -46.06
N GLU B 78 33.76 14.90 -45.38
CA GLU B 78 32.52 15.27 -46.05
C GLU B 78 32.71 16.44 -47.01
N GLY B 79 33.63 17.35 -46.70
CA GLY B 79 33.77 18.54 -47.52
C GLY B 79 34.21 18.23 -48.94
N PHE B 80 35.04 17.21 -49.11
CA PHE B 80 35.61 16.87 -50.41
C PHE B 80 34.84 15.75 -51.08
N CYS B 81 33.51 15.82 -51.06
CA CYS B 81 32.69 14.74 -51.61
C CYS B 81 31.98 15.20 -52.89
N SER B 82 31.61 14.22 -53.71
CA SER B 82 30.89 14.48 -54.94
C SER B 82 29.38 14.52 -54.75
N ALA B 83 28.86 13.83 -53.73
CA ALA B 83 27.43 13.91 -53.42
C ALA B 83 27.20 13.34 -52.02
N GLY B 84 26.05 13.69 -51.46
CA GLY B 84 25.68 13.18 -50.15
C GLY B 84 24.22 13.46 -49.83
N VAL B 85 23.65 12.61 -48.98
CA VAL B 85 22.24 12.74 -48.62
C VAL B 85 22.03 12.13 -47.23
N GLN B 86 21.05 12.67 -46.52
CA GLN B 86 20.70 12.26 -45.16
C GLN B 86 19.40 11.47 -45.20
N THR B 87 19.41 10.28 -44.59
CA THR B 87 18.21 9.47 -44.52
C THR B 87 17.52 9.64 -43.18
N GLU B 88 16.22 9.37 -43.17
CA GLU B 88 15.45 9.32 -41.93
C GLU B 88 16.11 8.38 -40.92
N ALA B 89 16.45 7.17 -41.36
CA ALA B 89 16.94 6.12 -40.48
C ALA B 89 18.25 5.57 -41.01
N GLY B 90 18.94 4.83 -40.14
CA GLY B 90 20.25 4.30 -40.49
C GLY B 90 20.19 3.28 -41.61
N VAL B 91 21.38 2.84 -42.02
CA VAL B 91 21.54 1.96 -43.16
C VAL B 91 22.24 0.69 -42.69
N ALA B 92 21.65 -0.47 -42.99
CA ALA B 92 22.23 -1.73 -42.54
C ALA B 92 23.08 -2.38 -43.62
N ASP B 93 22.54 -2.51 -44.83
CA ASP B 93 23.29 -3.01 -45.97
C ASP B 93 22.98 -2.11 -47.17
N LEU B 94 23.79 -2.25 -48.21
CA LEU B 94 23.80 -1.27 -49.30
C LEU B 94 24.42 -1.88 -50.53
N THR B 95 23.91 -1.52 -51.71
CA THR B 95 24.45 -2.07 -52.95
C THR B 95 24.08 -1.16 -54.12
N TRP B 96 24.94 -1.17 -55.14
CA TRP B 96 24.69 -0.42 -56.36
C TRP B 96 23.55 -1.03 -57.16
N VAL B 97 22.94 -0.22 -58.00
CA VAL B 97 22.03 -0.71 -59.05
C VAL B 97 22.56 -0.20 -60.38
N GLY B 98 23.56 -0.88 -60.93
CA GLY B 98 24.19 -0.44 -62.16
C GLY B 98 25.15 0.72 -61.95
N GLU B 99 24.72 1.92 -62.29
CA GLU B 99 25.56 3.11 -62.22
C GLU B 99 24.89 4.28 -61.53
N ARG B 100 23.57 4.44 -61.68
CA ARG B 100 22.87 5.55 -61.07
C ARG B 100 21.98 5.14 -59.90
N GLY B 101 21.79 3.85 -59.66
CA GLY B 101 20.88 3.37 -58.64
C GLY B 101 21.62 2.97 -57.38
N ILE B 102 20.98 3.21 -56.24
CA ILE B 102 21.55 2.87 -54.93
C ILE B 102 20.44 2.23 -54.10
N LEU B 103 20.61 0.95 -53.75
CA LEU B 103 19.59 0.22 -53.02
C LEU B 103 20.00 0.12 -51.55
N VAL B 104 19.12 0.55 -50.65
CA VAL B 104 19.42 0.70 -49.23
C VAL B 104 18.44 -0.14 -48.43
N ALA B 105 18.96 -0.86 -47.44
CA ALA B 105 18.14 -1.60 -46.49
C ALA B 105 18.12 -0.82 -45.18
N SER B 106 16.98 -0.19 -44.86
CA SER B 106 16.97 0.75 -43.75
C SER B 106 16.45 0.10 -42.47
N ASP B 107 16.85 0.68 -41.33
CA ASP B 107 16.34 0.22 -40.04
C ASP B 107 14.83 0.36 -39.96
N SER B 108 14.26 1.27 -40.76
CA SER B 108 12.83 1.52 -40.73
C SER B 108 12.00 0.30 -41.10
N GLY B 109 12.62 -0.78 -41.56
CA GLY B 109 11.89 -1.85 -42.18
C GLY B 109 11.64 -1.64 -43.66
N ALA B 110 12.18 -0.56 -44.22
CA ALA B 110 11.94 -0.21 -45.61
C ALA B 110 13.11 -0.60 -46.50
N VAL B 111 12.80 -0.84 -47.76
CA VAL B 111 13.79 -0.86 -48.81
C VAL B 111 13.68 0.46 -49.55
N GLU B 112 14.77 1.21 -49.61
CA GLU B 112 14.79 2.51 -50.26
C GLU B 112 15.65 2.43 -51.53
N LEU B 113 15.12 2.91 -52.63
CA LEU B 113 15.91 3.04 -53.85
C LEU B 113 16.14 4.52 -54.13
N TRP B 114 17.41 4.90 -54.18
CA TRP B 114 17.86 6.27 -54.38
C TRP B 114 18.46 6.38 -55.78
N GLU B 115 17.84 7.20 -56.62
CA GLU B 115 18.37 7.49 -57.94
C GLU B 115 19.40 8.60 -57.87
N LEU B 116 20.40 8.54 -58.74
CA LEU B 116 21.42 9.57 -58.81
C LEU B 116 20.99 10.67 -59.76
N ASP B 117 21.58 11.86 -59.57
CA ASP B 117 21.19 13.03 -60.32
C ASP B 117 21.82 13.03 -61.71
N GLU B 118 21.18 13.76 -62.63
CA GLU B 118 21.70 13.90 -64.00
C GLU B 118 23.14 14.37 -64.01
N ASN B 119 23.48 15.30 -63.11
CA ASN B 119 24.84 15.80 -62.99
C ASN B 119 25.70 14.96 -62.06
N GLU B 120 25.12 13.99 -61.36
CA GLU B 120 25.80 13.25 -60.30
C GLU B 120 26.30 14.20 -59.22
N THR B 121 25.42 15.10 -58.79
CA THR B 121 25.65 16.00 -57.67
C THR B 121 24.68 15.78 -56.53
N LEU B 122 23.43 15.42 -56.83
CA LEU B 122 22.40 15.17 -55.84
C LEU B 122 22.06 13.69 -55.80
N ILE B 123 21.41 13.29 -54.71
CA ILE B 123 20.90 11.94 -54.54
C ILE B 123 19.43 12.04 -54.14
N VAL B 124 18.56 11.37 -54.88
CA VAL B 124 17.11 11.52 -54.73
C VAL B 124 16.47 10.17 -54.51
N SER B 125 15.46 10.13 -53.64
CA SER B 125 14.77 8.90 -53.30
C SER B 125 13.78 8.55 -54.41
N LYS B 126 14.10 7.54 -55.21
CA LYS B 126 13.17 7.07 -56.23
C LYS B 126 11.98 6.37 -55.59
N PHE B 127 12.23 5.47 -54.65
CA PHE B 127 11.13 4.94 -53.86
C PHE B 127 11.62 4.54 -52.47
N CYS B 128 10.66 4.22 -51.61
CA CYS B 128 10.95 3.77 -50.25
C CYS B 128 9.76 2.99 -49.72
N LYS B 129 9.81 1.67 -49.72
CA LYS B 129 8.63 0.86 -49.42
C LYS B 129 8.79 0.17 -48.06
N TYR B 130 7.75 0.28 -47.23
CA TYR B 130 7.70 -0.37 -45.92
C TYR B 130 6.91 -1.66 -46.05
N GLU B 131 7.60 -2.73 -46.44
CA GLU B 131 6.98 -4.02 -46.57
C GLU B 131 7.50 -5.06 -45.59
N HIS B 132 8.78 -4.96 -45.21
CA HIS B 132 9.27 -5.77 -44.11
C HIS B 132 8.72 -5.24 -42.78
N ASP B 133 8.58 -6.14 -41.82
CA ASP B 133 8.07 -5.78 -40.50
C ASP B 133 9.17 -5.40 -39.52
N ASP B 134 10.43 -5.66 -39.85
CA ASP B 134 11.54 -5.35 -38.96
C ASP B 134 12.72 -4.94 -39.81
N ILE B 135 13.77 -4.45 -39.15
CA ILE B 135 15.02 -4.02 -39.76
C ILE B 135 15.41 -4.88 -40.96
N VAL B 136 15.50 -4.26 -42.14
CA VAL B 136 16.03 -4.95 -43.30
C VAL B 136 17.55 -5.02 -43.17
N SER B 137 18.08 -6.23 -43.07
CA SER B 137 19.47 -6.41 -42.68
C SER B 137 20.40 -6.68 -43.86
N THR B 138 19.89 -7.12 -45.01
CA THR B 138 20.77 -7.47 -46.12
C THR B 138 19.99 -7.36 -47.42
N VAL B 139 20.72 -7.00 -48.49
CA VAL B 139 20.15 -6.86 -49.83
C VAL B 139 21.23 -7.22 -50.85
N SER B 140 20.77 -7.61 -52.04
CA SER B 140 21.67 -7.89 -53.15
C SER B 140 20.87 -7.82 -54.44
N VAL B 141 21.55 -7.43 -55.53
CA VAL B 141 20.93 -7.29 -56.83
C VAL B 141 21.22 -8.54 -57.66
N LEU B 142 20.23 -8.96 -58.44
CA LEU B 142 20.33 -10.20 -59.20
C LEU B 142 21.08 -9.96 -60.51
N SER B 143 21.18 -11.02 -61.31
CA SER B 143 21.92 -10.94 -62.57
C SER B 143 21.25 -9.98 -63.53
N SER B 144 19.91 -9.96 -63.56
CA SER B 144 19.20 -9.15 -64.53
C SER B 144 19.30 -7.67 -64.23
N GLY B 145 19.58 -7.30 -62.98
CA GLY B 145 19.67 -5.90 -62.64
C GLY B 145 18.36 -5.15 -62.59
N THR B 146 17.26 -5.80 -62.97
CA THR B 146 15.93 -5.21 -62.82
C THR B 146 15.21 -5.74 -61.59
N GLN B 147 15.84 -6.61 -60.82
CA GLN B 147 15.24 -7.20 -59.64
C GLN B 147 16.28 -7.30 -58.53
N ALA B 148 15.79 -7.41 -57.30
CA ALA B 148 16.68 -7.53 -56.15
C ALA B 148 16.06 -8.46 -55.11
N VAL B 149 16.87 -8.88 -54.16
CA VAL B 149 16.43 -9.76 -53.09
C VAL B 149 16.81 -9.12 -51.75
N SER B 150 15.90 -9.19 -50.79
CA SER B 150 16.13 -8.56 -49.49
C SER B 150 15.85 -9.54 -48.36
N GLY B 151 16.62 -9.43 -47.29
CA GLY B 151 16.39 -10.22 -46.09
C GLY B 151 16.30 -9.34 -44.86
N SER B 152 15.35 -9.64 -43.97
CA SER B 152 15.10 -8.78 -42.82
C SER B 152 15.09 -9.61 -41.54
N LYS B 153 15.19 -8.89 -40.41
CA LYS B 153 15.06 -9.52 -39.11
C LYS B 153 13.66 -10.05 -38.85
N ASP B 154 12.69 -9.74 -39.70
CA ASP B 154 11.35 -10.29 -39.59
C ASP B 154 11.26 -11.71 -40.14
N ILE B 155 12.42 -12.30 -40.47
CA ILE B 155 12.59 -13.71 -40.84
C ILE B 155 12.20 -13.93 -42.30
N CYS B 156 11.68 -12.89 -42.94
CA CYS B 156 11.19 -13.03 -44.32
C CYS B 156 12.23 -12.55 -45.32
N ILE B 157 12.21 -13.19 -46.50
CA ILE B 157 12.97 -12.76 -47.67
C ILE B 157 11.97 -12.24 -48.69
N LYS B 158 12.35 -11.20 -49.43
CA LYS B 158 11.44 -10.61 -50.40
C LYS B 158 12.12 -10.38 -51.74
N VAL B 159 11.39 -10.65 -52.81
CA VAL B 159 11.86 -10.45 -54.17
C VAL B 159 11.21 -9.18 -54.72
N TRP B 160 12.03 -8.27 -55.24
CA TRP B 160 11.57 -6.95 -55.66
C TRP B 160 11.82 -6.75 -57.14
N ASP B 161 10.79 -6.28 -57.84
CA ASP B 161 10.95 -5.69 -59.17
C ASP B 161 11.27 -4.22 -58.98
N LEU B 162 12.51 -3.84 -59.30
CA LEU B 162 12.95 -2.47 -59.05
C LEU B 162 12.23 -1.47 -59.95
N ALA B 163 11.80 -1.91 -61.14
CA ALA B 163 11.10 -1.00 -62.05
C ALA B 163 9.65 -0.81 -61.64
N GLN B 164 8.92 -1.91 -61.46
CA GLN B 164 7.53 -1.81 -61.03
C GLN B 164 7.43 -1.29 -59.60
N GLN B 165 8.45 -1.52 -58.77
CA GLN B 165 8.50 -1.06 -57.39
C GLN B 165 7.44 -1.77 -56.53
N VAL B 166 7.42 -3.10 -56.59
CA VAL B 166 6.54 -3.93 -55.78
C VAL B 166 7.26 -5.20 -55.39
N VAL B 167 6.70 -5.91 -54.42
CA VAL B 167 7.20 -7.21 -54.01
C VAL B 167 6.55 -8.29 -54.88
N LEU B 168 7.38 -9.12 -55.50
CA LEU B 168 6.87 -10.21 -56.33
C LEU B 168 6.60 -11.46 -55.51
N SER B 169 7.56 -11.85 -54.67
CA SER B 169 7.43 -13.02 -53.82
C SER B 169 7.85 -12.66 -52.40
N SER B 170 7.13 -13.20 -51.42
CA SER B 170 7.45 -13.08 -50.01
C SER B 170 7.65 -14.48 -49.44
N TYR B 171 8.85 -14.76 -48.96
CA TYR B 171 9.29 -16.11 -48.60
C TYR B 171 9.59 -16.16 -47.11
N ARG B 172 8.74 -16.83 -46.34
CA ARG B 172 9.03 -17.11 -44.94
C ARG B 172 9.57 -18.53 -44.87
N ALA B 173 10.84 -18.67 -45.22
CA ALA B 173 11.49 -19.97 -45.26
C ALA B 173 12.31 -20.27 -44.01
N HIS B 174 12.88 -19.26 -43.38
CA HIS B 174 13.70 -19.47 -42.20
C HIS B 174 12.85 -19.45 -40.94
N ALA B 175 13.50 -19.80 -39.82
CA ALA B 175 12.86 -19.74 -38.51
C ALA B 175 13.45 -18.68 -37.61
N ALA B 176 14.57 -18.07 -38.00
CA ALA B 176 15.18 -16.98 -37.27
C ALA B 176 15.46 -15.85 -38.25
N GLN B 177 15.98 -14.74 -37.72
CA GLN B 177 16.24 -13.56 -38.54
C GLN B 177 17.24 -13.88 -39.64
N VAL B 178 16.97 -13.36 -40.84
CA VAL B 178 17.80 -13.61 -41.99
C VAL B 178 19.08 -12.78 -41.86
N THR B 179 20.22 -13.46 -41.82
CA THR B 179 21.50 -12.76 -41.69
C THR B 179 21.95 -12.18 -43.02
N CYS B 180 22.09 -13.02 -44.05
CA CYS B 180 22.69 -12.56 -45.29
C CYS B 180 21.97 -13.17 -46.49
N VAL B 181 21.79 -12.36 -47.54
CA VAL B 181 21.28 -12.84 -48.82
C VAL B 181 22.26 -12.42 -49.90
N ALA B 182 22.62 -13.35 -50.78
CA ALA B 182 23.59 -13.11 -51.83
C ALA B 182 23.01 -13.59 -53.16
N ALA B 183 22.74 -12.66 -54.07
CA ALA B 183 22.18 -13.03 -55.36
C ALA B 183 23.24 -13.73 -56.20
N SER B 184 22.80 -14.70 -57.00
CA SER B 184 23.73 -15.39 -57.88
C SER B 184 24.18 -14.45 -58.98
N PRO B 185 25.47 -14.44 -59.32
CA PRO B 185 25.94 -13.49 -60.35
C PRO B 185 25.40 -13.79 -61.74
N HIS B 186 25.16 -15.06 -62.06
CA HIS B 186 24.88 -15.46 -63.44
C HIS B 186 23.52 -16.10 -63.62
N LYS B 187 22.61 -15.96 -62.66
CA LYS B 187 21.27 -16.51 -62.80
C LYS B 187 20.27 -15.61 -62.09
N ASP B 188 19.16 -15.32 -62.77
CA ASP B 188 18.19 -14.37 -62.24
C ASP B 188 17.36 -14.99 -61.13
N SER B 189 16.95 -16.24 -61.30
CA SER B 189 16.02 -16.89 -60.39
C SER B 189 16.68 -17.53 -59.18
N VAL B 190 18.01 -17.46 -59.08
CA VAL B 190 18.76 -18.20 -58.06
C VAL B 190 19.48 -17.23 -57.14
N PHE B 191 19.55 -17.58 -55.86
CA PHE B 191 20.30 -16.82 -54.87
C PHE B 191 20.46 -17.66 -53.61
N LEU B 192 21.38 -17.23 -52.74
CA LEU B 192 21.66 -17.89 -51.47
C LEU B 192 21.15 -17.03 -50.31
N SER B 193 20.79 -17.71 -49.22
CA SER B 193 20.42 -17.00 -48.00
C SER B 193 20.91 -17.78 -46.79
N CYS B 194 21.20 -17.07 -45.71
CA CYS B 194 21.61 -17.73 -44.47
C CYS B 194 21.10 -16.93 -43.28
N SER B 195 20.72 -17.65 -42.23
CA SER B 195 20.00 -17.08 -41.10
C SER B 195 20.50 -17.72 -39.79
N GLU B 196 19.98 -17.19 -38.68
CA GLU B 196 20.35 -17.68 -37.36
C GLU B 196 19.63 -18.97 -36.99
N ASP B 197 18.77 -19.50 -37.85
CA ASP B 197 18.27 -20.85 -37.68
C ASP B 197 19.28 -21.89 -38.14
N ASN B 198 20.52 -21.48 -38.39
CA ASN B 198 21.63 -22.34 -38.78
C ASN B 198 21.44 -22.94 -40.17
N ARG B 199 20.59 -22.34 -40.99
CA ARG B 199 20.28 -22.86 -42.32
C ARG B 199 20.94 -22.00 -43.40
N ILE B 200 21.51 -22.66 -44.40
CA ILE B 200 21.94 -22.02 -45.64
C ILE B 200 21.07 -22.58 -46.75
N LEU B 201 20.25 -21.72 -47.35
CA LEU B 201 19.30 -22.12 -48.38
C LEU B 201 19.78 -21.66 -49.73
N LEU B 202 19.78 -22.58 -50.69
CA LEU B 202 20.01 -22.28 -52.10
C LEU B 202 18.66 -22.23 -52.81
N TRP B 203 18.40 -21.15 -53.52
CA TRP B 203 17.07 -20.85 -54.02
C TRP B 203 16.98 -21.02 -55.53
N ASP B 204 15.74 -21.04 -56.01
CA ASP B 204 15.42 -21.15 -57.43
C ASP B 204 13.94 -20.83 -57.62
N THR B 205 13.61 -19.55 -57.85
CA THR B 205 12.21 -19.14 -57.89
C THR B 205 11.41 -19.85 -58.97
N ARG B 206 12.07 -20.46 -59.96
CA ARG B 206 11.36 -21.25 -60.95
C ARG B 206 10.72 -22.47 -60.29
N CYS B 207 11.41 -23.10 -59.34
CA CYS B 207 10.90 -24.30 -58.69
C CYS B 207 9.70 -23.96 -57.80
N PRO B 208 8.84 -24.94 -57.52
CA PRO B 208 7.68 -24.67 -56.65
C PRO B 208 8.08 -24.57 -55.18
N LYS B 209 9.08 -25.34 -54.78
CA LYS B 209 9.69 -25.21 -53.46
C LYS B 209 11.08 -24.64 -53.63
N PRO B 210 11.20 -23.32 -53.79
CA PRO B 210 12.49 -22.75 -54.22
C PRO B 210 13.62 -22.96 -53.22
N ALA B 211 13.32 -23.05 -51.93
CA ALA B 211 14.38 -23.18 -50.93
C ALA B 211 14.92 -24.61 -50.92
N SER B 212 16.23 -24.73 -50.76
CA SER B 212 16.89 -26.02 -50.67
C SER B 212 18.04 -25.90 -49.68
N GLN B 213 18.05 -26.74 -48.66
CA GLN B 213 18.99 -26.63 -47.55
C GLN B 213 20.27 -27.43 -47.84
N ILE B 214 21.41 -26.84 -47.45
CA ILE B 214 22.70 -27.52 -47.55
C ILE B 214 23.62 -27.03 -46.45
N ALA B 218 27.44 -31.69 -40.85
CA ALA B 218 27.15 -31.36 -39.46
C ALA B 218 26.77 -29.90 -39.31
N PRO B 219 25.76 -29.63 -38.48
CA PRO B 219 25.40 -28.23 -38.19
C PRO B 219 26.44 -27.56 -37.31
N GLY B 220 27.33 -26.77 -37.90
CA GLY B 220 28.34 -26.05 -37.14
C GLY B 220 27.78 -24.81 -36.48
N TYR B 221 28.63 -23.80 -36.36
CA TYR B 221 28.21 -22.55 -35.78
C TYR B 221 27.54 -21.67 -36.83
N LEU B 222 26.80 -20.67 -36.36
CA LEU B 222 25.81 -20.00 -37.19
C LEU B 222 26.47 -19.38 -38.42
N PRO B 223 25.80 -19.37 -39.58
CA PRO B 223 26.37 -18.70 -40.75
C PRO B 223 26.10 -17.20 -40.69
N THR B 224 27.08 -16.43 -41.19
CA THR B 224 27.05 -14.98 -41.02
C THR B 224 27.26 -14.22 -42.33
N SER B 225 27.94 -14.83 -43.30
CA SER B 225 28.26 -14.14 -44.54
C SER B 225 28.31 -15.13 -45.68
N LEU B 226 27.90 -14.68 -46.86
CA LEU B 226 27.85 -15.51 -48.06
C LEU B 226 28.52 -14.80 -49.22
N ALA B 227 29.25 -15.56 -50.03
CA ALA B 227 29.92 -14.99 -51.20
C ALA B 227 30.01 -16.05 -52.28
N TRP B 228 29.26 -15.87 -53.37
CA TRP B 228 29.41 -16.72 -54.54
C TRP B 228 30.81 -16.60 -55.10
N HIS B 229 31.31 -17.68 -55.70
CA HIS B 229 32.54 -17.58 -56.45
C HIS B 229 32.25 -16.91 -57.79
N PRO B 230 33.10 -15.99 -58.25
CA PRO B 230 32.75 -15.20 -59.44
C PRO B 230 32.66 -16.03 -60.71
N GLN B 231 33.69 -16.81 -61.03
CA GLN B 231 33.70 -17.51 -62.32
C GLN B 231 32.95 -18.83 -62.28
N GLN B 232 32.91 -19.48 -61.12
CA GLN B 232 32.25 -20.78 -60.96
C GLN B 232 30.98 -20.55 -60.15
N SER B 233 29.84 -20.49 -60.83
CA SER B 233 28.57 -20.40 -60.13
C SER B 233 28.14 -21.74 -59.51
N GLU B 234 29.07 -22.71 -59.49
CA GLU B 234 28.83 -23.98 -58.84
C GLU B 234 29.13 -23.92 -57.34
N VAL B 235 30.06 -23.07 -56.93
CA VAL B 235 30.61 -23.10 -55.58
C VAL B 235 30.46 -21.72 -54.94
N PHE B 236 30.64 -21.68 -53.63
CA PHE B 236 30.64 -20.41 -52.89
C PHE B 236 31.38 -20.61 -51.58
N VAL B 237 31.40 -19.55 -50.76
CA VAL B 237 32.05 -19.59 -49.46
C VAL B 237 31.13 -18.95 -48.42
N PHE B 238 31.29 -19.38 -47.18
CA PHE B 238 30.52 -18.81 -46.08
C PHE B 238 31.36 -18.72 -44.82
N GLY B 239 31.21 -17.62 -44.10
CA GLY B 239 31.83 -17.47 -42.79
C GLY B 239 30.84 -17.75 -41.68
N ASP B 240 31.35 -18.14 -40.52
CA ASP B 240 30.49 -18.39 -39.38
C ASP B 240 30.76 -17.40 -38.26
N GLU B 241 29.96 -17.50 -37.20
CA GLU B 241 30.10 -16.63 -36.04
C GLU B 241 31.34 -16.97 -35.23
N ASN B 242 31.90 -18.16 -35.42
CA ASN B 242 33.09 -18.58 -34.69
C ASN B 242 34.38 -18.18 -35.37
N GLY B 243 34.31 -17.43 -36.48
CA GLY B 243 35.51 -17.01 -37.16
C GLY B 243 36.13 -18.04 -38.06
N THR B 244 35.32 -18.92 -38.64
CA THR B 244 35.81 -19.93 -39.57
C THR B 244 35.13 -19.70 -40.92
N VAL B 245 35.94 -19.70 -41.97
CA VAL B 245 35.45 -19.47 -43.34
C VAL B 245 35.56 -20.79 -44.10
N SER B 246 34.49 -21.16 -44.79
CA SER B 246 34.40 -22.47 -45.44
C SER B 246 34.04 -22.31 -46.90
N LEU B 247 34.38 -23.34 -47.67
CA LEU B 247 34.18 -23.39 -49.11
C LEU B 247 33.29 -24.58 -49.45
N VAL B 248 32.22 -24.32 -50.22
CA VAL B 248 31.19 -25.30 -50.51
C VAL B 248 31.01 -25.43 -52.01
N ASP B 249 30.81 -26.66 -52.48
CA ASP B 249 30.39 -26.95 -53.85
C ASP B 249 28.97 -27.48 -53.81
N THR B 250 28.03 -26.73 -54.40
CA THR B 250 26.63 -27.11 -54.35
C THR B 250 26.39 -28.46 -55.01
N LYS B 251 27.08 -28.72 -56.12
CA LYS B 251 26.95 -29.99 -56.83
C LYS B 251 27.40 -31.15 -55.94
N SER B 252 28.64 -31.10 -55.47
CA SER B 252 29.15 -32.13 -54.58
C SER B 252 28.47 -32.10 -53.21
N THR B 253 27.67 -31.06 -52.94
CA THR B 253 27.03 -30.80 -51.65
C THR B 253 27.88 -31.28 -50.48
N SER B 254 29.12 -30.82 -50.43
CA SER B 254 30.12 -31.32 -49.49
C SER B 254 31.10 -30.20 -49.14
N CYS B 255 31.43 -30.08 -47.85
CA CYS B 255 32.35 -29.05 -47.37
C CYS B 255 33.76 -29.51 -47.70
N VAL B 256 34.29 -29.04 -48.83
CA VAL B 256 35.60 -29.50 -49.27
C VAL B 256 36.70 -28.96 -48.37
N LEU B 257 36.55 -27.74 -47.87
CA LEU B 257 37.63 -27.11 -47.13
C LEU B 257 37.07 -26.00 -46.25
N SER B 258 37.83 -25.69 -45.20
CA SER B 258 37.51 -24.57 -44.32
C SER B 258 38.77 -24.22 -43.53
N SER B 259 38.80 -22.99 -43.01
CA SER B 259 39.98 -22.49 -42.32
C SER B 259 39.55 -21.52 -41.22
N ALA B 260 40.27 -21.56 -40.09
CA ALA B 260 39.99 -20.69 -38.95
C ALA B 260 40.76 -19.39 -39.16
N VAL B 261 40.11 -18.43 -39.80
CA VAL B 261 40.80 -17.19 -40.16
C VAL B 261 40.75 -16.20 -39.00
N HIS B 262 39.56 -15.91 -38.50
CA HIS B 262 39.37 -14.87 -37.51
C HIS B 262 39.10 -15.46 -36.14
N SER B 263 39.40 -14.67 -35.11
CA SER B 263 39.07 -15.04 -33.74
C SER B 263 37.62 -14.74 -33.39
N GLN B 264 36.90 -14.01 -34.24
CA GLN B 264 35.53 -13.62 -33.94
C GLN B 264 34.70 -13.73 -35.22
N CYS B 265 33.43 -13.32 -35.10
CA CYS B 265 32.45 -13.48 -36.16
C CYS B 265 32.92 -12.87 -37.47
N VAL B 266 32.57 -13.55 -38.57
CA VAL B 266 32.90 -13.10 -39.92
C VAL B 266 31.69 -12.34 -40.46
N THR B 267 31.84 -11.04 -40.63
CA THR B 267 30.75 -10.17 -41.03
C THR B 267 30.66 -9.93 -42.53
N GLY B 268 31.69 -10.28 -43.30
CA GLY B 268 31.65 -10.06 -44.73
C GLY B 268 32.68 -10.85 -45.52
N LEU B 269 32.36 -11.18 -46.76
CA LEU B 269 33.27 -11.93 -47.63
C LEU B 269 33.13 -11.37 -49.04
N VAL B 270 34.26 -10.97 -49.64
CA VAL B 270 34.25 -10.31 -50.94
C VAL B 270 35.38 -10.88 -51.79
N PHE B 271 35.05 -11.39 -52.97
CA PHE B 271 36.07 -11.80 -53.92
C PHE B 271 36.57 -10.60 -54.71
N SER B 272 37.78 -10.73 -55.25
CA SER B 272 38.37 -9.73 -56.10
C SER B 272 37.96 -9.95 -57.55
N PRO B 273 37.98 -8.90 -58.38
CA PRO B 273 37.77 -9.11 -59.82
C PRO B 273 38.95 -9.73 -60.53
N HIS B 274 40.04 -9.99 -59.81
CA HIS B 274 41.25 -10.56 -60.40
C HIS B 274 40.91 -11.80 -61.20
N SER B 275 41.74 -12.06 -62.22
CA SER B 275 41.55 -13.21 -63.10
C SER B 275 41.43 -14.50 -62.30
N VAL B 276 42.35 -14.71 -61.37
CA VAL B 276 42.22 -15.74 -60.33
C VAL B 276 41.95 -14.99 -59.02
N PRO B 277 40.72 -15.08 -58.49
CA PRO B 277 40.26 -14.06 -57.54
C PRO B 277 40.71 -14.35 -56.11
N PHE B 278 41.21 -13.31 -55.45
CA PHE B 278 41.47 -13.37 -54.01
C PHE B 278 40.16 -13.26 -53.25
N LEU B 279 40.20 -13.62 -51.96
CA LEU B 279 39.02 -13.55 -51.10
C LEU B 279 39.30 -12.65 -49.90
N ALA B 280 38.48 -11.63 -49.70
CA ALA B 280 38.60 -10.77 -48.53
C ALA B 280 37.64 -11.21 -47.45
N SER B 281 38.10 -11.22 -46.20
CA SER B 281 37.31 -11.62 -45.06
C SER B 281 37.39 -10.53 -44.00
N LEU B 282 36.22 -10.14 -43.49
CA LEU B 282 36.06 -9.07 -42.53
C LEU B 282 35.45 -9.64 -41.26
N SER B 283 35.86 -9.13 -40.11
CA SER B 283 35.42 -9.71 -38.85
C SER B 283 35.20 -8.61 -37.81
N GLU B 284 34.60 -9.04 -36.69
CA GLU B 284 34.42 -8.17 -35.54
C GLU B 284 35.64 -8.12 -34.64
N ASP B 285 36.64 -8.97 -34.89
CA ASP B 285 37.93 -8.82 -34.22
C ASP B 285 38.71 -7.63 -34.74
N CYS B 286 38.15 -6.90 -35.71
CA CYS B 286 38.63 -5.64 -36.26
C CYS B 286 39.75 -5.81 -37.29
N SER B 287 39.92 -7.00 -37.86
CA SER B 287 40.99 -7.25 -38.82
C SER B 287 40.42 -7.46 -40.22
N LEU B 288 41.28 -7.26 -41.22
CA LEU B 288 40.95 -7.66 -42.58
C LEU B 288 41.93 -8.75 -43.01
N ALA B 289 41.44 -9.79 -43.68
CA ALA B 289 42.32 -10.88 -44.11
C ALA B 289 42.07 -11.23 -45.57
N VAL B 290 43.13 -11.34 -46.34
CA VAL B 290 43.05 -11.68 -47.76
C VAL B 290 43.64 -13.07 -47.97
N LEU B 291 42.86 -13.94 -48.61
CA LEU B 291 43.11 -15.37 -48.72
C LEU B 291 43.18 -15.81 -50.18
N ASP B 292 43.96 -16.87 -50.39
CA ASP B 292 44.19 -17.43 -51.73
C ASP B 292 43.03 -18.34 -52.12
N SER B 293 43.27 -19.18 -53.14
CA SER B 293 42.25 -20.12 -53.57
C SER B 293 42.11 -21.29 -52.61
N SER B 294 43.11 -21.50 -51.74
CA SER B 294 43.08 -22.59 -50.78
C SER B 294 42.91 -22.10 -49.35
N LEU B 295 42.41 -20.87 -49.19
CA LEU B 295 41.99 -20.34 -47.89
C LEU B 295 43.16 -20.21 -46.91
N SER B 296 44.33 -19.87 -47.43
CA SER B 296 45.48 -19.56 -46.60
C SER B 296 45.66 -18.05 -46.51
N GLU B 297 46.22 -17.59 -45.40
CA GLU B 297 46.32 -16.16 -45.13
C GLU B 297 47.44 -15.55 -45.95
N LEU B 298 47.07 -14.67 -46.88
CA LEU B 298 48.05 -13.90 -47.65
C LEU B 298 48.28 -12.54 -47.00
N PHE B 299 47.22 -11.74 -46.90
CA PHE B 299 47.33 -10.40 -46.33
C PHE B 299 46.50 -10.32 -45.06
N ARG B 300 46.88 -9.41 -44.17
CA ARG B 300 46.15 -9.20 -42.93
C ARG B 300 46.48 -7.81 -42.38
N SER B 301 45.44 -7.02 -42.12
CA SER B 301 45.61 -5.65 -41.69
C SER B 301 44.86 -5.42 -40.38
N GLN B 302 45.58 -4.84 -39.41
CA GLN B 302 45.05 -4.43 -38.12
C GLN B 302 44.76 -2.94 -38.06
N ALA B 303 44.80 -2.24 -39.22
CA ALA B 303 44.70 -0.79 -39.23
C ALA B 303 43.44 -0.31 -38.52
N HIS B 304 42.34 -1.03 -38.70
CA HIS B 304 41.10 -0.66 -38.03
C HIS B 304 41.17 -0.98 -36.54
N ARG B 305 40.62 -0.08 -35.73
CA ARG B 305 40.54 -0.26 -34.30
C ARG B 305 39.11 -0.53 -33.83
N ASP B 306 38.19 -0.75 -34.77
CA ASP B 306 36.80 -1.07 -34.47
C ASP B 306 36.34 -2.10 -35.50
N PHE B 307 35.04 -2.42 -35.49
CA PHE B 307 34.51 -3.43 -36.39
C PHE B 307 34.83 -3.08 -37.84
N VAL B 308 35.02 -4.11 -38.65
CA VAL B 308 35.20 -3.95 -40.10
C VAL B 308 33.89 -4.34 -40.77
N ARG B 309 33.34 -3.43 -41.57
CA ARG B 309 32.00 -3.60 -42.12
C ARG B 309 31.99 -4.04 -43.58
N ASP B 310 32.58 -3.23 -44.46
CA ASP B 310 32.53 -3.51 -45.89
C ASP B 310 33.90 -3.29 -46.51
N ALA B 311 34.09 -3.92 -47.68
CA ALA B 311 35.38 -3.91 -48.37
C ALA B 311 35.14 -4.16 -49.85
N THR B 312 35.66 -3.27 -50.70
CA THR B 312 35.55 -3.44 -52.14
C THR B 312 36.90 -3.20 -52.80
N TRP B 313 37.19 -3.96 -53.85
CA TRP B 313 38.42 -3.78 -54.60
C TRP B 313 38.26 -2.67 -55.63
N SER B 314 39.36 -2.00 -55.93
CA SER B 314 39.34 -0.94 -56.93
C SER B 314 39.30 -1.57 -58.33
N PRO B 315 38.27 -1.30 -59.13
CA PRO B 315 38.27 -1.82 -60.51
C PRO B 315 39.27 -1.12 -61.41
N LEU B 316 39.93 -0.07 -60.91
CA LEU B 316 40.97 0.63 -61.66
C LEU B 316 42.30 -0.06 -61.40
N ASN B 317 42.81 0.08 -60.18
CA ASN B 317 43.97 -0.69 -59.73
C ASN B 317 43.45 -1.93 -59.02
N HIS B 318 43.60 -3.08 -59.68
CA HIS B 318 43.03 -4.31 -59.14
C HIS B 318 43.78 -4.82 -57.91
N SER B 319 44.95 -4.29 -57.60
CA SER B 319 45.68 -4.67 -56.40
C SER B 319 45.36 -3.80 -55.21
N LEU B 320 44.44 -2.85 -55.34
CA LEU B 320 44.07 -1.95 -54.26
C LEU B 320 42.72 -2.37 -53.68
N LEU B 321 42.58 -2.28 -52.36
CA LEU B 321 41.38 -2.77 -51.69
C LEU B 321 40.96 -1.78 -50.60
N THR B 322 39.72 -1.30 -50.65
CA THR B 322 39.24 -0.29 -49.72
C THR B 322 38.33 -0.93 -48.67
N THR B 323 38.63 -0.67 -47.40
CA THR B 323 37.87 -1.17 -46.27
C THR B 323 37.33 -0.04 -45.42
N VAL B 324 36.18 -0.27 -44.77
CA VAL B 324 35.60 0.72 -43.87
C VAL B 324 35.16 0.05 -42.58
N GLY B 325 34.93 0.88 -41.56
CA GLY B 325 34.56 0.36 -40.27
C GLY B 325 33.88 1.40 -39.40
N TRP B 326 33.66 1.01 -38.14
CA TRP B 326 32.98 1.87 -37.17
C TRP B 326 33.91 2.83 -36.46
N ASP B 327 35.22 2.70 -36.65
CA ASP B 327 36.17 3.72 -36.20
C ASP B 327 36.24 4.90 -37.17
N HIS B 328 35.28 5.00 -38.08
CA HIS B 328 35.18 6.06 -39.09
C HIS B 328 36.41 6.15 -39.98
N GLN B 329 37.20 5.09 -40.04
CA GLN B 329 38.34 5.04 -40.94
C GLN B 329 37.93 4.47 -42.30
N VAL B 330 38.60 4.94 -43.34
CA VAL B 330 38.46 4.41 -44.69
C VAL B 330 39.87 4.10 -45.15
N VAL B 331 40.24 2.83 -45.15
CA VAL B 331 41.62 2.43 -45.42
C VAL B 331 41.74 1.92 -46.84
N HIS B 332 42.88 2.22 -47.47
CA HIS B 332 43.23 1.68 -48.77
C HIS B 332 44.44 0.77 -48.60
N HIS B 333 44.32 -0.47 -49.08
CA HIS B 333 45.26 -1.53 -48.82
C HIS B 333 45.93 -1.96 -50.12
N VAL B 334 47.26 -1.99 -50.11
CA VAL B 334 48.04 -2.49 -51.23
C VAL B 334 48.29 -3.97 -51.00
N VAL B 335 47.90 -4.79 -51.97
CA VAL B 335 47.82 -6.24 -51.80
C VAL B 335 48.86 -6.88 -52.72
N PRO B 336 49.87 -7.58 -52.18
CA PRO B 336 50.85 -8.32 -52.97
C PRO B 336 50.29 -9.65 -53.49
N VAL C 22 -7.04 23.37 8.38
CA VAL C 22 -7.12 22.56 9.58
C VAL C 22 -8.11 21.41 9.43
N SER C 23 -7.72 20.24 9.89
CA SER C 23 -8.63 19.11 10.02
C SER C 23 -9.19 19.10 11.43
N SER C 24 -10.51 18.95 11.57
CA SER C 24 -11.13 19.25 12.85
C SER C 24 -12.30 18.32 13.15
N GLY C 25 -12.64 18.26 14.44
CA GLY C 25 -13.76 17.47 14.90
C GLY C 25 -14.40 18.10 16.13
N ARG C 26 -15.61 17.65 16.42
CA ARG C 26 -16.42 18.21 17.50
C ARG C 26 -16.75 17.11 18.51
N ASP C 27 -16.51 17.39 19.80
CA ASP C 27 -16.73 16.41 20.86
C ASP C 27 -18.03 16.71 21.60
N LEU C 28 -18.87 15.69 21.74
CA LEU C 28 -20.15 15.83 22.42
C LEU C 28 -20.42 14.60 23.27
N ASN C 29 -20.98 14.82 24.46
CA ASN C 29 -21.50 13.76 25.29
C ASN C 29 -23.03 13.71 25.27
N CYS C 30 -23.65 14.41 24.33
CA CYS C 30 -25.10 14.44 24.21
C CYS C 30 -25.47 14.47 22.73
N VAL C 31 -26.17 13.43 22.27
CA VAL C 31 -26.61 13.35 20.88
C VAL C 31 -28.04 12.84 20.88
N PRO C 32 -29.06 13.71 20.78
CA PRO C 32 -30.44 13.24 20.83
C PRO C 32 -30.86 12.50 19.57
N GLU C 33 -30.60 13.10 18.41
CA GLU C 33 -30.84 12.46 17.12
C GLU C 33 -29.52 12.47 16.37
N ILE C 34 -28.98 11.27 16.12
CA ILE C 34 -27.65 11.16 15.54
C ILE C 34 -27.61 11.83 14.17
N ALA C 35 -28.68 11.69 13.39
CA ALA C 35 -28.73 12.31 12.06
C ALA C 35 -28.71 13.83 12.17
N ASP C 36 -29.60 14.40 12.97
CA ASP C 36 -29.66 15.85 13.11
C ASP C 36 -28.36 16.42 13.66
N THR C 37 -27.77 15.74 14.65
CA THR C 37 -26.54 16.22 15.26
C THR C 37 -25.39 16.19 14.25
N LEU C 38 -25.28 15.11 13.48
CA LEU C 38 -24.25 15.05 12.46
C LEU C 38 -24.45 16.15 11.42
N GLY C 39 -25.69 16.40 11.01
CA GLY C 39 -25.93 17.48 10.06
C GLY C 39 -25.54 18.83 10.61
N ALA C 40 -25.84 19.08 11.89
CA ALA C 40 -25.49 20.34 12.52
C ALA C 40 -23.97 20.53 12.54
N VAL C 41 -23.24 19.55 13.06
CA VAL C 41 -21.79 19.70 13.10
C VAL C 41 -21.17 19.71 11.71
N ALA C 42 -21.85 19.14 10.71
CA ALA C 42 -21.35 19.25 9.34
C ALA C 42 -21.50 20.67 8.82
N LYS C 43 -22.65 21.28 9.05
CA LYS C 43 -22.85 22.67 8.61
C LYS C 43 -21.93 23.61 9.38
N GLN C 44 -21.57 23.26 10.61
CA GLN C 44 -20.67 24.11 11.39
C GLN C 44 -19.26 24.14 10.82
N GLY C 45 -18.90 23.21 9.95
CA GLY C 45 -17.60 23.19 9.32
C GLY C 45 -16.63 22.15 9.82
N PHE C 46 -17.06 21.23 10.67
CA PHE C 46 -16.17 20.23 11.21
C PHE C 46 -15.99 19.09 10.22
N ASP C 47 -14.83 18.45 10.31
CA ASP C 47 -14.55 17.25 9.50
C ASP C 47 -15.08 15.98 10.15
N PHE C 48 -15.13 15.90 11.47
CA PHE C 48 -15.68 14.68 12.09
C PHE C 48 -16.31 14.99 13.44
N LEU C 49 -16.96 13.97 14.00
CA LEU C 49 -17.68 14.07 15.26
C LEU C 49 -17.24 12.94 16.19
N CYS C 50 -16.91 13.31 17.43
CA CYS C 50 -16.70 12.35 18.51
C CYS C 50 -17.97 12.28 19.33
N MET C 51 -18.50 11.07 19.51
CA MET C 51 -19.77 10.88 20.19
C MET C 51 -19.75 9.52 20.87
N PRO C 52 -20.58 9.33 21.89
CA PRO C 52 -20.73 8.00 22.49
C PRO C 52 -21.63 7.12 21.64
N VAL C 53 -21.41 5.82 21.71
CA VAL C 53 -22.15 4.85 20.92
C VAL C 53 -23.26 4.19 21.73
N PHE C 54 -23.02 3.94 23.00
CA PHE C 54 -24.08 3.69 23.97
C PHE C 54 -24.31 4.98 24.75
N HIS C 55 -25.49 5.12 25.33
CA HIS C 55 -25.81 6.36 26.02
C HIS C 55 -24.92 6.49 27.25
N PRO C 56 -24.32 7.66 27.48
CA PRO C 56 -23.28 7.77 28.52
C PRO C 56 -23.78 7.48 29.92
N ARG C 57 -25.06 7.72 30.22
CA ARG C 57 -25.61 7.45 31.54
C ARG C 57 -26.32 6.12 31.63
N PHE C 58 -26.19 5.27 30.60
CA PHE C 58 -26.95 4.03 30.50
C PHE C 58 -26.13 2.86 31.02
N LYS C 59 -25.84 2.89 32.32
CA LYS C 59 -25.04 1.85 32.94
C LYS C 59 -25.76 0.50 32.85
N ARG C 60 -24.98 -0.56 32.62
CA ARG C 60 -25.52 -1.88 32.35
C ARG C 60 -24.88 -2.90 33.29
N GLU C 61 -25.63 -3.96 33.59
CA GLU C 61 -25.17 -5.03 34.48
C GLU C 61 -25.01 -6.32 33.68
N PHE C 62 -23.95 -7.06 33.99
CA PHE C 62 -23.62 -8.28 33.27
C PHE C 62 -23.64 -9.54 34.13
N ILE C 63 -23.39 -9.43 35.44
CA ILE C 63 -23.23 -10.60 36.29
C ILE C 63 -24.54 -10.94 36.99
N GLN C 64 -25.09 -9.97 37.70
CA GLN C 64 -26.09 -10.21 38.74
C GLN C 64 -27.50 -9.91 38.23
N GLU C 65 -28.42 -10.85 38.44
CA GLU C 65 -29.83 -10.60 38.23
C GLU C 65 -30.30 -9.51 39.18
N PRO C 66 -31.39 -8.79 38.83
CA PRO C 66 -32.25 -8.92 37.65
C PRO C 66 -31.83 -8.04 36.48
N ALA C 67 -31.22 -6.87 36.75
CA ALA C 67 -30.86 -5.95 35.68
C ALA C 67 -29.94 -6.58 34.64
N LYS C 68 -29.29 -7.70 34.99
CA LYS C 68 -28.55 -8.51 34.02
C LYS C 68 -29.39 -8.79 32.78
N ASN C 69 -30.63 -9.27 32.99
CA ASN C 69 -31.55 -9.59 31.90
C ASN C 69 -32.37 -8.38 31.43
N ARG C 70 -31.81 -7.17 31.52
CA ARG C 70 -32.53 -6.00 31.01
C ARG C 70 -32.77 -6.16 29.50
N PRO C 71 -33.98 -5.93 29.02
CA PRO C 71 -34.27 -6.16 27.60
C PRO C 71 -33.72 -5.04 26.72
N GLY C 72 -33.18 -5.44 25.56
CA GLY C 72 -32.70 -4.49 24.60
C GLY C 72 -33.83 -3.70 23.96
N PRO C 73 -33.49 -2.83 23.01
CA PRO C 73 -32.16 -2.55 22.44
C PRO C 73 -31.21 -1.88 23.44
N GLN C 74 -29.94 -2.30 23.41
CA GLN C 74 -28.95 -1.73 24.32
C GLN C 74 -28.39 -0.41 23.83
N THR C 75 -28.61 -0.07 22.56
CA THR C 75 -28.21 1.23 21.99
C THR C 75 -28.90 1.38 20.65
N ARG C 76 -28.55 2.44 19.92
CA ARG C 76 -29.17 2.77 18.65
C ARG C 76 -28.54 2.00 17.50
N SER C 77 -29.29 1.86 16.42
CA SER C 77 -28.97 0.93 15.35
C SER C 77 -27.82 1.45 14.48
N ASP C 78 -27.18 0.50 13.79
CA ASP C 78 -26.15 0.84 12.81
C ASP C 78 -26.73 1.33 11.49
N LEU C 79 -28.00 1.00 11.22
CA LEU C 79 -28.65 1.44 9.99
C LEU C 79 -28.83 2.95 9.93
N LEU C 80 -28.68 3.64 11.06
CA LEU C 80 -28.94 5.08 11.10
C LEU C 80 -27.93 5.87 10.27
N LEU C 81 -26.81 5.27 9.89
CA LEU C 81 -25.83 5.89 9.02
C LEU C 81 -25.41 4.92 7.94
N SER C 82 -24.65 5.42 6.98
CA SER C 82 -24.04 4.56 5.98
C SER C 82 -22.67 4.11 6.46
N GLY C 83 -22.17 3.02 5.85
CA GLY C 83 -20.84 2.53 6.20
C GLY C 83 -19.76 3.56 5.95
N ARG C 84 -19.92 4.34 4.88
CA ARG C 84 -19.01 5.45 4.60
C ARG C 84 -18.99 6.43 5.77
N ASP C 85 -20.16 6.77 6.29
CA ASP C 85 -20.25 7.71 7.41
C ASP C 85 -19.58 7.15 8.66
N TRP C 86 -19.91 5.91 9.03
CA TRP C 86 -19.26 5.30 10.18
C TRP C 86 -17.75 5.27 10.01
N ASN C 87 -17.28 4.95 8.81
CA ASN C 87 -15.85 4.79 8.58
C ASN C 87 -15.11 6.11 8.61
N THR C 88 -15.75 7.22 8.26
CA THR C 88 -15.00 8.46 8.09
C THR C 88 -15.36 9.58 9.05
N LEU C 89 -16.52 9.55 9.70
CA LEU C 89 -17.03 10.72 10.39
C LEU C 89 -17.22 10.55 11.89
N ILE C 90 -17.22 9.33 12.42
CA ILE C 90 -17.66 9.07 13.78
C ILE C 90 -16.50 8.48 14.58
N VAL C 91 -16.01 9.24 15.55
CA VAL C 91 -15.09 8.71 16.56
C VAL C 91 -15.92 8.24 17.74
N GLY C 92 -15.77 6.97 18.11
CA GLY C 92 -16.49 6.45 19.25
C GLY C 92 -15.93 6.95 20.56
N LYS C 93 -16.72 6.79 21.62
CA LYS C 93 -16.32 7.24 22.94
C LYS C 93 -16.76 6.22 23.99
N LEU C 94 -15.83 5.87 24.87
CA LEU C 94 -16.14 4.95 25.97
C LEU C 94 -17.00 5.67 27.01
N SER C 95 -18.10 5.03 27.40
CA SER C 95 -18.99 5.64 28.38
C SER C 95 -18.24 5.85 29.69
N PRO C 96 -18.46 6.97 30.38
CA PRO C 96 -17.59 7.31 31.52
C PRO C 96 -17.86 6.50 32.77
N TRP C 97 -19.00 5.80 32.86
CA TRP C 97 -19.26 4.99 34.03
C TRP C 97 -18.40 3.73 34.09
N ILE C 98 -17.72 3.41 32.98
CA ILE C 98 -16.92 2.19 32.91
C ILE C 98 -15.57 2.46 33.58
N ARG C 99 -15.26 1.67 34.61
CA ARG C 99 -14.06 1.89 35.42
C ARG C 99 -13.35 0.56 35.62
N PRO C 100 -12.49 0.15 34.67
CA PRO C 100 -11.86 -1.17 34.77
C PRO C 100 -10.83 -1.29 35.88
N ASP C 101 -10.36 -0.17 36.45
CA ASP C 101 -9.38 -0.18 37.51
C ASP C 101 -9.98 0.27 38.84
N SER C 102 -11.29 0.09 38.99
CA SER C 102 -11.94 0.38 40.25
C SER C 102 -11.33 -0.46 41.36
N LYS C 103 -11.37 0.08 42.58
CA LYS C 103 -10.96 -0.72 43.73
C LYS C 103 -11.99 -1.78 44.09
N VAL C 104 -13.17 -1.76 43.48
CA VAL C 104 -14.26 -2.68 43.80
C VAL C 104 -14.27 -3.80 42.77
N GLU C 105 -14.26 -5.04 43.25
CA GLU C 105 -14.13 -6.20 42.36
C GLU C 105 -15.29 -6.30 41.39
N LYS C 106 -16.52 -6.12 41.89
CA LYS C 106 -17.70 -6.20 41.03
C LYS C 106 -17.63 -5.19 39.90
N ILE C 107 -17.33 -3.93 40.24
CA ILE C 107 -17.22 -2.89 39.23
C ILE C 107 -16.09 -3.19 38.26
N ARG C 108 -15.03 -3.83 38.75
CA ARG C 108 -13.95 -4.25 37.88
C ARG C 108 -14.45 -5.20 36.79
N ARG C 109 -15.05 -6.33 37.20
CA ARG C 109 -15.49 -7.31 36.22
C ARG C 109 -16.56 -6.74 35.29
N ASN C 110 -17.49 -5.95 35.85
CA ASN C 110 -18.55 -5.36 35.05
C ASN C 110 -18.00 -4.40 34.02
N SER C 111 -17.10 -3.49 34.44
CA SER C 111 -16.49 -2.56 33.51
C SER C 111 -15.65 -3.28 32.46
N GLU C 112 -15.05 -4.42 32.82
CA GLU C 112 -14.36 -5.24 31.82
C GLU C 112 -15.33 -5.67 30.73
N ALA C 113 -16.44 -6.29 31.13
CA ALA C 113 -17.42 -6.73 30.14
C ALA C 113 -17.92 -5.55 29.31
N ALA C 114 -18.15 -4.40 29.94
CA ALA C 114 -18.73 -3.26 29.24
C ALA C 114 -17.73 -2.64 28.26
N MET C 115 -16.47 -2.56 28.66
CA MET C 115 -15.43 -2.06 27.77
C MET C 115 -15.29 -2.96 26.55
N LEU C 116 -15.27 -4.27 26.77
CA LEU C 116 -15.27 -5.20 25.63
C LEU C 116 -16.47 -4.96 24.74
N GLN C 117 -17.65 -4.78 25.34
CA GLN C 117 -18.88 -4.55 24.57
C GLN C 117 -18.75 -3.32 23.67
N GLU C 118 -18.42 -2.18 24.27
CA GLU C 118 -18.38 -0.94 23.51
C GLU C 118 -17.27 -0.97 22.45
N LEU C 119 -16.12 -1.55 22.78
CA LEU C 119 -15.02 -1.61 21.80
C LEU C 119 -15.38 -2.51 20.64
N ASN C 120 -15.87 -3.73 20.92
CA ASN C 120 -16.30 -4.62 19.85
C ASN C 120 -17.39 -3.98 19.01
N PHE C 121 -18.25 -3.16 19.61
CA PHE C 121 -19.29 -2.51 18.81
C PHE C 121 -18.70 -1.44 17.90
N GLY C 122 -17.79 -0.62 18.43
CA GLY C 122 -17.11 0.35 17.60
C GLY C 122 -16.37 -0.31 16.45
N ALA C 123 -15.85 -1.51 16.66
CA ALA C 123 -15.22 -2.25 15.58
C ALA C 123 -16.26 -2.78 14.60
N TYR C 124 -17.41 -3.23 15.11
CA TYR C 124 -18.51 -3.67 14.26
C TYR C 124 -18.94 -2.56 13.31
N LEU C 125 -19.06 -1.34 13.83
CA LEU C 125 -19.35 -0.20 12.96
C LEU C 125 -18.18 0.16 12.07
N GLY C 126 -16.97 -0.28 12.41
CA GLY C 126 -15.80 0.07 11.61
C GLY C 126 -15.39 1.52 11.79
N LEU C 127 -15.29 1.97 13.03
CA LEU C 127 -15.00 3.36 13.29
C LEU C 127 -13.51 3.63 13.08
N PRO C 128 -13.15 4.80 12.53
CA PRO C 128 -11.73 5.08 12.28
C PRO C 128 -10.93 5.32 13.54
N ALA C 129 -11.58 5.62 14.67
CA ALA C 129 -10.86 5.88 15.91
C ALA C 129 -11.84 5.74 17.08
N PHE C 130 -11.30 5.40 18.24
CA PHE C 130 -12.11 5.25 19.45
C PHE C 130 -11.39 5.91 20.61
N LEU C 131 -12.12 6.66 21.43
CA LEU C 131 -11.53 7.46 22.50
C LEU C 131 -11.66 6.76 23.85
N LEU C 132 -10.57 6.76 24.62
CA LEU C 132 -10.57 6.20 25.98
C LEU C 132 -9.75 7.10 26.90
N PRO C 133 -10.17 7.31 28.14
CA PRO C 133 -9.50 8.31 28.97
C PRO C 133 -8.44 7.77 29.91
N LEU C 134 -7.33 8.50 30.06
CA LEU C 134 -6.39 8.30 31.15
C LEU C 134 -6.55 9.49 32.09
N ASN C 135 -7.14 9.24 33.26
CA ASN C 135 -7.31 10.31 34.24
C ASN C 135 -6.93 9.86 35.65
N GLN C 136 -5.94 8.99 35.77
CA GLN C 136 -5.35 8.60 37.04
C GLN C 136 -4.06 7.84 36.75
N GLU C 137 -3.33 7.54 37.81
CA GLU C 137 -2.01 6.91 37.65
C GLU C 137 -2.13 5.46 37.21
N ASP C 138 -3.09 4.73 37.76
CA ASP C 138 -3.21 3.29 37.53
C ASP C 138 -4.34 3.04 36.53
N ASN C 139 -3.96 2.64 35.33
CA ASN C 139 -4.88 2.13 34.32
C ASN C 139 -4.42 0.76 33.84
N THR C 140 -3.88 -0.04 34.77
CA THR C 140 -3.28 -1.32 34.41
C THR C 140 -4.30 -2.25 33.78
N ASN C 141 -5.48 -2.39 34.40
CA ASN C 141 -6.48 -3.31 33.86
C ASN C 141 -7.13 -2.77 32.60
N LEU C 142 -7.26 -1.44 32.50
CA LEU C 142 -7.69 -0.82 31.25
C LEU C 142 -6.76 -1.24 30.11
N ALA C 143 -5.45 -1.14 30.34
CA ALA C 143 -4.48 -1.56 29.33
C ALA C 143 -4.58 -3.06 29.05
N ARG C 144 -4.78 -3.86 30.10
CA ARG C 144 -4.92 -5.30 29.91
C ARG C 144 -6.08 -5.61 28.97
N VAL C 145 -7.24 -5.00 29.21
CA VAL C 145 -8.41 -5.27 28.40
C VAL C 145 -8.21 -4.77 26.97
N LEU C 146 -7.69 -3.55 26.82
CA LEU C 146 -7.51 -3.00 25.48
C LEU C 146 -6.49 -3.82 24.69
N THR C 147 -5.42 -4.28 25.35
CA THR C 147 -4.43 -5.12 24.70
C THR C 147 -5.05 -6.44 24.26
N ASN C 148 -5.81 -7.09 25.15
CA ASN C 148 -6.53 -8.30 24.78
C ASN C 148 -7.39 -8.07 23.55
N HIS C 149 -8.14 -6.96 23.53
CA HIS C 149 -9.03 -6.67 22.41
C HIS C 149 -8.26 -6.50 21.11
N ILE C 150 -7.18 -5.70 21.15
CA ILE C 150 -6.37 -5.46 19.96
C ILE C 150 -5.90 -6.79 19.36
N HIS C 151 -5.53 -7.72 20.23
CA HIS C 151 -5.12 -9.05 19.78
C HIS C 151 -6.32 -9.99 19.57
N THR C 152 -7.38 -9.47 18.97
CA THR C 152 -8.56 -10.26 18.60
C THR C 152 -9.02 -9.67 17.27
N GLY C 153 -8.50 -10.18 16.16
CA GLY C 153 -8.70 -9.56 14.87
C GLY C 153 -7.72 -8.43 14.64
N HIS C 154 -6.90 -8.56 13.60
CA HIS C 154 -5.86 -7.57 13.31
C HIS C 154 -6.45 -6.43 12.48
N HIS C 155 -7.29 -5.64 13.14
CA HIS C 155 -8.07 -4.62 12.47
C HIS C 155 -7.28 -3.32 12.35
N SER C 156 -7.88 -2.33 11.69
CA SER C 156 -7.22 -1.04 11.50
C SER C 156 -7.46 -0.10 12.68
N SER C 157 -8.68 -0.15 13.25
CA SER C 157 -9.18 0.74 14.29
C SER C 157 -8.12 1.38 15.18
N MET C 158 -8.07 2.70 15.20
CA MET C 158 -7.14 3.45 16.04
C MET C 158 -7.75 3.73 17.40
N PHE C 159 -6.89 3.91 18.40
CA PHE C 159 -7.32 4.16 19.76
C PHE C 159 -6.63 5.41 20.28
N TRP C 160 -7.42 6.45 20.54
CA TRP C 160 -6.93 7.73 21.06
C TRP C 160 -7.10 7.77 22.56
N MET C 161 -6.01 8.03 23.27
CA MET C 161 -6.02 8.13 24.72
C MET C 161 -6.14 9.60 25.12
N ARG C 162 -7.24 9.94 25.77
CA ARG C 162 -7.51 11.29 26.28
C ARG C 162 -6.68 11.50 27.54
N VAL C 163 -5.59 12.26 27.41
CA VAL C 163 -4.68 12.53 28.51
C VAL C 163 -4.64 14.04 28.73
N PRO C 164 -4.91 14.53 29.93
CA PRO C 164 -4.79 15.97 30.18
C PRO C 164 -3.34 16.39 30.32
N LEU C 165 -3.04 17.59 29.83
CA LEU C 165 -1.72 18.17 30.06
C LEU C 165 -1.43 18.26 31.56
N VAL C 166 -2.39 18.79 32.31
CA VAL C 166 -2.28 18.94 33.76
C VAL C 166 -3.39 18.11 34.39
N ALA C 167 -3.02 17.28 35.35
CA ALA C 167 -4.02 16.45 36.03
C ALA C 167 -5.07 17.34 36.66
N PRO C 168 -6.34 16.93 36.68
CA PRO C 168 -7.38 17.76 37.31
C PRO C 168 -7.07 18.10 38.76
N GLU C 169 -6.35 17.22 39.47
CA GLU C 169 -5.96 17.52 40.84
C GLU C 169 -5.05 18.74 40.91
N ASP C 170 -4.03 18.79 40.05
CA ASP C 170 -3.10 19.91 40.01
C ASP C 170 -3.67 21.11 39.26
N LEU C 171 -4.95 21.06 38.87
CA LEU C 171 -5.62 22.15 38.19
C LEU C 171 -6.77 22.73 38.99
N ARG C 172 -7.21 22.06 40.07
CA ARG C 172 -8.36 22.51 40.84
C ARG C 172 -8.12 23.90 41.43
N ASP C 173 -9.21 24.61 41.67
CA ASP C 173 -9.14 25.88 42.38
C ASP C 173 -8.72 25.64 43.83
N ASP C 174 -7.80 26.47 44.32
CA ASP C 174 -7.35 26.37 45.71
C ASP C 174 -8.39 27.03 46.60
N ILE C 175 -9.49 26.32 46.83
CA ILE C 175 -10.59 26.85 47.62
C ILE C 175 -11.04 25.84 48.66
N ILE C 176 -10.17 24.89 49.00
CA ILE C 176 -10.42 23.95 50.07
C ILE C 176 -9.63 24.40 51.29
N GLU C 177 -10.35 24.63 52.40
CA GLU C 177 -9.73 25.19 53.60
C GLU C 177 -8.63 24.27 54.13
N ASN C 178 -8.93 22.97 54.26
CA ASN C 178 -8.02 22.03 54.88
C ASN C 178 -7.28 21.16 53.88
N ALA C 179 -7.26 21.56 52.60
CA ALA C 179 -6.49 20.86 51.58
C ALA C 179 -5.91 21.88 50.62
N PRO C 180 -4.80 22.50 50.98
CA PRO C 180 -4.25 23.59 50.16
C PRO C 180 -3.43 23.07 48.99
N THR C 181 -3.65 23.64 47.81
CA THR C 181 -2.77 23.36 46.68
C THR C 181 -1.37 23.85 47.02
N THR C 182 -0.44 22.92 47.18
CA THR C 182 0.92 23.31 47.55
C THR C 182 1.52 24.21 46.49
N HIS C 183 2.00 25.38 46.92
CA HIS C 183 2.55 26.38 46.03
C HIS C 183 4.06 26.22 45.84
N THR C 184 4.57 25.00 45.99
CA THR C 184 6.00 24.73 45.91
C THR C 184 6.36 24.26 44.50
N GLU C 185 7.64 23.97 44.29
CA GLU C 185 8.15 23.56 43.00
C GLU C 185 8.22 22.04 42.93
N GLU C 186 7.52 21.44 41.97
CA GLU C 186 7.44 19.99 41.80
C GLU C 186 7.79 19.67 40.34
N TYR C 187 9.09 19.52 40.06
CA TYR C 187 9.53 19.29 38.69
C TYR C 187 8.96 17.98 38.15
N SER C 188 9.27 16.86 38.80
CA SER C 188 8.83 15.56 38.31
C SER C 188 7.31 15.44 38.39
N GLY C 189 6.73 15.84 39.53
CA GLY C 189 5.30 15.67 39.72
C GLY C 189 4.46 16.36 38.67
N GLU C 190 4.90 17.56 38.27
CA GLU C 190 4.14 18.33 37.28
C GLU C 190 4.06 17.62 35.93
N GLU C 191 4.91 16.63 35.70
CA GLU C 191 4.88 15.85 34.46
C GLU C 191 4.04 14.59 34.59
N LYS C 192 3.34 14.40 35.72
CA LYS C 192 2.80 13.08 36.06
C LYS C 192 1.91 12.51 34.98
N THR C 193 1.11 13.35 34.32
CA THR C 193 0.19 12.83 33.33
C THR C 193 0.93 12.10 32.21
N TRP C 194 2.03 12.68 31.72
CA TRP C 194 2.84 11.98 30.74
C TRP C 194 3.21 10.60 31.23
N MET C 195 3.67 10.53 32.49
CA MET C 195 3.98 9.25 33.11
C MET C 195 2.84 8.27 32.92
N TRP C 196 1.62 8.68 33.29
CA TRP C 196 0.43 7.87 33.04
C TRP C 196 0.50 7.26 31.65
N TRP C 197 0.46 8.12 30.62
CA TRP C 197 0.57 7.68 29.24
C TRP C 197 1.71 6.69 29.08
N HIS C 198 2.93 7.11 29.45
CA HIS C 198 4.10 6.28 29.19
C HIS C 198 3.95 4.90 29.82
N ASN C 199 3.33 4.82 30.99
CA ASN C 199 3.13 3.52 31.61
C ASN C 199 2.12 2.70 30.81
N PHE C 200 0.95 3.28 30.55
CA PHE C 200 -0.08 2.62 29.76
C PHE C 200 0.50 2.17 28.42
N ARG C 201 1.03 3.13 27.66
CA ARG C 201 1.74 2.89 26.40
C ARG C 201 2.72 1.74 26.50
N THR C 202 3.42 1.63 27.63
CA THR C 202 4.41 0.56 27.77
C THR C 202 3.74 -0.78 27.97
N LEU C 203 2.68 -0.84 28.79
CA LEU C 203 2.03 -2.11 29.07
C LEU C 203 1.41 -2.71 27.81
N CYS C 204 0.91 -1.85 26.91
CA CYS C 204 0.38 -2.28 25.63
C CYS C 204 1.47 -2.55 24.59
N ASP C 205 2.74 -2.54 25.00
CA ASP C 205 3.86 -2.93 24.15
C ASP C 205 3.95 -2.07 22.89
N TYR C 206 3.76 -0.76 23.05
CA TYR C 206 3.99 0.21 21.98
C TYR C 206 3.14 -0.10 20.74
N SER C 207 1.87 -0.43 20.96
CA SER C 207 0.98 -0.74 19.85
C SER C 207 0.79 0.48 18.96
N LYS C 208 1.05 0.31 17.66
CA LYS C 208 0.87 1.40 16.71
C LYS C 208 -0.58 1.85 16.61
N ARG C 209 -1.53 0.99 17.01
CA ARG C 209 -2.93 1.35 17.03
C ARG C 209 -3.33 2.18 18.25
N ILE C 210 -2.36 2.64 19.04
CA ILE C 210 -2.62 3.41 20.25
C ILE C 210 -1.89 4.74 20.12
N ALA C 211 -2.62 5.84 20.29
CA ALA C 211 -2.07 7.17 20.12
C ALA C 211 -2.60 8.08 21.22
N VAL C 212 -2.19 9.35 21.19
CA VAL C 212 -2.49 10.33 22.22
C VAL C 212 -3.51 11.32 21.69
N ALA C 213 -4.46 11.69 22.53
CA ALA C 213 -5.36 12.82 22.29
C ALA C 213 -5.16 13.77 23.46
N LEU C 214 -4.19 14.68 23.31
CA LEU C 214 -3.76 15.52 24.42
C LEU C 214 -4.78 16.61 24.69
N GLU C 215 -5.21 16.72 25.95
CA GLU C 215 -6.24 17.66 26.36
C GLU C 215 -5.61 18.86 27.07
N ILE C 216 -6.10 20.05 26.76
CA ILE C 216 -5.46 21.31 27.12
C ILE C 216 -6.41 22.12 27.98
N GLY C 217 -5.91 22.64 29.10
CA GLY C 217 -6.72 23.33 30.08
C GLY C 217 -6.45 24.82 30.12
N ALA C 218 -7.00 25.44 31.17
CA ALA C 218 -6.88 26.89 31.31
C ALA C 218 -5.46 27.30 31.63
N ASP C 219 -4.89 26.73 32.70
CA ASP C 219 -3.53 27.06 33.12
C ASP C 219 -2.54 26.17 32.38
N LEU C 220 -1.63 26.80 31.63
CA LEU C 220 -0.59 26.00 31.00
C LEU C 220 0.61 25.90 31.93
N PRO C 221 1.20 24.71 32.07
CA PRO C 221 2.29 24.54 33.04
C PRO C 221 3.63 25.02 32.51
N SER C 222 4.69 24.71 33.26
CA SER C 222 6.04 25.03 32.80
C SER C 222 6.30 24.38 31.46
N ASN C 223 7.13 25.03 30.64
CA ASN C 223 7.32 24.56 29.27
C ASN C 223 8.03 23.22 29.21
N HIS C 224 8.66 22.78 30.30
CA HIS C 224 9.24 21.44 30.28
C HIS C 224 8.15 20.38 30.37
N VAL C 225 7.08 20.68 31.11
CA VAL C 225 5.92 19.79 31.14
C VAL C 225 5.35 19.63 29.74
N ILE C 226 5.32 20.71 28.97
CA ILE C 226 4.84 20.65 27.59
C ILE C 226 5.82 19.88 26.72
N ASP C 227 7.12 20.13 26.91
CA ASP C 227 8.15 19.49 26.10
C ASP C 227 8.21 17.98 26.32
N ARG C 228 7.75 17.49 27.47
CA ARG C 228 7.71 16.04 27.70
C ARG C 228 7.04 15.30 26.56
N TRP C 229 6.06 15.92 25.90
CA TRP C 229 5.31 15.28 24.83
C TRP C 229 5.97 15.41 23.46
N LEU C 230 7.19 15.94 23.40
CA LEU C 230 7.92 15.97 22.15
C LEU C 230 8.35 14.56 21.77
N GLY C 231 8.00 14.14 20.56
CA GLY C 231 8.32 12.80 20.11
C GLY C 231 7.28 11.75 20.39
N GLU C 232 6.12 12.14 20.97
CA GLU C 232 5.03 11.23 21.29
C GLU C 232 3.98 11.22 20.17
N PRO C 233 3.31 10.09 19.96
CA PRO C 233 2.35 9.99 18.82
C PRO C 233 1.03 10.70 19.09
N ILE C 234 1.11 12.03 19.15
CA ILE C 234 -0.08 12.85 19.35
C ILE C 234 -0.82 12.94 18.03
N LYS C 235 -2.02 12.36 17.97
CA LYS C 235 -2.88 12.50 16.81
C LYS C 235 -3.92 13.60 16.94
N ALA C 236 -4.30 13.94 18.17
CA ALA C 236 -5.38 14.88 18.40
C ALA C 236 -5.04 15.81 19.56
N ALA C 237 -5.43 17.07 19.42
CA ALA C 237 -5.38 18.06 20.49
C ALA C 237 -6.81 18.47 20.82
N ILE C 238 -7.17 18.38 22.09
CA ILE C 238 -8.53 18.65 22.53
C ILE C 238 -8.57 20.03 23.18
N LEU C 239 -9.38 20.92 22.62
CA LEU C 239 -9.55 22.27 23.12
C LEU C 239 -10.96 22.42 23.68
N PRO C 240 -11.13 22.72 24.95
CA PRO C 240 -12.45 23.03 25.48
C PRO C 240 -12.84 24.47 25.20
N THR C 241 -14.15 24.73 25.27
CA THR C 241 -14.63 26.09 25.10
C THR C 241 -14.27 26.97 26.30
N SER C 242 -14.02 26.38 27.46
CA SER C 242 -13.71 27.16 28.66
C SER C 242 -12.46 28.03 28.46
N ILE C 243 -11.39 27.46 27.90
CA ILE C 243 -10.12 28.17 27.80
C ILE C 243 -10.13 29.28 26.78
N PHE C 244 -11.26 29.57 26.15
CA PHE C 244 -11.31 30.62 25.12
C PHE C 244 -11.65 31.96 25.78
N LEU C 245 -10.70 32.90 25.71
CA LEU C 245 -10.93 34.23 26.25
C LEU C 245 -11.95 34.98 25.40
N THR C 246 -12.78 35.80 26.06
CA THR C 246 -13.79 36.60 25.38
C THR C 246 -13.26 38.03 25.24
N ASN C 247 -13.10 38.49 24.00
CA ASN C 247 -12.51 39.79 23.74
C ASN C 247 -13.58 40.87 23.76
N LYS C 248 -13.24 42.05 23.25
CA LYS C 248 -14.14 43.21 23.32
C LYS C 248 -15.47 42.93 22.62
N LYS C 249 -15.42 42.24 21.47
CA LYS C 249 -16.63 42.05 20.69
C LYS C 249 -17.50 40.92 21.21
N GLY C 250 -16.93 39.98 21.96
CA GLY C 250 -17.60 38.74 22.27
C GLY C 250 -17.02 37.54 21.57
N PHE C 251 -16.05 37.74 20.67
CA PHE C 251 -15.33 36.68 19.98
C PHE C 251 -14.78 35.63 20.95
N PRO C 252 -14.48 34.43 20.49
CA PRO C 252 -13.60 33.54 21.26
C PRO C 252 -12.16 33.65 20.79
N VAL C 253 -11.22 33.82 21.72
CA VAL C 253 -9.79 33.90 21.41
C VAL C 253 -9.02 33.12 22.46
N LEU C 254 -7.69 33.11 22.33
CA LEU C 254 -6.82 32.41 23.26
C LEU C 254 -5.69 33.33 23.70
N SER C 255 -5.00 32.93 24.77
CA SER C 255 -3.86 33.70 25.23
C SER C 255 -2.71 33.59 24.24
N LYS C 256 -1.71 34.46 24.43
CA LYS C 256 -0.51 34.39 23.59
C LYS C 256 0.20 33.05 23.74
N MET C 257 0.26 32.54 24.98
CA MET C 257 0.92 31.25 25.22
C MET C 257 0.15 30.13 24.55
N HIS C 258 -1.18 30.12 24.69
CA HIS C 258 -1.99 29.14 23.99
C HIS C 258 -1.73 29.17 22.49
N GLN C 259 -1.45 30.34 21.93
CA GLN C 259 -1.21 30.44 20.49
C GLN C 259 0.15 29.88 20.12
N ARG C 260 1.20 30.22 20.88
CA ARG C 260 2.48 29.53 20.73
C ARG C 260 2.27 28.02 20.66
N LEU C 261 1.48 27.49 21.61
CA LEU C 261 1.18 26.07 21.65
C LEU C 261 0.51 25.59 20.37
N ILE C 262 -0.55 26.29 19.95
CA ILE C 262 -1.33 25.87 18.77
C ILE C 262 -0.43 25.78 17.55
N PHE C 263 0.50 26.73 17.42
CA PHE C 263 1.45 26.66 16.30
C PHE C 263 2.30 25.40 16.39
N ARG C 264 2.88 25.16 17.58
CA ARG C 264 3.64 23.92 17.77
C ARG C 264 2.83 22.69 17.37
N LEU C 265 1.55 22.66 17.76
CA LEU C 265 0.70 21.51 17.46
C LEU C 265 0.40 21.40 15.98
N LEU C 266 0.29 22.54 15.29
CA LEU C 266 0.01 22.53 13.86
C LEU C 266 1.19 21.99 13.07
N LYS C 267 2.41 22.23 13.54
CA LYS C 267 3.56 21.65 12.84
C LYS C 267 3.48 20.12 12.82
N LEU C 268 3.00 19.52 13.91
CA LEU C 268 2.78 18.08 13.95
C LEU C 268 1.52 17.65 13.22
N GLU C 269 0.74 18.61 12.70
CA GLU C 269 -0.41 18.34 11.84
C GLU C 269 -1.49 17.52 12.56
N VAL C 270 -1.59 17.69 13.87
CA VAL C 270 -2.59 16.95 14.63
C VAL C 270 -3.98 17.46 14.29
N GLN C 271 -4.97 16.58 14.42
CA GLN C 271 -6.36 17.01 14.33
C GLN C 271 -6.74 17.74 15.61
N PHE C 272 -7.63 18.72 15.48
CA PHE C 272 -8.08 19.51 16.61
C PHE C 272 -9.54 19.21 16.89
N ILE C 273 -9.86 19.00 18.17
CA ILE C 273 -11.20 18.63 18.61
C ILE C 273 -11.70 19.72 19.54
N ILE C 274 -12.98 20.07 19.42
CA ILE C 274 -13.61 21.04 20.31
C ILE C 274 -14.50 20.28 21.28
N THR C 275 -14.36 20.58 22.57
CA THR C 275 -15.25 20.04 23.57
C THR C 275 -15.81 21.18 24.42
N GLY C 276 -16.86 20.87 25.18
CA GLY C 276 -17.56 21.87 25.96
C GLY C 276 -18.74 22.45 25.21
N THR C 277 -19.58 23.16 25.97
CA THR C 277 -20.77 23.78 25.41
C THR C 277 -20.47 25.21 24.95
N ASN C 278 -21.46 25.86 24.35
CA ASN C 278 -21.28 27.19 23.79
C ASN C 278 -21.48 28.21 24.90
N HIS C 279 -20.38 28.70 25.46
CA HIS C 279 -20.46 29.77 26.45
C HIS C 279 -20.58 31.13 25.79
N HIS C 280 -19.96 31.31 24.62
CA HIS C 280 -20.12 32.51 23.82
C HIS C 280 -21.36 32.37 22.94
N SER C 281 -22.51 32.22 23.61
CA SER C 281 -23.75 31.83 22.93
C SER C 281 -24.25 32.88 21.95
N GLU C 282 -23.67 34.08 21.94
CA GLU C 282 -24.01 35.06 20.91
C GLU C 282 -23.77 34.50 19.52
N LYS C 283 -22.72 33.71 19.36
CA LYS C 283 -22.23 33.26 18.07
C LYS C 283 -22.69 31.83 17.80
N GLU C 284 -22.01 31.16 16.87
CA GLU C 284 -22.17 29.74 16.60
C GLU C 284 -20.80 29.07 16.72
N PHE C 285 -20.81 27.75 16.86
CA PHE C 285 -19.57 27.01 17.07
C PHE C 285 -18.58 27.19 15.93
N CYS C 286 -19.01 27.70 14.78
CA CYS C 286 -18.06 28.03 13.73
C CYS C 286 -17.12 29.16 14.15
N SER C 287 -17.46 29.91 15.21
CA SER C 287 -16.57 30.97 15.66
C SER C 287 -15.26 30.41 16.21
N TYR C 288 -15.36 29.46 17.14
CA TYR C 288 -14.18 28.78 17.66
C TYR C 288 -13.34 28.21 16.53
N LEU C 289 -13.98 27.48 15.62
CA LEU C 289 -13.28 26.85 14.51
C LEU C 289 -12.59 27.88 13.64
N GLN C 290 -13.27 29.01 13.38
CA GLN C 290 -12.75 30.02 12.46
C GLN C 290 -11.55 30.73 13.06
N TYR C 291 -11.53 30.93 14.38
CA TYR C 291 -10.31 31.44 15.02
C TYR C 291 -9.11 30.59 14.64
N LEU C 292 -9.25 29.26 14.76
CA LEU C 292 -8.19 28.34 14.40
C LEU C 292 -7.83 28.46 12.92
N GLU C 293 -8.82 28.32 12.05
CA GLU C 293 -8.62 28.42 10.60
C GLU C 293 -7.81 29.65 10.25
N TYR C 294 -8.23 30.81 10.77
CA TYR C 294 -7.48 32.05 10.62
C TYR C 294 -6.03 31.87 11.04
N LEU C 295 -5.81 31.36 12.26
CA LEU C 295 -4.44 31.17 12.75
C LEU C 295 -3.63 30.33 11.76
N SER C 296 -4.23 29.27 11.24
CA SER C 296 -3.49 28.33 10.41
C SER C 296 -3.13 28.96 9.07
N GLN C 297 -4.00 29.82 8.55
CA GLN C 297 -3.66 30.52 7.32
C GLN C 297 -2.62 31.61 7.57
N ASN C 298 -2.69 32.24 8.74
CA ASN C 298 -1.79 33.34 9.07
C ASN C 298 -0.53 32.85 9.79
N ARG C 299 0.14 31.91 9.15
CA ARG C 299 1.47 31.45 9.49
C ARG C 299 2.33 31.53 8.24
N PRO C 300 3.65 31.49 8.37
CA PRO C 300 4.53 31.59 7.19
C PRO C 300 4.10 30.61 6.11
N PRO C 301 3.85 31.10 4.90
CA PRO C 301 3.23 30.26 3.88
C PRO C 301 4.13 29.07 3.54
N PRO C 302 3.52 27.96 3.13
CA PRO C 302 4.30 26.71 2.93
C PRO C 302 5.30 26.85 1.80
N ASN C 303 6.58 26.76 2.14
CA ASN C 303 7.66 26.96 1.19
C ASN C 303 7.69 25.86 0.14
N ALA C 304 8.53 26.07 -0.87
CA ALA C 304 8.84 24.98 -1.80
C ALA C 304 9.73 23.94 -1.14
N TYR C 305 10.83 24.40 -0.54
CA TYR C 305 11.68 23.52 0.28
C TYR C 305 10.85 22.77 1.31
N GLU C 306 10.06 23.50 2.08
CA GLU C 306 9.37 22.89 3.22
C GLU C 306 8.28 21.94 2.76
N LEU C 307 7.59 22.27 1.66
CA LEU C 307 6.57 21.34 1.17
C LEU C 307 7.21 20.10 0.55
N PHE C 308 8.38 20.24 -0.08
CA PHE C 308 9.11 19.06 -0.53
C PHE C 308 9.43 18.15 0.65
N ALA C 309 9.99 18.72 1.72
CA ALA C 309 10.41 17.89 2.84
C ALA C 309 9.24 17.42 3.69
N LYS C 310 8.09 18.09 3.60
CA LYS C 310 6.95 17.76 4.44
C LYS C 310 6.41 16.37 4.12
N GLY C 311 6.55 15.91 2.88
CA GLY C 311 6.15 14.55 2.56
C GLY C 311 7.08 13.52 3.16
N TYR C 312 8.33 13.89 3.40
CA TYR C 312 9.31 13.00 3.99
C TYR C 312 9.41 13.14 5.51
N GLU C 313 8.45 13.80 6.14
CA GLU C 313 8.51 14.00 7.59
C GLU C 313 8.49 12.66 8.32
N ASP C 314 9.56 12.39 9.06
CA ASP C 314 9.71 11.16 9.83
C ASP C 314 9.60 9.93 8.94
N TYR C 315 9.93 10.06 7.65
CA TYR C 315 9.91 8.93 6.73
C TYR C 315 11.29 8.30 6.68
N LEU C 316 11.35 7.00 6.94
CA LEU C 316 12.63 6.30 7.00
C LEU C 316 13.05 5.81 5.62
N GLN C 317 14.35 5.92 5.36
CA GLN C 317 14.94 5.41 4.12
C GLN C 317 16.32 4.87 4.41
N SER C 318 16.67 3.76 3.77
CA SER C 318 17.99 3.19 3.94
C SER C 318 19.04 4.11 3.32
N PRO C 319 20.21 4.25 3.93
CA PRO C 319 21.24 5.13 3.36
C PRO C 319 21.71 4.63 2.01
N LEU C 320 21.75 5.54 1.04
CA LEU C 320 22.30 5.22 -0.26
C LEU C 320 23.78 4.84 -0.12
N GLN C 321 24.25 4.01 -1.05
CA GLN C 321 25.66 3.62 -1.12
C GLN C 321 26.14 3.86 -2.53
N PRO C 322 26.47 5.11 -2.87
CA PRO C 322 26.90 5.40 -4.26
C PRO C 322 28.14 4.65 -4.68
N LEU C 323 28.98 4.21 -3.74
CA LEU C 323 30.16 3.42 -4.10
C LEU C 323 29.76 2.02 -4.55
N MET C 324 29.03 1.30 -3.68
CA MET C 324 28.69 -0.08 -3.97
C MET C 324 27.55 -0.18 -4.98
N ASP C 325 26.54 0.67 -4.84
CA ASP C 325 25.39 0.68 -5.74
C ASP C 325 25.55 1.79 -6.78
N ASN C 326 25.10 1.52 -7.99
CA ASN C 326 25.00 2.55 -9.02
C ASN C 326 23.67 3.26 -8.88
N LEU C 327 23.71 4.57 -8.70
CA LEU C 327 22.50 5.34 -8.40
C LEU C 327 21.61 5.46 -9.63
N GLU C 328 20.30 5.48 -9.38
CA GLU C 328 19.32 5.64 -10.46
C GLU C 328 19.34 7.09 -10.96
N SER C 329 18.57 7.33 -12.02
CA SER C 329 18.64 8.62 -12.70
C SER C 329 17.98 9.71 -11.86
N GLN C 330 16.72 9.51 -11.45
CA GLN C 330 16.01 10.51 -10.67
C GLN C 330 16.68 10.81 -9.34
N THR C 331 17.47 9.88 -8.80
CA THR C 331 18.27 10.16 -7.61
C THR C 331 19.27 11.28 -7.89
N TYR C 332 20.08 11.12 -8.94
CA TYR C 332 20.94 12.22 -9.38
C TYR C 332 20.12 13.48 -9.63
N GLU C 333 18.96 13.32 -10.26
CA GLU C 333 18.10 14.47 -10.58
C GLU C 333 17.80 15.29 -9.33
N VAL C 334 17.48 14.63 -8.22
CA VAL C 334 17.20 15.39 -7.00
C VAL C 334 18.50 15.92 -6.42
N PHE C 335 19.62 15.22 -6.63
CA PHE C 335 20.90 15.77 -6.17
C PHE C 335 21.20 17.10 -6.84
N GLU C 336 20.97 17.17 -8.15
CA GLU C 336 21.30 18.37 -8.92
C GLU C 336 20.37 19.53 -8.63
N LYS C 337 19.11 19.24 -8.32
CA LYS C 337 18.11 20.28 -8.07
C LYS C 337 18.35 20.93 -6.71
N ASP C 338 19.58 21.41 -6.47
CA ASP C 338 19.92 22.06 -5.20
C ASP C 338 20.94 23.13 -5.50
N PRO C 339 20.47 24.36 -5.79
CA PRO C 339 21.41 25.38 -6.29
C PRO C 339 22.46 25.81 -5.26
N ILE C 340 22.04 26.18 -4.05
CA ILE C 340 22.92 26.71 -3.00
C ILE C 340 24.23 25.93 -2.89
N LYS C 341 24.11 24.60 -2.89
CA LYS C 341 25.29 23.75 -2.71
C LYS C 341 26.26 23.91 -3.87
N TYR C 342 25.77 23.94 -5.10
CA TYR C 342 26.66 24.08 -6.24
C TYR C 342 27.19 25.50 -6.37
N SER C 343 26.41 26.49 -5.94
CA SER C 343 26.93 27.86 -5.83
C SER C 343 28.14 27.89 -4.89
N GLN C 344 28.03 27.20 -3.76
CA GLN C 344 29.14 27.13 -2.80
C GLN C 344 30.35 26.43 -3.42
N TYR C 345 30.11 25.29 -4.09
CA TYR C 345 31.22 24.58 -4.73
C TYR C 345 31.92 25.45 -5.77
N GLN C 346 31.13 26.17 -6.58
CA GLN C 346 31.68 27.06 -7.58
C GLN C 346 32.53 28.15 -6.95
N GLN C 347 32.03 28.77 -5.89
CA GLN C 347 32.79 29.81 -5.21
C GLN C 347 34.10 29.27 -4.63
N ALA C 348 34.05 28.05 -4.08
CA ALA C 348 35.27 27.46 -3.52
C ALA C 348 36.32 27.22 -4.60
N ILE C 349 35.90 26.60 -5.71
CA ILE C 349 36.81 26.41 -6.83
C ILE C 349 37.39 27.74 -7.29
N TYR C 350 36.55 28.76 -7.37
CA TYR C 350 36.96 30.07 -7.86
C TYR C 350 38.04 30.68 -6.99
N LYS C 351 37.81 30.69 -5.67
CA LYS C 351 38.82 31.24 -4.76
C LYS C 351 40.11 30.45 -4.83
N CYS C 352 40.03 29.11 -4.91
CA CYS C 352 41.24 28.31 -5.02
C CYS C 352 42.02 28.63 -6.29
N LEU C 353 41.29 28.83 -7.40
CA LEU C 353 41.94 29.23 -8.65
C LEU C 353 42.70 30.53 -8.47
N LEU C 354 42.04 31.55 -7.90
CA LEU C 354 42.70 32.83 -7.73
C LEU C 354 43.93 32.70 -6.83
N ASP C 355 43.86 31.81 -5.83
CA ASP C 355 45.01 31.65 -4.95
C ASP C 355 46.17 30.96 -5.66
N ARG C 356 45.87 29.98 -6.53
CA ARG C 356 46.94 29.16 -7.09
C ARG C 356 47.64 29.83 -8.26
N VAL C 357 46.89 30.43 -9.17
CA VAL C 357 47.47 31.01 -10.38
C VAL C 357 47.42 32.53 -10.25
N PRO C 358 48.56 33.21 -10.19
CA PRO C 358 48.56 34.67 -10.05
C PRO C 358 48.00 35.34 -11.31
N GLU C 359 47.84 36.66 -11.20
CA GLU C 359 47.16 37.42 -12.24
C GLU C 359 47.95 37.43 -13.54
N GLU C 360 49.28 37.61 -13.45
CA GLU C 360 50.06 37.72 -14.68
C GLU C 360 50.13 36.39 -15.42
N GLU C 361 50.06 35.27 -14.70
CA GLU C 361 50.23 33.96 -15.29
C GLU C 361 48.94 33.37 -15.85
N LYS C 362 47.84 34.15 -15.87
CA LYS C 362 46.52 33.58 -16.12
C LYS C 362 46.48 32.77 -17.41
N ASP C 363 47.23 33.20 -18.43
CA ASP C 363 47.18 32.57 -19.73
C ASP C 363 48.28 31.54 -19.94
N THR C 364 49.30 31.54 -19.10
CA THR C 364 50.44 30.64 -19.27
C THR C 364 50.37 29.40 -18.38
N ASN C 365 49.58 29.42 -17.32
CA ASN C 365 49.47 28.29 -16.41
C ASN C 365 48.04 27.79 -16.41
N VAL C 366 47.84 26.58 -16.93
CA VAL C 366 46.54 25.92 -16.92
C VAL C 366 46.52 24.96 -15.73
N GLN C 367 45.35 24.82 -15.11
CA GLN C 367 45.19 24.00 -13.92
C GLN C 367 44.48 22.70 -14.25
N VAL C 368 45.04 21.59 -13.80
CA VAL C 368 44.38 20.30 -13.97
C VAL C 368 43.44 20.08 -12.80
N LEU C 369 42.15 19.98 -13.10
CA LEU C 369 41.07 20.03 -12.12
C LEU C 369 40.15 18.84 -12.38
N MET C 370 40.15 17.87 -11.46
CA MET C 370 39.47 16.60 -11.68
C MET C 370 38.25 16.50 -10.77
N VAL C 371 37.10 16.21 -11.37
CA VAL C 371 35.87 15.97 -10.62
C VAL C 371 35.78 14.48 -10.37
N LEU C 372 36.12 14.06 -9.15
CA LEU C 372 36.07 12.65 -8.76
C LEU C 372 34.68 12.35 -8.21
N GLY C 373 33.91 11.55 -8.95
CA GLY C 373 32.52 11.33 -8.62
C GLY C 373 31.63 12.37 -9.26
N ALA C 374 31.60 12.38 -10.59
CA ALA C 374 30.96 13.48 -11.31
C ALA C 374 29.46 13.30 -11.45
N GLY C 375 28.96 12.07 -11.47
CA GLY C 375 27.54 11.86 -11.65
C GLY C 375 27.11 12.22 -13.05
N ARG C 376 26.09 13.08 -13.16
CA ARG C 376 25.68 13.66 -14.43
C ARG C 376 26.31 15.01 -14.68
N GLY C 377 27.37 15.34 -13.92
CA GLY C 377 28.20 16.49 -14.18
C GLY C 377 27.65 17.88 -13.85
N PRO C 378 26.98 18.06 -12.70
CA PRO C 378 26.76 19.43 -12.25
C PRO C 378 28.03 20.06 -11.73
N LEU C 379 28.92 19.26 -11.12
CA LEU C 379 30.21 19.78 -10.68
C LEU C 379 31.08 20.18 -11.87
N VAL C 380 30.88 19.53 -13.02
CA VAL C 380 31.65 19.92 -14.21
C VAL C 380 31.23 21.30 -14.69
N ASN C 381 29.92 21.51 -14.85
CA ASN C 381 29.42 22.83 -15.22
C ASN C 381 29.81 23.87 -14.18
N ALA C 382 29.85 23.48 -12.91
CA ALA C 382 30.28 24.42 -11.86
C ALA C 382 31.75 24.78 -12.01
N SER C 383 32.60 23.79 -12.28
CA SER C 383 34.01 24.07 -12.52
C SER C 383 34.19 25.01 -13.71
N LEU C 384 33.38 24.83 -14.76
CA LEU C 384 33.49 25.70 -15.92
C LEU C 384 33.07 27.13 -15.61
N ARG C 385 31.89 27.28 -14.98
CA ARG C 385 31.43 28.61 -14.59
C ARG C 385 32.42 29.29 -13.66
N ALA C 386 33.05 28.52 -12.76
CA ALA C 386 34.06 29.10 -11.89
C ALA C 386 35.30 29.52 -12.68
N ALA C 387 35.71 28.71 -13.67
CA ALA C 387 36.86 29.05 -14.47
C ALA C 387 36.66 30.37 -15.20
N LYS C 388 35.46 30.60 -15.70
CA LYS C 388 35.27 31.85 -16.44
C LYS C 388 34.96 33.02 -15.50
N GLN C 389 34.27 32.76 -14.38
CA GLN C 389 34.05 33.80 -13.38
C GLN C 389 35.37 34.32 -12.84
N ALA C 390 36.34 33.42 -12.65
CA ALA C 390 37.64 33.80 -12.14
C ALA C 390 38.62 34.20 -13.26
N ASP C 391 38.34 33.76 -14.49
CA ASP C 391 39.19 34.05 -15.65
C ASP C 391 40.56 33.38 -15.50
N ARG C 392 40.59 32.05 -15.59
CA ARG C 392 41.83 31.28 -15.53
C ARG C 392 41.69 30.07 -16.45
N ARG C 393 42.82 29.41 -16.71
CA ARG C 393 42.88 28.26 -17.59
C ARG C 393 42.75 26.96 -16.80
N ILE C 394 41.88 26.06 -17.24
CA ILE C 394 41.70 24.76 -16.59
C ILE C 394 41.53 23.66 -17.63
N LYS C 395 42.12 22.50 -17.36
CA LYS C 395 41.85 21.28 -18.10
C LYS C 395 41.11 20.32 -17.17
N LEU C 396 40.03 19.71 -17.67
CA LEU C 396 39.05 19.06 -16.82
C LEU C 396 39.00 17.55 -17.05
N TYR C 397 38.81 16.81 -15.96
CA TYR C 397 38.53 15.37 -15.99
C TYR C 397 37.28 15.11 -15.19
N ALA C 398 36.38 14.28 -15.72
CA ALA C 398 35.17 13.88 -15.03
C ALA C 398 35.22 12.37 -14.82
N VAL C 399 35.54 11.95 -13.61
CA VAL C 399 35.69 10.53 -13.27
C VAL C 399 34.37 10.02 -12.70
N GLU C 400 33.98 8.82 -13.12
CA GLU C 400 32.72 8.24 -12.66
C GLU C 400 32.76 6.73 -12.88
N LYS C 401 32.42 5.96 -11.85
CA LYS C 401 32.39 4.51 -11.96
C LYS C 401 31.01 3.98 -12.35
N ASN C 402 29.98 4.81 -12.28
CA ASN C 402 28.63 4.48 -12.71
C ASN C 402 28.54 4.70 -14.22
N PRO C 403 28.53 3.63 -15.02
CA PRO C 403 28.47 3.83 -16.48
C PRO C 403 27.15 4.40 -16.96
N ASN C 404 26.06 4.12 -16.25
CA ASN C 404 24.76 4.66 -16.66
C ASN C 404 24.75 6.17 -16.58
N ALA C 405 25.59 6.76 -15.72
CA ALA C 405 25.76 8.20 -15.68
C ALA C 405 26.85 8.66 -16.64
N VAL C 406 27.85 7.81 -16.90
CA VAL C 406 28.85 8.10 -17.91
C VAL C 406 28.21 8.30 -19.27
N VAL C 407 27.07 7.64 -19.50
CA VAL C 407 26.29 7.88 -20.72
C VAL C 407 25.94 9.36 -20.83
N THR C 408 25.23 9.87 -19.82
CA THR C 408 24.86 11.28 -19.77
C THR C 408 26.08 12.19 -19.90
N LEU C 409 27.16 11.82 -19.20
CA LEU C 409 28.36 12.64 -19.20
C LEU C 409 28.96 12.76 -20.59
N GLU C 410 29.11 11.63 -21.29
CA GLU C 410 29.73 11.67 -22.61
C GLU C 410 28.82 12.34 -23.62
N ASN C 411 27.50 12.20 -23.48
CA ASN C 411 26.60 12.95 -24.34
C ASN C 411 26.80 14.45 -24.16
N TRP C 412 26.80 14.91 -22.91
CA TRP C 412 27.14 16.32 -22.62
C TRP C 412 28.47 16.71 -23.25
N GLN C 413 29.49 15.88 -23.03
CA GLN C 413 30.86 16.21 -23.43
C GLN C 413 30.95 16.41 -24.93
N PHE C 414 30.48 15.42 -25.69
CA PHE C 414 30.44 15.57 -27.15
C PHE C 414 29.66 16.82 -27.53
N GLU C 415 28.49 17.02 -26.92
CA GLU C 415 27.61 18.09 -27.37
C GLU C 415 28.15 19.46 -26.98
N GLU C 416 28.58 19.62 -25.71
CA GLU C 416 28.77 20.94 -25.14
C GLU C 416 30.22 21.19 -24.72
N TRP C 417 30.79 20.34 -23.88
CA TRP C 417 32.09 20.67 -23.28
C TRP C 417 33.22 20.53 -24.29
N GLY C 418 33.10 19.63 -25.25
CA GLY C 418 34.19 19.41 -26.17
C GLY C 418 35.32 18.62 -25.51
N SER C 419 36.50 18.75 -26.13
CA SER C 419 37.69 18.04 -25.64
C SER C 419 38.33 18.72 -24.44
N GLN C 420 37.81 19.88 -24.01
CA GLN C 420 38.27 20.49 -22.78
C GLN C 420 38.11 19.52 -21.60
N VAL C 421 36.97 18.83 -21.55
CA VAL C 421 36.69 17.84 -20.53
C VAL C 421 37.05 16.46 -21.06
N THR C 422 37.62 15.61 -20.20
CA THR C 422 37.87 14.22 -20.53
C THR C 422 37.04 13.36 -19.58
N VAL C 423 36.13 12.56 -20.13
CA VAL C 423 35.28 11.69 -19.33
C VAL C 423 36.02 10.38 -19.10
N VAL C 424 36.21 10.02 -17.83
CA VAL C 424 36.96 8.84 -17.44
C VAL C 424 35.99 7.91 -16.71
N SER C 425 35.71 6.76 -17.31
CA SER C 425 34.74 5.81 -16.76
C SER C 425 35.50 4.73 -16.00
N SER C 426 35.79 4.99 -14.74
CA SER C 426 36.45 4.02 -13.88
C SER C 426 36.37 4.48 -12.44
N ASP C 427 36.73 3.57 -11.53
CA ASP C 427 36.85 3.90 -10.12
C ASP C 427 38.11 4.73 -9.88
N MET C 428 37.99 5.76 -9.05
CA MET C 428 39.13 6.61 -8.76
C MET C 428 40.22 5.87 -7.99
N ARG C 429 39.88 4.80 -7.29
CA ARG C 429 40.88 3.96 -6.67
C ARG C 429 41.66 3.14 -7.70
N GLU C 430 41.09 2.95 -8.88
CA GLU C 430 41.71 2.16 -9.95
C GLU C 430 42.52 3.04 -10.90
N TRP C 431 41.95 4.15 -11.33
CA TRP C 431 42.39 4.90 -12.51
C TRP C 431 43.86 5.26 -12.44
N VAL C 432 44.61 4.85 -13.48
CA VAL C 432 45.99 5.27 -13.65
C VAL C 432 45.95 6.55 -14.49
N ALA C 433 45.85 7.68 -13.81
CA ALA C 433 45.64 8.95 -14.51
C ALA C 433 46.89 9.33 -15.31
N PRO C 434 46.72 10.06 -16.43
CA PRO C 434 47.90 10.41 -17.24
C PRO C 434 48.78 11.46 -16.59
N GLU C 435 48.18 12.51 -16.02
CA GLU C 435 48.93 13.60 -15.42
C GLU C 435 48.36 13.94 -14.05
N LYS C 436 49.23 14.36 -13.14
CA LYS C 436 48.83 14.64 -11.78
C LYS C 436 47.95 15.88 -11.72
N ALA C 437 47.23 16.02 -10.61
CA ALA C 437 46.13 16.97 -10.50
C ALA C 437 46.54 18.20 -9.69
N ASP C 438 46.03 19.35 -10.12
CA ASP C 438 46.12 20.56 -9.31
C ASP C 438 45.01 20.62 -8.28
N ILE C 439 43.78 20.26 -8.66
CA ILE C 439 42.66 20.27 -7.73
C ILE C 439 41.83 19.02 -7.95
N ILE C 440 41.30 18.45 -6.86
CA ILE C 440 40.36 17.33 -6.94
C ILE C 440 39.09 17.72 -6.20
N VAL C 441 37.94 17.57 -6.87
CA VAL C 441 36.65 17.99 -6.34
C VAL C 441 35.79 16.75 -6.13
N SER C 442 35.24 16.62 -4.93
CA SER C 442 34.48 15.42 -4.56
C SER C 442 33.06 15.79 -4.11
N GLU C 443 32.23 14.74 -4.01
CA GLU C 443 30.86 14.87 -3.54
C GLU C 443 30.43 13.62 -2.80
N LEU C 444 31.38 12.89 -2.22
CA LEU C 444 31.18 11.54 -1.70
C LEU C 444 30.71 11.53 -0.25
N LEU C 445 30.03 12.57 0.20
CA LEU C 445 29.59 12.69 1.58
C LEU C 445 28.15 12.19 1.72
N GLY C 446 27.89 11.48 2.82
CA GLY C 446 26.54 11.16 3.22
C GLY C 446 26.03 12.11 4.29
N SER C 447 24.88 11.77 4.85
CA SER C 447 24.33 12.55 5.95
C SER C 447 25.22 12.51 7.18
N PHE C 448 26.03 11.45 7.32
CA PHE C 448 26.98 11.32 8.41
C PHE C 448 28.41 11.54 7.92
N ALA C 449 28.57 12.34 6.86
CA ALA C 449 29.85 12.65 6.23
C ALA C 449 30.51 11.43 5.60
N ASP C 450 31.32 10.71 6.35
CA ASP C 450 32.14 9.63 5.81
C ASP C 450 31.36 8.34 5.56
N ASN C 451 30.05 8.33 5.78
CA ASN C 451 29.28 7.09 5.68
C ASN C 451 29.11 6.59 4.24
N GLU C 452 29.54 7.37 3.24
CA GLU C 452 29.65 6.87 1.88
C GLU C 452 31.10 6.58 1.51
N LEU C 453 32.00 6.58 2.50
CA LEU C 453 33.39 6.15 2.35
C LEU C 453 34.22 7.10 1.48
N SER C 454 33.86 8.37 1.47
CA SER C 454 34.74 9.41 0.93
C SER C 454 36.19 9.31 1.40
N PRO C 455 36.51 9.02 2.68
CA PRO C 455 37.94 8.89 3.03
C PRO C 455 38.69 7.85 2.22
N GLU C 456 38.15 6.63 2.08
CA GLU C 456 38.85 5.59 1.35
C GLU C 456 38.98 5.92 -0.13
N CYS C 457 37.90 6.41 -0.75
CA CYS C 457 37.96 6.78 -2.15
C CYS C 457 39.02 7.84 -2.41
N LEU C 458 39.03 8.90 -1.60
CA LEU C 458 40.01 9.96 -1.81
C LEU C 458 41.42 9.51 -1.47
N ASP C 459 41.56 8.64 -0.46
CA ASP C 459 42.86 8.06 -0.14
C ASP C 459 43.42 7.29 -1.33
N GLY C 460 42.57 6.55 -2.03
CA GLY C 460 43.01 5.88 -3.24
C GLY C 460 43.29 6.84 -4.37
N ALA C 461 42.48 7.87 -4.51
CA ALA C 461 42.65 8.85 -5.56
C ALA C 461 43.71 9.90 -5.25
N GLN C 462 44.41 9.76 -4.11
CA GLN C 462 45.31 10.81 -3.66
C GLN C 462 46.63 10.79 -4.43
N HIS C 463 47.15 9.60 -4.74
CA HIS C 463 48.49 9.46 -5.27
C HIS C 463 48.70 10.28 -6.54
N PHE C 464 47.65 10.44 -7.36
CA PHE C 464 47.77 11.25 -8.57
C PHE C 464 47.45 12.71 -8.32
N LEU C 465 47.65 13.20 -7.10
CA LEU C 465 47.54 14.62 -6.79
C LEU C 465 48.94 15.21 -6.65
N LYS C 466 49.10 16.44 -7.14
CA LYS C 466 50.39 17.11 -7.05
C LYS C 466 50.76 17.30 -5.58
N ASP C 467 52.07 17.27 -5.31
CA ASP C 467 52.57 17.32 -3.95
C ASP C 467 52.20 18.61 -3.23
N ASP C 468 51.57 19.55 -3.93
CA ASP C 468 51.08 20.78 -3.32
C ASP C 468 49.65 21.10 -3.77
N GLY C 469 48.86 20.07 -4.09
CA GLY C 469 47.53 20.27 -4.61
C GLY C 469 46.47 20.44 -3.54
N VAL C 470 45.24 20.65 -4.01
CA VAL C 470 44.11 20.97 -3.14
C VAL C 470 43.01 19.93 -3.35
N SER C 471 42.38 19.54 -2.25
CA SER C 471 41.17 18.73 -2.28
C SER C 471 40.00 19.59 -1.83
N ILE C 472 38.97 19.68 -2.68
CA ILE C 472 37.69 20.29 -2.36
C ILE C 472 36.67 19.16 -2.28
N PRO C 473 36.12 18.87 -1.10
CA PRO C 473 36.34 19.51 0.19
C PRO C 473 37.67 19.10 0.80
N GLY C 474 38.24 19.97 1.62
CA GLY C 474 39.47 19.65 2.30
C GLY C 474 39.22 18.99 3.63
N GLU C 475 38.03 19.18 4.20
CA GLU C 475 37.82 18.58 5.51
C GLU C 475 36.35 18.25 5.71
N TYR C 476 36.06 17.25 6.55
CA TYR C 476 34.67 17.07 6.98
C TYR C 476 34.64 16.41 8.36
N THR C 477 33.49 16.54 9.01
CA THR C 477 33.30 16.18 10.42
C THR C 477 31.86 15.76 10.67
N SER C 478 31.67 14.64 11.35
CA SER C 478 30.32 14.18 11.68
C SER C 478 29.89 14.69 13.06
N PHE C 479 28.58 14.76 13.27
CA PHE C 479 27.99 15.30 14.49
C PHE C 479 26.86 14.40 14.96
N LEU C 480 26.73 14.26 16.28
CA LEU C 480 25.73 13.40 16.90
C LEU C 480 25.01 14.13 18.02
N ALA C 481 23.75 13.77 18.23
CA ALA C 481 22.96 14.32 19.34
C ALA C 481 21.89 13.32 19.77
N PRO C 482 21.74 13.07 21.07
CA PRO C 482 20.70 12.14 21.52
C PRO C 482 19.31 12.72 21.31
N ILE C 483 18.36 11.85 20.96
CA ILE C 483 17.00 12.27 20.67
C ILE C 483 16.00 11.28 21.28
N SER C 484 14.92 11.85 21.81
CA SER C 484 13.72 11.13 22.21
C SER C 484 12.69 11.24 21.10
N SER C 485 12.07 10.11 20.74
CA SER C 485 10.97 10.08 19.80
C SER C 485 10.35 8.69 19.77
N SER C 486 9.41 8.42 20.68
CA SER C 486 8.72 7.14 20.68
C SER C 486 8.08 6.86 19.32
N LYS C 487 7.64 7.90 18.63
CA LYS C 487 7.13 7.78 17.27
C LYS C 487 8.12 7.07 16.35
N LEU C 488 9.31 7.64 16.20
CA LEU C 488 10.32 7.04 15.32
C LEU C 488 10.80 5.70 15.84
N TYR C 489 10.84 5.53 17.17
CA TYR C 489 11.18 4.23 17.72
C TYR C 489 10.20 3.16 17.25
N ASN C 490 8.91 3.48 17.26
CA ASN C 490 7.91 2.53 16.77
C ASN C 490 8.04 2.31 15.27
N GLU C 491 8.35 3.37 14.52
CA GLU C 491 8.56 3.22 13.08
C GLU C 491 9.70 2.25 12.80
N VAL C 492 10.79 2.35 13.55
CA VAL C 492 11.90 1.42 13.42
C VAL C 492 11.46 0.02 13.83
N ARG C 493 10.78 -0.08 14.97
CA ARG C 493 10.28 -1.37 15.46
C ARG C 493 9.49 -2.09 14.39
N ALA C 494 8.71 -1.35 13.59
CA ALA C 494 7.92 -1.96 12.52
C ALA C 494 8.75 -2.41 11.31
N CYS C 495 10.06 -2.16 11.30
CA CYS C 495 10.90 -2.55 10.17
C CYS C 495 11.39 -3.99 10.26
N ARG C 496 10.92 -4.76 11.23
CA ARG C 496 11.33 -6.16 11.35
C ARG C 496 10.93 -6.94 10.11
N GLU C 497 11.88 -7.71 9.58
CA GLU C 497 11.66 -8.50 8.37
C GLU C 497 11.88 -9.98 8.65
N LYS C 498 11.22 -10.81 7.85
CA LYS C 498 11.49 -12.24 7.88
C LYS C 498 12.90 -12.52 7.37
N ASP C 499 13.43 -13.69 7.77
CA ASP C 499 14.70 -14.22 7.28
C ASP C 499 15.89 -13.36 7.72
N ARG C 500 15.81 -12.76 8.90
CA ARG C 500 16.95 -12.05 9.48
C ARG C 500 16.67 -11.86 10.97
N ASP C 501 17.67 -11.35 11.67
CA ASP C 501 17.54 -11.17 13.11
C ASP C 501 16.34 -10.26 13.42
N PRO C 502 15.53 -10.60 14.42
CA PRO C 502 14.34 -9.80 14.71
C PRO C 502 14.64 -8.36 15.09
N GLU C 503 15.87 -8.08 15.51
CA GLU C 503 16.25 -6.75 15.95
C GLU C 503 17.24 -6.07 15.01
N ALA C 504 17.40 -6.58 13.79
CA ALA C 504 18.36 -5.99 12.86
C ALA C 504 18.02 -4.53 12.54
N GLN C 505 16.73 -4.19 12.52
CA GLN C 505 16.33 -2.83 12.17
C GLN C 505 16.89 -1.81 13.13
N PHE C 506 17.12 -2.18 14.39
CA PHE C 506 17.68 -1.25 15.35
C PHE C 506 19.19 -1.08 15.20
N GLU C 507 19.85 -1.99 14.48
CA GLU C 507 21.31 -1.95 14.32
C GLU C 507 21.73 -1.37 12.98
N MET C 508 20.91 -0.49 12.40
CA MET C 508 21.23 0.11 11.11
C MET C 508 20.68 1.52 11.09
N PRO C 509 21.34 2.45 10.42
CA PRO C 509 20.86 3.83 10.39
C PRO C 509 19.84 4.06 9.29
N TYR C 510 19.12 5.16 9.41
CA TYR C 510 18.11 5.54 8.44
C TYR C 510 18.22 7.03 8.14
N VAL C 511 18.10 7.38 6.87
CA VAL C 511 18.04 8.77 6.45
C VAL C 511 16.59 9.24 6.53
N VAL C 512 16.36 10.36 7.21
CA VAL C 512 15.00 10.79 7.51
C VAL C 512 14.96 12.28 7.85
N ARG C 513 14.00 13.00 7.28
CA ARG C 513 13.76 14.36 7.75
C ARG C 513 13.09 14.30 9.11
N LEU C 514 13.87 14.36 10.19
CA LEU C 514 13.32 14.30 11.53
C LEU C 514 12.33 15.45 11.72
N HIS C 515 11.24 15.17 12.44
CA HIS C 515 10.16 16.13 12.59
C HIS C 515 9.58 16.09 13.99
N ASN C 516 8.90 14.99 14.34
CA ASN C 516 8.30 14.82 15.66
C ASN C 516 9.32 14.11 16.54
N PHE C 517 10.16 14.89 17.20
CA PHE C 517 11.21 14.34 18.05
C PHE C 517 11.69 15.42 19.01
N HIS C 518 12.57 15.03 19.92
CA HIS C 518 13.08 15.92 20.96
C HIS C 518 14.60 15.81 21.03
N GLN C 519 15.29 16.88 20.66
CA GLN C 519 16.73 16.93 20.86
C GLN C 519 17.02 17.11 22.34
N LEU C 520 17.86 16.23 22.89
CA LEU C 520 18.09 16.16 24.33
C LEU C 520 19.40 16.81 24.75
N SER C 521 20.26 17.16 23.81
CA SER C 521 21.54 17.79 24.11
C SER C 521 22.12 18.34 22.82
N ALA C 522 23.01 19.31 22.96
CA ALA C 522 23.57 19.98 21.79
C ALA C 522 24.43 19.01 20.98
N PRO C 523 24.33 19.03 19.64
CA PRO C 523 25.20 18.19 18.82
C PRO C 523 26.67 18.42 19.12
N GLN C 524 27.44 17.34 19.05
CA GLN C 524 28.88 17.36 19.29
C GLN C 524 29.60 16.61 18.17
N PRO C 525 30.83 17.02 17.84
CA PRO C 525 31.53 16.39 16.72
C PRO C 525 31.96 14.97 17.05
N CYS C 526 31.82 14.09 16.07
CA CYS C 526 32.15 12.67 16.24
C CYS C 526 33.44 12.32 15.52
N PHE C 527 33.46 12.31 14.19
CA PHE C 527 34.62 11.90 13.41
C PHE C 527 34.99 12.99 12.42
N THR C 528 36.29 13.22 12.25
CA THR C 528 36.79 14.22 11.31
C THR C 528 37.80 13.57 10.37
N PHE C 529 37.79 14.01 9.13
CA PHE C 529 38.74 13.56 8.11
C PHE C 529 39.26 14.75 7.33
N SER C 530 40.55 14.70 7.00
CA SER C 530 41.24 15.77 6.29
C SER C 530 41.86 15.23 5.01
N HIS C 531 41.74 16.00 3.94
CA HIS C 531 42.27 15.60 2.64
C HIS C 531 42.97 16.77 1.98
N PRO C 532 44.22 16.59 1.52
CA PRO C 532 45.00 15.34 1.50
C PRO C 532 45.44 14.87 2.88
N ASN C 533 45.47 13.56 3.09
CA ASN C 533 45.93 12.97 4.35
C ASN C 533 47.37 12.51 4.13
N ARG C 534 48.32 13.31 4.62
CA ARG C 534 49.72 13.02 4.35
C ARG C 534 50.24 11.89 5.23
N ASP C 535 49.60 11.68 6.39
CA ASP C 535 49.93 10.71 7.43
C ASP C 535 50.50 9.42 6.84
N PRO C 536 51.69 9.00 7.27
CA PRO C 536 52.23 7.73 6.76
C PRO C 536 51.50 6.51 7.29
N MET C 537 50.84 6.63 8.44
CA MET C 537 50.11 5.53 9.06
C MET C 537 48.61 5.78 8.92
N ILE C 538 48.12 5.70 7.68
CA ILE C 538 46.72 6.02 7.40
C ILE C 538 45.84 4.98 8.05
N ASP C 539 44.93 5.42 8.92
CA ASP C 539 43.96 4.54 9.58
C ASP C 539 42.66 5.31 9.71
N ASN C 540 41.67 4.94 8.90
CA ASN C 540 40.37 5.59 8.91
C ASN C 540 39.43 5.03 9.95
N ASN C 541 39.91 4.16 10.83
CA ASN C 541 39.11 3.66 11.93
C ASN C 541 39.05 4.69 13.06
N ARG C 542 37.99 4.62 13.86
CA ARG C 542 37.81 5.64 14.89
C ARG C 542 37.12 5.04 16.11
N TYR C 543 37.49 5.52 17.30
CA TYR C 543 36.81 5.21 18.56
C TYR C 543 36.56 6.51 19.31
N CYS C 544 35.32 6.99 19.29
CA CYS C 544 34.95 8.26 19.89
C CYS C 544 33.99 8.05 21.07
N THR C 545 34.06 8.95 22.04
CA THR C 545 33.21 8.94 23.21
C THR C 545 32.63 10.33 23.41
N LEU C 546 31.32 10.42 23.58
CA LEU C 546 30.63 11.70 23.70
C LEU C 546 29.78 11.71 24.96
N GLU C 547 29.85 12.82 25.70
CA GLU C 547 29.07 13.01 26.92
C GLU C 547 28.12 14.18 26.70
N PHE C 548 26.83 13.90 26.75
CA PHE C 548 25.76 14.86 26.48
C PHE C 548 25.02 15.19 27.76
N PRO C 549 25.21 16.35 28.36
CA PRO C 549 24.40 16.73 29.52
C PRO C 549 22.95 16.93 29.13
N VAL C 550 22.05 16.43 29.97
CA VAL C 550 20.61 16.47 29.71
C VAL C 550 19.96 17.19 30.88
N GLU C 551 19.18 18.24 30.57
CA GLU C 551 18.56 19.07 31.59
C GLU C 551 17.06 18.82 31.72
N VAL C 552 16.59 17.63 31.32
CA VAL C 552 15.16 17.30 31.36
C VAL C 552 15.01 15.81 31.65
N ASN C 553 13.81 15.44 32.09
CA ASN C 553 13.40 14.03 32.11
C ASN C 553 12.90 13.65 30.72
N THR C 554 13.30 12.48 30.25
CA THR C 554 12.97 12.06 28.89
C THR C 554 13.35 10.59 28.73
N VAL C 555 13.18 10.09 27.51
CA VAL C 555 13.50 8.72 27.16
C VAL C 555 14.33 8.72 25.88
N LEU C 556 15.57 8.28 25.99
CA LEU C 556 16.45 8.16 24.83
C LEU C 556 15.99 7.02 23.93
N HIS C 557 15.73 7.36 22.67
CA HIS C 557 15.45 6.39 21.62
C HIS C 557 16.51 6.33 20.53
N GLY C 558 17.25 7.41 20.28
CA GLY C 558 18.27 7.28 19.27
C GLY C 558 19.22 8.46 19.26
N PHE C 559 19.97 8.55 18.17
CA PHE C 559 20.92 9.64 17.99
C PHE C 559 20.78 10.20 16.58
N ALA C 560 20.51 11.49 16.49
CA ALA C 560 20.53 12.19 15.21
C ALA C 560 21.97 12.48 14.79
N GLY C 561 22.21 12.41 13.49
CA GLY C 561 23.52 12.63 12.92
C GLY C 561 23.54 13.58 11.74
N TYR C 562 24.51 14.49 11.78
CA TYR C 562 24.68 15.55 10.80
C TYR C 562 26.14 15.63 10.40
N PHE C 563 26.48 16.59 9.55
CA PHE C 563 27.87 16.75 9.15
C PHE C 563 28.17 18.20 8.80
N GLU C 564 29.46 18.54 8.89
CA GLU C 564 30.00 19.79 8.38
C GLU C 564 31.17 19.45 7.47
N THR C 565 31.39 20.28 6.45
CA THR C 565 32.53 20.06 5.58
C THR C 565 33.10 21.39 5.11
N VAL C 566 34.42 21.49 5.14
CA VAL C 566 35.14 22.64 4.61
C VAL C 566 35.52 22.31 3.17
N LEU C 567 34.88 23.01 2.23
CA LEU C 567 35.25 22.91 0.82
C LEU C 567 36.56 23.64 0.56
N TYR C 568 36.64 24.90 0.99
CA TYR C 568 37.85 25.69 0.82
C TYR C 568 37.78 26.88 1.76
N GLN C 569 38.69 26.94 2.73
CA GLN C 569 38.83 28.08 3.63
C GLN C 569 37.54 28.41 4.37
N ASP C 570 36.84 29.46 3.96
CA ASP C 570 35.61 29.88 4.64
C ASP C 570 34.35 29.48 3.88
N ILE C 571 34.47 28.62 2.87
CA ILE C 571 33.30 28.08 2.18
C ILE C 571 33.06 26.66 2.71
N THR C 572 31.90 26.45 3.33
CA THR C 572 31.60 25.19 3.98
C THR C 572 30.15 24.80 3.70
N LEU C 573 29.86 23.54 3.97
CA LEU C 573 28.50 23.02 3.91
C LEU C 573 28.16 22.35 5.24
N SER C 574 26.88 22.37 5.59
CA SER C 574 26.46 21.82 6.87
C SER C 574 24.95 21.59 6.87
N ILE C 575 24.53 20.45 7.41
CA ILE C 575 23.14 20.20 7.75
C ILE C 575 22.91 20.25 9.25
N ARG C 576 23.95 20.44 10.04
CA ARG C 576 23.84 20.64 11.47
C ARG C 576 22.89 21.80 11.77
N PRO C 577 21.87 21.60 12.61
CA PRO C 577 20.85 22.65 12.80
C PRO C 577 21.41 24.00 13.20
N GLU C 578 22.51 24.03 13.95
CA GLU C 578 23.11 25.31 14.34
C GLU C 578 23.73 26.01 13.16
N THR C 579 24.57 25.29 12.40
CA THR C 579 25.35 25.88 11.32
C THR C 579 24.80 25.53 9.94
N HIS C 580 23.51 25.20 9.86
CA HIS C 580 22.90 24.69 8.65
C HIS C 580 23.12 25.63 7.47
N SER C 581 23.63 25.09 6.37
CA SER C 581 23.65 25.81 5.12
C SER C 581 22.21 26.07 4.68
N PRO C 582 21.78 27.33 4.58
CA PRO C 582 20.34 27.60 4.48
C PRO C 582 19.80 27.36 3.07
N GLY C 583 18.62 26.75 3.01
CA GLY C 583 17.99 26.47 1.75
C GLY C 583 18.50 25.24 1.03
N MET C 584 19.34 24.43 1.68
CA MET C 584 19.97 23.29 1.03
C MET C 584 19.24 22.02 1.45
N PHE C 585 18.68 21.31 0.46
CA PHE C 585 17.92 20.10 0.73
C PHE C 585 18.53 18.88 0.02
N SER C 586 19.86 18.85 -0.09
CA SER C 586 20.52 17.69 -0.68
C SER C 586 20.56 16.51 0.27
N TRP C 587 20.69 16.77 1.57
CA TRP C 587 20.75 15.72 2.58
C TRP C 587 19.64 15.91 3.60
N PHE C 588 19.21 14.80 4.19
CA PHE C 588 18.43 14.75 5.42
C PHE C 588 19.30 14.24 6.55
N PRO C 589 18.89 14.43 7.81
CA PRO C 589 19.69 13.87 8.91
C PRO C 589 19.64 12.35 8.94
N ILE C 590 20.65 11.76 9.57
CA ILE C 590 20.71 10.32 9.75
C ILE C 590 20.27 9.99 11.17
N LEU C 591 19.84 8.76 11.41
CA LEU C 591 19.37 8.34 12.72
C LEU C 591 19.99 7.00 13.08
N PHE C 592 20.68 6.95 14.22
CA PHE C 592 21.17 5.70 14.77
C PHE C 592 20.28 5.30 15.94
N PRO C 593 19.44 4.28 15.79
CA PRO C 593 18.55 3.89 16.90
C PRO C 593 19.24 2.99 17.90
N ILE C 594 18.51 2.69 18.97
CA ILE C 594 18.93 1.71 19.96
C ILE C 594 17.76 0.78 20.25
N LYS C 595 18.08 -0.48 20.56
CA LYS C 595 17.05 -1.51 20.73
C LYS C 595 16.11 -1.15 21.87
N GLN C 596 16.65 -0.97 23.06
CA GLN C 596 15.81 -0.69 24.21
C GLN C 596 15.88 0.79 24.55
N PRO C 597 14.75 1.46 24.74
CA PRO C 597 14.77 2.87 25.14
C PRO C 597 15.33 3.01 26.54
N ILE C 598 15.91 4.18 26.83
CA ILE C 598 16.64 4.39 28.08
C ILE C 598 16.11 5.63 28.77
N THR C 599 15.61 5.46 29.99
CA THR C 599 15.10 6.60 30.76
C THR C 599 16.25 7.49 31.21
N VAL C 600 16.03 8.81 31.15
CA VAL C 600 17.04 9.78 31.55
C VAL C 600 16.37 10.84 32.41
N ARG C 601 16.81 10.96 33.67
CA ARG C 601 16.28 11.99 34.55
C ARG C 601 17.02 13.30 34.35
N GLU C 602 16.35 14.40 34.74
CA GLU C 602 16.94 15.73 34.62
C GLU C 602 18.29 15.80 35.31
N GLY C 603 19.26 16.41 34.64
CA GLY C 603 20.60 16.56 35.18
C GLY C 603 21.57 15.46 34.80
N GLN C 604 21.08 14.28 34.43
CA GLN C 604 21.96 13.18 34.07
C GLN C 604 22.68 13.47 32.76
N THR C 605 23.69 12.65 32.47
CA THR C 605 24.51 12.79 31.27
C THR C 605 24.47 11.49 30.48
N ILE C 606 24.24 11.61 29.18
CA ILE C 606 24.21 10.47 28.28
C ILE C 606 25.60 10.27 27.69
N CYS C 607 26.19 9.10 27.90
CA CYS C 607 27.51 8.78 27.37
C CYS C 607 27.35 7.78 26.25
N VAL C 608 27.63 8.21 25.02
CA VAL C 608 27.54 7.33 23.86
C VAL C 608 28.95 7.06 23.34
N ARG C 609 29.13 5.88 22.79
CA ARG C 609 30.40 5.46 22.22
C ARG C 609 30.18 5.08 20.77
N PHE C 610 31.11 5.46 19.90
CA PHE C 610 30.97 5.17 18.47
C PHE C 610 32.29 4.64 17.91
N TRP C 611 32.19 3.69 17.00
CA TRP C 611 33.36 3.15 16.32
C TRP C 611 33.13 3.20 14.82
N ARG C 612 34.14 3.64 14.10
CA ARG C 612 34.21 3.42 12.66
C ARG C 612 35.19 2.28 12.43
N CYS C 613 34.67 1.17 11.90
CA CYS C 613 35.42 -0.07 11.71
C CYS C 613 35.43 -0.44 10.23
N SER C 614 36.39 -1.29 9.85
CA SER C 614 36.58 -1.60 8.44
C SER C 614 37.48 -2.82 8.28
N ASN C 615 37.41 -3.40 7.09
CA ASN C 615 38.42 -4.33 6.61
C ASN C 615 38.63 -4.01 5.13
N SER C 616 39.15 -5.00 4.38
CA SER C 616 39.42 -4.76 2.97
C SER C 616 38.14 -4.57 2.17
N LYS C 617 37.03 -5.16 2.63
CA LYS C 617 35.80 -5.19 1.85
C LYS C 617 34.68 -4.33 2.40
N LYS C 618 34.60 -4.16 3.72
CA LYS C 618 33.47 -3.48 4.32
C LYS C 618 33.95 -2.36 5.23
N VAL C 619 33.05 -1.39 5.43
CA VAL C 619 33.17 -0.36 6.46
C VAL C 619 31.82 -0.30 7.16
N TRP C 620 31.84 -0.06 8.47
CA TRP C 620 30.59 0.01 9.23
C TRP C 620 30.82 0.73 10.54
N TYR C 621 29.72 1.09 11.18
CA TYR C 621 29.75 1.72 12.50
C TYR C 621 29.18 0.78 13.55
N GLU C 622 29.76 0.84 14.74
CA GLU C 622 29.17 0.25 15.93
C GLU C 622 28.96 1.37 16.96
N TRP C 623 28.01 1.15 17.87
CA TRP C 623 27.75 2.18 18.87
C TRP C 623 27.07 1.57 20.09
N ALA C 624 27.18 2.30 21.19
CA ALA C 624 26.62 1.84 22.47
C ALA C 624 26.47 3.04 23.41
N VAL C 625 25.44 2.97 24.25
CA VAL C 625 25.26 3.93 25.34
C VAL C 625 25.81 3.30 26.61
N THR C 626 26.65 4.06 27.33
CA THR C 626 27.25 3.57 28.56
C THR C 626 26.80 4.32 29.80
N ALA C 627 26.00 5.38 29.66
CA ALA C 627 25.50 6.15 30.79
C ALA C 627 24.28 6.91 30.33
N PRO C 628 23.25 7.08 31.18
CA PRO C 628 23.15 6.71 32.59
C PRO C 628 23.13 5.20 32.81
N VAL C 629 22.82 4.45 31.76
CA VAL C 629 22.81 2.99 31.82
C VAL C 629 23.52 2.47 30.56
N CYS C 630 23.80 1.18 30.55
CA CYS C 630 24.46 0.56 29.41
C CYS C 630 23.44 -0.06 28.47
N SER C 631 23.68 0.13 27.18
CA SER C 631 22.97 -0.62 26.15
C SER C 631 23.84 -1.77 25.70
N ALA C 632 23.36 -2.51 24.70
CA ALA C 632 24.24 -3.45 24.03
C ALA C 632 25.01 -2.73 22.93
N ILE C 633 26.10 -3.35 22.48
CA ILE C 633 26.85 -2.81 21.36
C ILE C 633 26.09 -3.11 20.09
N HIS C 634 25.82 -2.07 19.31
CA HIS C 634 24.94 -2.19 18.15
C HIS C 634 25.73 -2.44 16.88
N ASN C 635 25.15 -3.27 16.02
CA ASN C 635 25.78 -3.71 14.77
C ASN C 635 27.22 -4.20 14.98
N PRO C 636 27.44 -5.17 15.88
CA PRO C 636 28.79 -5.71 16.04
C PRO C 636 29.20 -6.51 14.82
N THR C 637 30.46 -6.34 14.42
CA THR C 637 31.01 -6.99 13.22
C THR C 637 30.19 -6.62 11.98
N GLY C 638 29.51 -5.49 12.01
CA GLY C 638 28.64 -5.06 10.93
C GLY C 638 27.59 -6.10 10.57
N ARG C 639 27.23 -6.95 11.54
CA ARG C 639 26.37 -8.09 11.25
C ARG C 639 25.03 -7.66 10.66
N SER C 640 24.56 -6.45 11.00
CA SER C 640 23.29 -5.95 10.50
C SER C 640 23.42 -4.83 9.48
N TYR C 641 24.57 -4.16 9.42
CA TYR C 641 24.76 -3.07 8.48
C TYR C 641 26.23 -2.94 8.12
N THR C 642 26.55 -3.13 6.85
CA THR C 642 27.89 -2.85 6.33
C THR C 642 27.79 -1.91 5.14
N ILE C 643 28.82 -1.10 4.96
CA ILE C 643 28.94 -0.21 3.82
C ILE C 643 29.99 -0.81 2.88
N GLY C 644 29.60 -1.06 1.64
CA GLY C 644 30.45 -1.80 0.73
C GLY C 644 31.59 -0.99 0.14
N LEU C 645 32.82 -1.48 0.30
CA LEU C 645 33.98 -0.91 -0.37
C LEU C 645 34.12 -1.48 -1.78
N MET D 35 -44.20 7.44 26.42
CA MET D 35 -43.23 7.94 27.39
C MET D 35 -41.91 7.20 27.28
N GLU D 36 -40.82 7.91 27.52
CA GLU D 36 -39.50 7.29 27.51
C GLU D 36 -39.39 6.27 28.63
N ARG D 37 -38.67 5.19 28.35
CA ARG D 37 -38.68 4.03 29.23
C ARG D 37 -37.99 4.29 30.56
N GLN D 38 -36.92 5.08 30.56
CA GLN D 38 -36.08 5.22 31.76
C GLN D 38 -36.56 6.40 32.58
N LEU D 39 -37.27 6.11 33.67
CA LEU D 39 -37.73 7.14 34.60
C LEU D 39 -36.58 7.51 35.53
N GLU D 40 -36.23 8.80 35.56
CA GLU D 40 -35.08 9.25 36.32
C GLU D 40 -35.41 9.93 37.64
N ALA D 41 -36.53 10.66 37.73
CA ALA D 41 -36.80 11.41 38.94
C ALA D 41 -38.28 11.37 39.28
N ALA D 42 -38.57 11.47 40.58
CA ALA D 42 -39.94 11.42 41.07
C ALA D 42 -40.03 12.25 42.35
N ARG D 43 -40.69 13.40 42.28
CA ARG D 43 -40.77 14.31 43.42
C ARG D 43 -42.21 14.67 43.74
N TYR D 44 -42.59 14.56 45.00
CA TYR D 44 -43.93 14.90 45.44
C TYR D 44 -44.02 16.38 45.80
N ARG D 45 -45.09 17.02 45.34
CA ARG D 45 -45.37 18.38 45.76
C ARG D 45 -46.14 18.35 47.08
N SER D 46 -46.15 19.49 47.77
CA SER D 46 -46.73 19.55 49.10
C SER D 46 -48.21 19.16 49.10
N ASP D 47 -48.93 19.49 48.03
CA ASP D 47 -50.35 19.18 47.95
C ASP D 47 -50.64 17.76 47.46
N GLY D 48 -49.62 16.95 47.25
CA GLY D 48 -49.82 15.57 46.85
C GLY D 48 -49.67 15.26 45.38
N ALA D 49 -49.35 16.24 44.55
CA ALA D 49 -49.17 16.00 43.12
C ALA D 49 -47.78 15.43 42.87
N LEU D 50 -47.66 14.55 41.89
CA LEU D 50 -46.42 13.83 41.64
C LEU D 50 -45.78 14.32 40.35
N LEU D 51 -44.49 14.67 40.42
CA LEU D 51 -43.71 15.12 39.27
C LEU D 51 -42.74 14.02 38.87
N LEU D 52 -42.66 13.76 37.57
CA LEU D 52 -41.85 12.69 37.02
C LEU D 52 -40.92 13.23 35.94
N GLY D 53 -39.69 12.72 35.94
CA GLY D 53 -38.73 13.05 34.90
C GLY D 53 -38.16 11.80 34.28
N ALA D 54 -38.33 11.66 32.96
CA ALA D 54 -37.97 10.45 32.23
C ALA D 54 -36.92 10.75 31.17
N SER D 55 -36.08 9.76 30.90
CA SER D 55 -35.08 9.84 29.86
C SER D 55 -35.23 8.64 28.92
N SER D 56 -34.71 8.79 27.71
CA SER D 56 -34.58 7.68 26.77
C SER D 56 -33.10 7.42 26.59
N LEU D 57 -32.63 6.28 27.08
CA LEU D 57 -31.22 5.93 27.02
C LEU D 57 -30.92 4.89 25.95
N SER D 58 -31.89 4.57 25.10
CA SER D 58 -31.68 3.67 23.97
C SER D 58 -32.61 4.09 22.86
N GLY D 59 -32.39 3.53 21.67
CA GLY D 59 -33.21 3.86 20.53
C GLY D 59 -32.68 5.05 19.76
N ARG D 60 -33.37 5.33 18.65
CA ARG D 60 -32.95 6.39 17.75
C ARG D 60 -32.85 7.73 18.47
N CYS D 61 -33.84 8.06 19.29
CA CYS D 61 -33.91 9.36 19.95
C CYS D 61 -33.48 9.21 21.41
N TRP D 62 -32.49 10.00 21.82
CA TRP D 62 -32.04 10.07 23.21
C TRP D 62 -32.54 11.40 23.78
N ALA D 63 -33.78 11.40 24.25
CA ALA D 63 -34.38 12.63 24.76
C ALA D 63 -34.94 12.44 26.16
N GLY D 64 -35.70 13.43 26.64
CA GLY D 64 -36.30 13.35 27.95
C GLY D 64 -37.65 14.03 27.98
N SER D 65 -38.31 13.94 29.13
CA SER D 65 -39.65 14.48 29.26
C SER D 65 -40.03 14.67 30.73
N LEU D 66 -40.92 15.62 30.96
CA LEU D 66 -41.44 15.94 32.28
C LEU D 66 -42.94 15.68 32.31
N TRP D 67 -43.44 15.16 33.44
CA TRP D 67 -44.84 14.81 33.55
C TRP D 67 -45.37 15.15 34.93
N LEU D 68 -46.62 15.60 35.00
CA LEU D 68 -47.28 15.95 36.24
C LEU D 68 -48.57 15.16 36.36
N PHE D 69 -48.67 14.38 37.45
CA PHE D 69 -49.82 13.54 37.75
C PHE D 69 -50.46 14.05 39.04
N LYS D 70 -51.64 14.66 38.92
CA LYS D 70 -52.47 14.96 40.08
C LYS D 70 -53.19 13.73 40.62
N ASP D 71 -53.16 12.63 39.88
CA ASP D 71 -53.50 11.32 40.40
C ASP D 71 -52.20 10.54 40.56
N PRO D 72 -51.76 10.24 41.78
CA PRO D 72 -50.48 9.55 41.94
C PRO D 72 -50.53 8.10 41.49
N CYS D 73 -51.67 7.43 41.65
CA CYS D 73 -51.79 6.04 41.25
C CYS D 73 -52.06 5.87 39.76
N ALA D 74 -52.28 6.96 39.03
CA ALA D 74 -52.46 6.88 37.58
C ALA D 74 -51.14 6.80 36.84
N ALA D 75 -50.04 7.18 37.48
CA ALA D 75 -48.73 7.04 36.85
C ALA D 75 -48.38 5.55 36.73
N PRO D 76 -47.61 5.18 35.70
CA PRO D 76 -46.93 6.01 34.70
C PRO D 76 -47.75 6.32 33.44
N ASN D 77 -48.98 5.83 33.32
CA ASN D 77 -49.73 5.92 32.07
C ASN D 77 -49.86 7.37 31.61
N GLU D 78 -49.41 7.65 30.39
CA GLU D 78 -49.38 9.02 29.89
C GLU D 78 -50.77 9.60 29.70
N GLY D 79 -51.75 8.76 29.35
CA GLY D 79 -53.07 9.28 29.03
C GLY D 79 -53.74 9.94 30.21
N PHE D 80 -53.51 9.41 31.41
CA PHE D 80 -54.17 9.90 32.61
C PHE D 80 -53.29 10.87 33.37
N CYS D 81 -52.66 11.82 32.68
CA CYS D 81 -51.75 12.75 33.32
C CYS D 81 -52.33 14.15 33.33
N SER D 82 -51.85 14.96 34.28
CA SER D 82 -52.29 16.34 34.39
C SER D 82 -51.48 17.30 33.55
N ALA D 83 -50.22 16.97 33.24
CA ALA D 83 -49.42 17.79 32.34
C ALA D 83 -48.23 16.97 31.85
N GLY D 84 -47.64 17.44 30.75
CA GLY D 84 -46.47 16.79 30.18
C GLY D 84 -45.77 17.60 29.12
N VAL D 85 -44.46 17.42 28.98
CA VAL D 85 -43.67 18.19 28.02
C VAL D 85 -42.45 17.37 27.61
N GLN D 86 -42.01 17.61 26.37
CA GLN D 86 -40.88 16.93 25.75
C GLN D 86 -39.68 17.85 25.69
N THR D 87 -38.53 17.40 26.22
CA THR D 87 -37.32 18.18 26.17
C THR D 87 -36.45 17.74 25.00
N GLU D 88 -35.59 18.67 24.57
CA GLU D 88 -34.59 18.36 23.56
C GLU D 88 -33.74 17.16 23.98
N ALA D 89 -33.28 17.15 25.22
CA ALA D 89 -32.34 16.15 25.70
C ALA D 89 -32.86 15.55 27.00
N GLY D 90 -32.26 14.43 27.39
CA GLY D 90 -32.71 13.70 28.56
C GLY D 90 -32.49 14.49 29.85
N VAL D 91 -32.95 13.89 30.94
CA VAL D 91 -32.95 14.54 32.25
C VAL D 91 -32.15 13.65 33.21
N ALA D 92 -31.15 14.24 33.87
CA ALA D 92 -30.31 13.47 34.77
C ALA D 92 -30.79 13.59 36.22
N ASP D 93 -30.99 14.81 36.70
CA ASP D 93 -31.57 15.04 38.01
C ASP D 93 -32.64 16.12 37.87
N LEU D 94 -33.44 16.28 38.94
CA LEU D 94 -34.65 17.07 38.83
C LEU D 94 -35.12 17.46 40.23
N THR D 95 -35.65 18.67 40.36
CA THR D 95 -36.12 19.13 41.67
C THR D 95 -37.16 20.23 41.49
N TRP D 96 -38.05 20.33 42.47
CA TRP D 96 -39.06 21.39 42.49
C TRP D 96 -38.43 22.73 42.81
N VAL D 97 -39.11 23.80 42.41
CA VAL D 97 -38.81 25.14 42.88
C VAL D 97 -40.08 25.72 43.50
N GLY D 98 -40.36 25.33 44.74
CA GLY D 98 -41.58 25.75 45.40
C GLY D 98 -42.79 24.96 44.95
N GLU D 99 -43.59 25.55 44.07
CA GLU D 99 -44.85 24.94 43.64
C GLU D 99 -45.03 24.97 42.13
N ARG D 100 -44.56 26.03 41.46
CA ARG D 100 -44.73 26.15 40.02
C ARG D 100 -43.43 26.00 39.24
N GLY D 101 -42.28 25.93 39.91
CA GLY D 101 -40.99 25.85 39.25
C GLY D 101 -40.47 24.43 39.20
N ILE D 102 -39.78 24.09 38.11
CA ILE D 102 -39.22 22.76 37.91
C ILE D 102 -37.80 22.95 37.38
N LEU D 103 -36.80 22.55 38.16
CA LEU D 103 -35.40 22.74 37.78
C LEU D 103 -34.85 21.42 37.27
N VAL D 104 -34.29 21.44 36.06
CA VAL D 104 -33.87 20.24 35.34
C VAL D 104 -32.38 20.35 35.02
N ALA D 105 -31.66 19.26 35.24
CA ALA D 105 -30.25 19.15 34.87
C ALA D 105 -30.17 18.29 33.62
N SER D 106 -29.92 18.91 32.46
CA SER D 106 -30.05 18.19 31.21
C SER D 106 -28.72 17.64 30.73
N ASP D 107 -28.78 16.57 29.93
CA ASP D 107 -27.58 16.02 29.31
C ASP D 107 -26.89 17.03 28.42
N SER D 108 -27.62 18.04 27.94
CA SER D 108 -27.06 19.05 27.06
C SER D 108 -25.95 19.86 27.70
N GLY D 109 -25.70 19.69 29.00
CA GLY D 109 -24.86 20.60 29.72
C GLY D 109 -25.59 21.82 30.25
N ALA D 110 -26.91 21.87 30.06
CA ALA D 110 -27.69 23.03 30.45
C ALA D 110 -28.45 22.79 31.75
N VAL D 111 -28.73 23.89 32.43
CA VAL D 111 -29.72 23.91 33.49
C VAL D 111 -30.97 24.56 32.91
N GLU D 112 -32.08 23.84 32.94
CA GLU D 112 -33.34 24.34 32.40
C GLU D 112 -34.31 24.59 33.54
N LEU D 113 -34.94 25.76 33.53
CA LEU D 113 -36.01 26.06 34.47
C LEU D 113 -37.32 26.13 33.71
N TRP D 114 -38.26 25.27 34.10
CA TRP D 114 -39.58 25.13 33.49
C TRP D 114 -40.63 25.67 34.46
N GLU D 115 -41.34 26.70 34.03
CA GLU D 115 -42.45 27.27 34.80
C GLU D 115 -43.72 26.50 34.49
N LEU D 116 -44.57 26.38 35.50
CA LEU D 116 -45.85 25.71 35.35
C LEU D 116 -46.93 26.70 34.93
N ASP D 117 -48.00 26.18 34.33
CA ASP D 117 -49.06 27.02 33.80
C ASP D 117 -50.02 27.45 34.90
N GLU D 118 -50.71 28.56 34.65
CA GLU D 118 -51.72 29.08 35.56
C GLU D 118 -52.73 28.01 35.95
N ASN D 119 -53.14 27.20 34.97
CA ASN D 119 -54.08 26.11 35.23
C ASN D 119 -53.39 24.82 35.64
N GLU D 120 -52.06 24.77 35.60
CA GLU D 120 -51.30 23.53 35.84
C GLU D 120 -51.70 22.46 34.82
N THR D 121 -51.76 22.87 33.55
CA THR D 121 -52.00 21.99 32.42
C THR D 121 -50.83 21.94 31.45
N LEU D 122 -50.14 23.06 31.27
CA LEU D 122 -48.98 23.14 30.39
C LEU D 122 -47.70 23.34 31.20
N ILE D 123 -46.57 23.04 30.57
CA ILE D 123 -45.25 23.25 31.15
C ILE D 123 -44.42 24.02 30.14
N VAL D 124 -43.84 25.14 30.58
CA VAL D 124 -43.17 26.07 29.69
C VAL D 124 -41.76 26.35 30.20
N SER D 125 -40.82 26.50 29.28
CA SER D 125 -39.41 26.72 29.63
C SER D 125 -39.20 28.18 29.99
N LYS D 126 -38.98 28.45 31.27
CA LYS D 126 -38.65 29.81 31.70
C LYS D 126 -37.24 30.20 31.25
N PHE D 127 -36.26 29.31 31.45
CA PHE D 127 -34.95 29.56 30.86
C PHE D 127 -34.24 28.23 30.64
N CYS D 128 -33.11 28.31 29.95
CA CYS D 128 -32.30 27.14 29.66
C CYS D 128 -30.88 27.62 29.34
N LYS D 129 -29.97 27.51 30.30
CA LYS D 129 -28.64 28.10 30.16
C LYS D 129 -27.59 27.01 30.00
N TYR D 130 -26.72 27.19 29.00
CA TYR D 130 -25.61 26.28 28.70
C TYR D 130 -24.35 26.88 29.31
N GLU D 131 -24.11 26.59 30.58
CA GLU D 131 -22.90 27.06 31.25
C GLU D 131 -21.97 25.95 31.68
N HIS D 132 -22.48 24.76 31.97
CA HIS D 132 -21.62 23.60 32.18
C HIS D 132 -21.09 23.10 30.84
N ASP D 133 -19.91 22.49 30.88
CA ASP D 133 -19.31 21.95 29.67
C ASP D 133 -19.72 20.51 29.38
N ASP D 134 -20.28 19.81 30.37
CA ASP D 134 -20.65 18.42 30.24
C ASP D 134 -21.95 18.20 30.99
N ILE D 135 -22.53 17.01 30.80
CA ILE D 135 -23.77 16.56 31.43
C ILE D 135 -23.91 17.09 32.86
N VAL D 136 -24.96 17.86 33.11
CA VAL D 136 -25.28 18.29 34.46
C VAL D 136 -25.93 17.11 35.17
N SER D 137 -25.27 16.59 36.21
CA SER D 137 -25.66 15.32 36.80
C SER D 137 -26.48 15.45 38.07
N THR D 138 -26.44 16.60 38.74
CA THR D 138 -27.16 16.72 40.02
C THR D 138 -27.45 18.19 40.27
N VAL D 139 -28.59 18.44 40.94
CA VAL D 139 -29.03 19.78 41.30
C VAL D 139 -29.79 19.71 42.61
N SER D 140 -29.85 20.85 43.31
CA SER D 140 -30.61 20.98 44.54
C SER D 140 -30.87 22.47 44.81
N VAL D 141 -32.01 22.75 45.43
CA VAL D 141 -32.41 24.12 45.74
C VAL D 141 -32.06 24.42 47.19
N LEU D 142 -31.60 25.66 47.44
CA LEU D 142 -31.14 26.05 48.76
C LEU D 142 -32.31 26.44 49.64
N SER D 143 -31.99 26.85 50.87
CA SER D 143 -33.03 27.19 51.84
C SER D 143 -33.82 28.40 51.38
N SER D 144 -33.15 29.37 50.74
CA SER D 144 -33.82 30.60 50.35
C SER D 144 -34.78 30.40 49.19
N GLY D 145 -34.58 29.37 48.38
CA GLY D 145 -35.47 29.13 47.26
C GLY D 145 -35.31 30.09 46.11
N THR D 146 -34.47 31.12 46.24
CA THR D 146 -34.14 31.99 45.13
C THR D 146 -32.81 31.63 44.49
N GLN D 147 -32.13 30.60 45.00
CA GLN D 147 -30.84 30.17 44.47
C GLN D 147 -30.80 28.65 44.43
N ALA D 148 -29.90 28.13 43.59
CA ALA D 148 -29.74 26.69 43.47
C ALA D 148 -28.27 26.35 43.26
N VAL D 149 -27.95 25.08 43.45
CA VAL D 149 -26.59 24.60 43.26
C VAL D 149 -26.63 23.44 42.28
N SER D 150 -25.66 23.39 41.37
CA SER D 150 -25.62 22.36 40.35
C SER D 150 -24.24 21.72 40.27
N GLY D 151 -24.21 20.44 39.99
CA GLY D 151 -22.97 19.72 39.77
C GLY D 151 -22.97 18.97 38.45
N SER D 152 -21.87 19.03 37.71
CA SER D 152 -21.81 18.44 36.39
C SER D 152 -20.61 17.50 36.27
N LYS D 153 -20.65 16.68 35.22
CA LYS D 153 -19.51 15.82 34.90
C LYS D 153 -18.29 16.61 34.44
N ASP D 154 -18.44 17.92 34.21
CA ASP D 154 -17.30 18.77 33.90
C ASP D 154 -16.49 19.16 35.13
N ILE D 155 -16.80 18.54 36.28
CA ILE D 155 -16.03 18.62 37.52
C ILE D 155 -16.37 19.91 38.27
N CYS D 156 -17.16 20.79 37.65
CA CYS D 156 -17.46 22.08 38.24
C CYS D 156 -18.80 22.06 38.96
N ILE D 157 -18.87 22.86 40.03
CA ILE D 157 -20.12 23.15 40.73
C ILE D 157 -20.47 24.60 40.44
N LYS D 158 -21.76 24.89 40.31
CA LYS D 158 -22.18 26.24 39.98
C LYS D 158 -23.33 26.70 40.86
N VAL D 159 -23.25 27.96 41.29
CA VAL D 159 -24.28 28.60 42.10
C VAL D 159 -25.12 29.49 41.21
N TRP D 160 -26.43 29.32 41.26
CA TRP D 160 -27.36 30.00 40.35
C TRP D 160 -28.32 30.88 41.12
N ASP D 161 -28.45 32.14 40.68
CA ASP D 161 -29.58 32.98 41.06
C ASP D 161 -30.71 32.67 40.10
N LEU D 162 -31.77 32.05 40.62
CA LEU D 162 -32.86 31.61 39.75
C LEU D 162 -33.64 32.79 39.18
N ALA D 163 -33.67 33.92 39.89
CA ALA D 163 -34.39 35.10 39.41
C ALA D 163 -33.60 35.82 38.33
N GLN D 164 -32.34 36.17 38.63
CA GLN D 164 -31.50 36.84 37.63
C GLN D 164 -31.18 35.92 36.47
N GLN D 165 -31.15 34.61 36.70
CA GLN D 165 -30.88 33.60 35.67
C GLN D 165 -29.43 33.68 35.16
N VAL D 166 -28.49 33.72 36.11
CA VAL D 166 -27.06 33.71 35.78
C VAL D 166 -26.32 32.91 36.85
N VAL D 167 -25.06 32.62 36.57
CA VAL D 167 -24.19 31.93 37.51
C VAL D 167 -23.50 32.96 38.39
N LEU D 168 -23.59 32.76 39.71
CA LEU D 168 -22.94 33.66 40.65
C LEU D 168 -21.51 33.21 40.96
N SER D 169 -21.33 31.93 41.24
CA SER D 169 -20.02 31.37 41.55
C SER D 169 -19.82 30.10 40.74
N SER D 170 -18.60 29.93 40.23
CA SER D 170 -18.19 28.71 39.54
C SER D 170 -17.02 28.12 40.31
N TYR D 171 -17.22 26.91 40.86
CA TYR D 171 -16.31 26.28 41.80
C TYR D 171 -15.71 25.03 41.16
N ARG D 172 -14.44 25.10 40.77
CA ARG D 172 -13.70 23.89 40.37
C ARG D 172 -12.93 23.40 41.59
N ALA D 173 -13.63 22.72 42.47
CA ALA D 173 -13.04 22.22 43.70
C ALA D 173 -12.64 20.76 43.62
N HIS D 174 -13.36 19.96 42.86
CA HIS D 174 -13.07 18.54 42.76
C HIS D 174 -12.07 18.27 41.64
N ALA D 175 -11.62 17.02 41.56
CA ALA D 175 -10.73 16.56 40.51
C ALA D 175 -11.38 15.52 39.61
N ALA D 176 -12.58 15.05 39.93
CA ALA D 176 -13.32 14.14 39.09
C ALA D 176 -14.75 14.67 38.95
N GLN D 177 -15.55 13.97 38.16
CA GLN D 177 -16.92 14.39 37.92
C GLN D 177 -17.69 14.48 39.24
N VAL D 178 -18.52 15.52 39.36
CA VAL D 178 -19.31 15.72 40.57
C VAL D 178 -20.49 14.77 40.55
N THR D 179 -20.53 13.88 41.54
CA THR D 179 -21.62 12.90 41.61
C THR D 179 -22.90 13.53 42.15
N CYS D 180 -22.84 14.11 43.35
CA CYS D 180 -24.06 14.55 44.00
C CYS D 180 -23.84 15.87 44.73
N VAL D 181 -24.81 16.77 44.63
CA VAL D 181 -24.82 18.01 45.40
C VAL D 181 -26.13 18.10 46.16
N ALA D 182 -26.05 18.40 47.45
CA ALA D 182 -27.22 18.45 48.32
C ALA D 182 -27.20 19.76 49.09
N ALA D 183 -28.16 20.63 48.82
CA ALA D 183 -28.25 21.89 49.53
C ALA D 183 -28.70 21.67 50.97
N SER D 184 -28.18 22.50 51.86
CA SER D 184 -28.56 22.40 53.26
C SER D 184 -29.98 22.91 53.43
N PRO D 185 -30.84 22.20 54.18
CA PRO D 185 -32.19 22.74 54.41
C PRO D 185 -32.18 23.97 55.30
N HIS D 186 -31.15 24.16 56.10
CA HIS D 186 -31.15 25.13 57.18
C HIS D 186 -30.32 26.37 56.90
N LYS D 187 -29.58 26.40 55.81
CA LYS D 187 -28.69 27.54 55.56
C LYS D 187 -28.59 27.80 54.07
N ASP D 188 -28.60 29.09 53.71
CA ASP D 188 -28.53 29.47 52.30
C ASP D 188 -27.13 29.27 51.75
N SER D 189 -26.12 29.58 52.55
CA SER D 189 -24.72 29.60 52.11
C SER D 189 -24.04 28.24 52.19
N VAL D 190 -24.70 27.22 52.71
CA VAL D 190 -24.07 25.94 52.99
C VAL D 190 -24.69 24.85 52.12
N PHE D 191 -23.86 23.90 51.68
CA PHE D 191 -24.32 22.72 50.96
C PHE D 191 -23.20 21.69 50.96
N LEU D 192 -23.56 20.45 50.62
CA LEU D 192 -22.63 19.34 50.52
C LEU D 192 -22.43 18.94 49.07
N SER D 193 -21.25 18.41 48.76
CA SER D 193 -20.99 17.85 47.44
C SER D 193 -20.09 16.63 47.57
N CYS D 194 -20.25 15.69 46.64
CA CYS D 194 -19.40 14.51 46.61
C CYS D 194 -19.15 14.10 45.17
N SER D 195 -17.93 13.62 44.91
CA SER D 195 -17.45 13.37 43.56
C SER D 195 -16.62 12.10 43.54
N GLU D 196 -16.23 11.69 42.32
CA GLU D 196 -15.44 10.48 42.12
C GLU D 196 -13.97 10.67 42.46
N ASP D 197 -13.57 11.87 42.87
CA ASP D 197 -12.25 12.06 43.47
C ASP D 197 -12.21 11.63 44.93
N ASN D 198 -13.25 10.92 45.37
CA ASN D 198 -13.38 10.38 46.73
C ASN D 198 -13.50 11.47 47.78
N ARG D 199 -13.87 12.69 47.39
CA ARG D 199 -13.98 13.80 48.32
C ARG D 199 -15.43 14.12 48.63
N ILE D 200 -15.71 14.33 49.91
CA ILE D 200 -16.98 14.90 50.36
C ILE D 200 -16.67 16.27 50.92
N LEU D 201 -17.17 17.32 50.25
CA LEU D 201 -16.90 18.70 50.63
C LEU D 201 -18.12 19.31 51.29
N LEU D 202 -17.90 19.93 52.45
CA LEU D 202 -18.91 20.73 53.13
C LEU D 202 -18.60 22.20 52.83
N TRP D 203 -19.58 22.92 52.31
CA TRP D 203 -19.37 24.24 51.75
C TRP D 203 -19.94 25.33 52.66
N ASP D 204 -19.55 26.56 52.37
CA ASP D 204 -20.00 27.75 53.08
C ASP D 204 -19.57 28.98 52.30
N THR D 205 -20.45 29.49 51.43
CA THR D 205 -20.07 30.58 50.54
C THR D 205 -19.68 31.84 51.29
N ARG D 206 -20.02 31.94 52.58
CA ARG D 206 -19.55 33.06 53.39
C ARG D 206 -18.03 33.04 53.53
N CYS D 207 -17.44 31.85 53.62
CA CYS D 207 -16.00 31.72 53.74
C CYS D 207 -15.33 32.14 52.43
N PRO D 208 -14.06 32.55 52.50
CA PRO D 208 -13.32 32.80 51.25
C PRO D 208 -12.87 31.51 50.59
N LYS D 209 -12.63 30.48 51.40
CA LYS D 209 -12.36 29.14 50.91
C LYS D 209 -13.53 28.25 51.31
N PRO D 210 -14.63 28.30 50.56
CA PRO D 210 -15.87 27.67 51.04
C PRO D 210 -15.79 26.17 51.20
N ALA D 211 -14.97 25.47 50.41
CA ALA D 211 -14.90 24.03 50.49
C ALA D 211 -14.13 23.58 51.71
N SER D 212 -14.62 22.52 52.36
CA SER D 212 -13.95 21.91 53.50
C SER D 212 -14.13 20.42 53.43
N GLN D 213 -13.02 19.67 53.47
CA GLN D 213 -13.02 18.25 53.21
C GLN D 213 -13.22 17.46 54.51
N ILE D 214 -13.96 16.36 54.42
CA ILE D 214 -14.12 15.43 55.54
C ILE D 214 -14.38 14.02 55.01
N ALA D 218 -10.01 7.20 56.95
CA ALA D 218 -9.56 6.36 55.84
C ALA D 218 -10.37 6.62 54.58
N PRO D 219 -9.69 6.68 53.44
CA PRO D 219 -10.41 6.83 52.17
C PRO D 219 -11.14 5.55 51.79
N GLY D 220 -12.43 5.49 52.05
CA GLY D 220 -13.23 4.33 51.66
C GLY D 220 -13.56 4.32 50.19
N TYR D 221 -14.67 3.66 49.85
CA TYR D 221 -15.09 3.60 48.46
C TYR D 221 -15.87 4.86 48.10
N LEU D 222 -16.00 5.10 46.80
CA LEU D 222 -16.39 6.41 46.30
C LEU D 222 -17.76 6.81 46.85
N PRO D 223 -17.97 8.10 47.16
CA PRO D 223 -19.30 8.55 47.58
C PRO D 223 -20.23 8.75 46.38
N THR D 224 -21.51 8.43 46.58
CA THR D 224 -22.45 8.39 45.47
C THR D 224 -23.73 9.17 45.73
N SER D 225 -24.10 9.34 47.01
CA SER D 225 -25.36 9.99 47.34
C SER D 225 -25.21 10.71 48.68
N LEU D 226 -25.93 11.83 48.81
CA LEU D 226 -25.85 12.67 50.00
C LEU D 226 -27.25 13.03 50.48
N ALA D 227 -27.44 13.04 51.80
CA ALA D 227 -28.74 13.40 52.37
C ALA D 227 -28.52 14.04 53.73
N TRP D 228 -28.77 15.34 53.82
CA TRP D 228 -28.77 16.01 55.11
C TRP D 228 -29.84 15.40 56.02
N HIS D 229 -29.58 15.40 57.32
CA HIS D 229 -30.64 15.06 58.26
C HIS D 229 -31.59 16.25 58.37
N PRO D 230 -32.89 16.01 58.39
CA PRO D 230 -33.85 17.13 58.33
C PRO D 230 -33.79 18.04 59.54
N GLN D 231 -33.86 17.47 60.75
CA GLN D 231 -33.94 18.29 61.94
C GLN D 231 -32.58 18.72 62.47
N GLN D 232 -31.53 17.95 62.20
CA GLN D 232 -30.21 18.21 62.75
C GLN D 232 -29.30 18.69 61.62
N SER D 233 -29.05 20.00 61.59
CA SER D 233 -28.12 20.56 60.63
C SER D 233 -26.68 20.13 60.86
N GLU D 234 -26.41 19.39 61.94
CA GLU D 234 -25.07 18.96 62.28
C GLU D 234 -24.62 17.70 61.56
N VAL D 235 -25.55 16.83 61.17
CA VAL D 235 -25.20 15.50 60.70
C VAL D 235 -25.83 15.25 59.33
N PHE D 236 -25.34 14.22 58.65
CA PHE D 236 -25.93 13.79 57.38
C PHE D 236 -25.57 12.33 57.14
N VAL D 237 -25.96 11.82 55.98
CA VAL D 237 -25.66 10.44 55.60
C VAL D 237 -25.19 10.41 54.16
N PHE D 238 -24.36 9.42 53.86
CA PHE D 238 -23.87 9.24 52.49
C PHE D 238 -23.75 7.76 52.15
N GLY D 239 -24.11 7.42 50.92
CA GLY D 239 -23.94 6.07 50.41
C GLY D 239 -22.70 5.99 49.54
N ASP D 240 -22.11 4.80 49.45
CA ASP D 240 -20.95 4.62 48.59
C ASP D 240 -21.26 3.67 47.44
N GLU D 241 -20.27 3.52 46.57
CA GLU D 241 -20.41 2.64 45.41
C GLU D 241 -20.41 1.17 45.82
N ASN D 242 -19.91 0.86 47.01
CA ASN D 242 -19.86 -0.51 47.50
C ASN D 242 -21.16 -0.94 48.19
N GLY D 243 -22.18 -0.08 48.20
CA GLY D 243 -23.43 -0.45 48.83
C GLY D 243 -23.44 -0.31 50.34
N THR D 244 -22.65 0.61 50.87
CA THR D 244 -22.62 0.87 52.31
C THR D 244 -23.09 2.29 52.55
N VAL D 245 -24.03 2.46 53.48
CA VAL D 245 -24.58 3.76 53.82
C VAL D 245 -24.05 4.16 55.19
N SER D 246 -23.57 5.39 55.32
CA SER D 246 -22.89 5.83 56.53
C SER D 246 -23.52 7.11 57.05
N LEU D 247 -23.33 7.34 58.35
CA LEU D 247 -23.86 8.48 59.09
C LEU D 247 -22.70 9.28 59.66
N VAL D 248 -22.68 10.58 59.36
CA VAL D 248 -21.57 11.46 59.69
C VAL D 248 -22.08 12.62 60.54
N ASP D 249 -21.30 12.98 61.55
CA ASP D 249 -21.50 14.20 62.33
C ASP D 249 -20.38 15.17 62.01
N THR D 250 -20.71 16.30 61.39
CA THR D 250 -19.69 17.24 60.95
C THR D 250 -18.89 17.80 62.12
N LYS D 251 -19.56 18.06 63.24
CA LYS D 251 -18.87 18.57 64.42
C LYS D 251 -17.85 17.55 64.94
N SER D 252 -18.33 16.34 65.24
CA SER D 252 -17.44 15.29 65.70
C SER D 252 -16.47 14.84 64.61
N THR D 253 -16.67 15.30 63.37
CA THR D 253 -15.93 14.90 62.18
C THR D 253 -15.47 13.45 62.26
N SER D 254 -16.42 12.55 62.53
CA SER D 254 -16.12 11.15 62.80
C SER D 254 -17.27 10.29 62.29
N CYS D 255 -16.94 9.20 61.60
CA CYS D 255 -17.98 8.29 61.11
C CYS D 255 -18.55 7.47 62.26
N VAL D 256 -19.66 7.91 62.84
CA VAL D 256 -20.18 7.25 64.03
C VAL D 256 -20.72 5.87 63.70
N LEU D 257 -21.30 5.70 62.51
CA LEU D 257 -21.99 4.45 62.21
C LEU D 257 -22.09 4.29 60.70
N SER D 258 -22.20 3.04 60.27
CA SER D 258 -22.43 2.71 58.87
C SER D 258 -22.93 1.27 58.78
N SER D 259 -23.60 0.97 57.68
CA SER D 259 -24.25 -0.32 57.52
C SER D 259 -24.21 -0.74 56.06
N ALA D 260 -24.01 -2.04 55.83
CA ALA D 260 -23.96 -2.61 54.49
C ALA D 260 -25.37 -2.96 54.06
N VAL D 261 -26.06 -1.98 53.47
CA VAL D 261 -27.45 -2.16 53.10
C VAL D 261 -27.58 -2.88 51.77
N HIS D 262 -26.93 -2.36 50.74
CA HIS D 262 -27.10 -2.86 49.39
C HIS D 262 -25.88 -3.64 48.95
N SER D 263 -26.10 -4.56 48.00
CA SER D 263 -25.01 -5.29 47.38
C SER D 263 -24.31 -4.49 46.29
N GLN D 264 -24.87 -3.36 45.89
CA GLN D 264 -24.31 -2.56 44.80
C GLN D 264 -24.44 -1.09 45.15
N CYS D 265 -24.02 -0.24 44.19
CA CYS D 265 -23.91 1.19 44.41
C CYS D 265 -25.21 1.80 44.90
N VAL D 266 -25.09 2.78 45.79
CA VAL D 266 -26.22 3.51 46.35
C VAL D 266 -26.41 4.78 45.54
N THR D 267 -27.51 4.86 44.80
CA THR D 267 -27.75 5.96 43.88
C THR D 267 -28.60 7.08 44.47
N GLY D 268 -29.24 6.87 45.63
CA GLY D 268 -30.05 7.91 46.21
C GLY D 268 -30.37 7.70 47.69
N LEU D 269 -30.58 8.80 48.41
CA LEU D 269 -30.91 8.73 49.84
C LEU D 269 -31.90 9.84 50.15
N VAL D 270 -33.03 9.48 50.74
CA VAL D 270 -34.11 10.43 50.99
C VAL D 270 -34.66 10.19 52.39
N PHE D 271 -34.70 11.24 53.21
CA PHE D 271 -35.37 11.16 54.50
C PHE D 271 -36.87 11.42 54.34
N SER D 272 -37.63 10.94 55.32
CA SER D 272 -39.06 11.15 55.36
C SER D 272 -39.39 12.45 56.09
N PRO D 273 -40.55 13.06 55.82
CA PRO D 273 -40.97 14.22 56.63
C PRO D 273 -41.47 13.84 58.00
N HIS D 274 -41.49 12.54 58.32
CA HIS D 274 -41.98 12.05 59.60
C HIS D 274 -41.34 12.82 60.75
N SER D 275 -42.08 12.89 61.87
CA SER D 275 -41.59 13.55 63.07
C SER D 275 -40.23 12.99 63.48
N VAL D 276 -40.12 11.66 63.52
CA VAL D 276 -38.84 10.99 63.62
C VAL D 276 -38.57 10.35 62.25
N PRO D 277 -37.63 10.88 61.48
CA PRO D 277 -37.63 10.63 60.03
C PRO D 277 -36.95 9.31 59.68
N PHE D 278 -37.62 8.52 58.83
CA PHE D 278 -37.03 7.34 58.24
C PHE D 278 -36.11 7.73 57.09
N LEU D 279 -35.26 6.78 56.67
CA LEU D 279 -34.31 7.02 55.60
C LEU D 279 -34.52 6.01 54.48
N ALA D 280 -34.72 6.50 53.26
CA ALA D 280 -34.85 5.62 52.10
C ALA D 280 -33.53 5.52 51.37
N SER D 281 -33.18 4.31 50.95
CA SER D 281 -31.94 4.05 50.23
C SER D 281 -32.26 3.29 48.95
N LEU D 282 -31.71 3.79 47.85
CA LEU D 282 -31.95 3.26 46.51
C LEU D 282 -30.62 2.80 45.93
N SER D 283 -30.66 1.74 45.14
CA SER D 283 -29.43 1.15 44.65
C SER D 283 -29.61 0.61 43.23
N GLU D 284 -28.48 0.23 42.63
CA GLU D 284 -28.47 -0.40 41.33
C GLU D 284 -28.68 -1.91 41.41
N ASP D 285 -28.70 -2.48 42.62
CA ASP D 285 -29.13 -3.87 42.79
C ASP D 285 -30.64 -4.02 42.64
N CYS D 286 -31.34 -2.90 42.40
CA CYS D 286 -32.75 -2.83 42.03
C CYS D 286 -33.69 -2.90 43.24
N SER D 287 -33.17 -2.65 44.44
CA SER D 287 -33.98 -2.75 45.65
C SER D 287 -34.20 -1.38 46.27
N LEU D 288 -35.24 -1.28 47.10
CA LEU D 288 -35.43 -0.12 47.95
C LEU D 288 -35.38 -0.56 49.41
N ALA D 289 -34.70 0.22 50.26
CA ALA D 289 -34.59 -0.14 51.67
C ALA D 289 -34.90 1.06 52.55
N VAL D 290 -35.71 0.84 53.59
CA VAL D 290 -36.10 1.89 54.53
C VAL D 290 -35.49 1.56 55.89
N LEU D 291 -34.76 2.53 56.44
CA LEU D 291 -33.91 2.39 57.62
C LEU D 291 -34.32 3.36 58.72
N ASP D 292 -34.07 2.93 59.96
CA ASP D 292 -34.41 3.70 61.14
C ASP D 292 -33.34 4.78 61.39
N SER D 293 -33.35 5.34 62.59
CA SER D 293 -32.34 6.33 62.95
C SER D 293 -30.99 5.69 63.22
N SER D 294 -30.95 4.37 63.43
CA SER D 294 -29.69 3.67 63.70
C SER D 294 -29.29 2.77 62.54
N LEU D 295 -29.83 3.03 61.35
CA LEU D 295 -29.37 2.40 60.11
C LEU D 295 -29.61 0.88 60.10
N SER D 296 -30.71 0.45 60.72
CA SER D 296 -31.15 -0.93 60.63
C SER D 296 -32.27 -1.05 59.62
N GLU D 297 -32.33 -2.21 58.96
CA GLU D 297 -33.27 -2.39 57.86
C GLU D 297 -34.68 -2.60 58.40
N LEU D 298 -35.57 -1.66 58.11
CA LEU D 298 -36.99 -1.79 58.47
C LEU D 298 -37.78 -2.37 57.31
N PHE D 299 -37.78 -1.68 56.18
CA PHE D 299 -38.53 -2.12 55.01
C PHE D 299 -37.58 -2.40 53.85
N ARG D 300 -38.03 -3.22 52.91
CA ARG D 300 -37.20 -3.57 51.76
C ARG D 300 -38.10 -4.17 50.69
N SER D 301 -37.98 -3.63 49.47
CA SER D 301 -38.83 -4.03 48.36
C SER D 301 -37.98 -4.37 47.14
N GLN D 302 -38.26 -5.55 46.57
CA GLN D 302 -37.68 -6.04 45.33
C GLN D 302 -38.59 -5.82 44.13
N ALA D 303 -39.65 -5.03 44.29
CA ALA D 303 -40.67 -4.91 43.24
C ALA D 303 -40.04 -4.47 41.92
N HIS D 304 -39.07 -3.57 41.97
CA HIS D 304 -38.39 -3.15 40.76
C HIS D 304 -37.49 -4.26 40.24
N ARG D 305 -37.47 -4.42 38.90
CA ARG D 305 -36.60 -5.37 38.23
C ARG D 305 -35.47 -4.69 37.48
N ASP D 306 -35.33 -3.37 37.64
CA ASP D 306 -34.25 -2.60 37.03
C ASP D 306 -33.77 -1.58 38.07
N PHE D 307 -32.88 -0.68 37.65
CA PHE D 307 -32.31 0.29 38.58
C PHE D 307 -33.41 1.10 39.26
N VAL D 308 -33.15 1.48 40.50
CA VAL D 308 -34.04 2.37 41.24
C VAL D 308 -33.41 3.77 41.23
N ARG D 309 -34.18 4.76 40.79
CA ARG D 309 -33.65 6.09 40.54
C ARG D 309 -34.03 7.09 41.63
N ASP D 310 -35.33 7.34 41.83
CA ASP D 310 -35.77 8.35 42.76
C ASP D 310 -36.91 7.82 43.61
N ALA D 311 -37.09 8.47 44.76
CA ALA D 311 -38.08 8.03 45.75
C ALA D 311 -38.49 9.23 46.59
N THR D 312 -39.80 9.49 46.68
CA THR D 312 -40.30 10.57 47.52
C THR D 312 -41.47 10.08 48.36
N TRP D 313 -41.57 10.58 49.59
CA TRP D 313 -42.67 10.23 50.47
C TRP D 313 -43.89 11.09 50.17
N SER D 314 -45.07 10.53 50.41
CA SER D 314 -46.29 11.29 50.20
C SER D 314 -46.50 12.25 51.35
N PRO D 315 -46.57 13.56 51.09
CA PRO D 315 -46.86 14.51 52.18
C PRO D 315 -48.30 14.44 52.66
N LEU D 316 -49.14 13.64 52.00
CA LEU D 316 -50.53 13.45 52.42
C LEU D 316 -50.58 12.30 53.41
N ASN D 317 -50.35 11.08 52.93
CA ASN D 317 -50.15 9.92 53.79
C ASN D 317 -48.65 9.78 54.02
N HIS D 318 -48.20 10.11 55.23
CA HIS D 318 -46.77 10.10 55.50
C HIS D 318 -46.17 8.71 55.56
N SER D 319 -46.98 7.66 55.60
CA SER D 319 -46.48 6.30 55.61
C SER D 319 -46.36 5.72 54.20
N LEU D 320 -46.67 6.48 53.17
CA LEU D 320 -46.61 6.01 51.79
C LEU D 320 -45.36 6.58 51.11
N LEU D 321 -44.72 5.77 50.27
CA LEU D 321 -43.45 6.14 49.66
C LEU D 321 -43.43 5.69 48.21
N THR D 322 -43.19 6.62 47.28
CA THR D 322 -43.25 6.33 45.86
C THR D 322 -41.84 6.24 45.28
N THR D 323 -41.57 5.14 44.56
CA THR D 323 -40.28 4.89 43.92
C THR D 323 -40.44 4.72 42.41
N VAL D 324 -39.39 5.08 41.68
CA VAL D 324 -39.40 4.90 40.22
C VAL D 324 -38.07 4.30 39.77
N GLY D 325 -38.08 3.77 38.55
CA GLY D 325 -36.89 3.12 38.03
C GLY D 325 -36.89 3.05 36.52
N TRP D 326 -35.91 2.30 36.01
CA TRP D 326 -35.73 2.14 34.57
C TRP D 326 -36.53 0.99 33.98
N ASP D 327 -37.19 0.19 34.81
CA ASP D 327 -38.18 -0.76 34.32
C ASP D 327 -39.54 -0.12 34.06
N HIS D 328 -39.58 1.21 34.00
CA HIS D 328 -40.77 2.01 33.75
C HIS D 328 -41.89 1.74 34.75
N GLN D 329 -41.54 1.23 35.93
CA GLN D 329 -42.50 1.04 37.00
C GLN D 329 -42.52 2.25 37.92
N VAL D 330 -43.69 2.49 38.51
CA VAL D 330 -43.87 3.52 39.53
C VAL D 330 -44.58 2.84 40.69
N VAL D 331 -43.84 2.56 41.76
CA VAL D 331 -44.36 1.73 42.85
C VAL D 331 -44.71 2.62 44.03
N HIS D 332 -45.76 2.23 44.74
CA HIS D 332 -46.16 2.85 45.99
C HIS D 332 -45.99 1.84 47.11
N HIS D 333 -45.29 2.23 48.16
CA HIS D 333 -44.86 1.34 49.23
C HIS D 333 -45.48 1.81 50.54
N VAL D 334 -46.15 0.89 51.23
CA VAL D 334 -46.71 1.15 52.55
C VAL D 334 -45.67 0.74 53.59
N VAL D 335 -45.32 1.68 54.47
CA VAL D 335 -44.18 1.55 55.36
C VAL D 335 -44.69 1.44 56.79
N PRO D 336 -44.45 0.31 57.48
CA PRO D 336 -44.87 0.12 58.87
C PRO D 336 -44.04 0.93 59.86
#